data_6NFJ
#
_entry.id   6NFJ
#
_cell.length_a   130.090
_cell.length_b   143.900
_cell.length_c   141.050
_cell.angle_alpha   90.00
_cell.angle_beta   90.90
_cell.angle_gamma   90.00
#
_symmetry.space_group_name_H-M   'C 1 2 1'
#
loop_
_entity.id
_entity.type
_entity.pdbx_description
1 polymer Beta-klotho
2 polymer 'Nanobody 30'
3 polymer 'Fibroblast growth factor 19'
#
loop_
_entity_poly.entity_id
_entity_poly.type
_entity_poly.pdbx_seq_one_letter_code
_entity_poly.pdbx_strand_id
1 'polypeptide(L)'
;MSNGGLQRSVILSALILLRAVTGFSGDGRAIWSKNPNFTPVNESQLFLYDTFPKNFFWGIGTGALQVEGSWKKDGKGPSI
WDHFIHTHLKNVSSTNGSSDSYIFLEKDLSALDFIGVSFYQFSISWPRLFPDGIVTVANAKGLQYYSTLLDALVLRNIEP
IVTLYHWDLPLALQEKYGGWKNDTIIDIFNDYATYCFQMFGDRVKYWITIHNPYLVAWHGYGTGMHAPGEKGNLAAVYTV
GHNLIKAHSKVWHNYNTHFRPHQKGWLSITLGSHWIEPQRSENTMDIFKCQQSMVSVLGWFANPIHGDGDYPEGMRKKLF
SVLPIFSEAEKHEMRGTADFFAFSFGPNNFKPLNTMAKMGQNVSLNLREALNWIKLEYNNPRILIAENGWFTDSRVKTED
TTAIYMMKNFLSQVLQAIRLDEIRVFGYTAWSLLDGFEWQDAYTIRRGLFYVDFNSKQKERKPKSSAHYYKQIIRENGFS
LKESTPDVQGQFPCDFSWGVTESVLKPESVASSPQFSDPHLYVWNATGNRLLHRVEGVRLKTRPAQCTDFVNIKKQLEML
ARMKVTHYRFALDWASVLPTGQLSAVNRQALRYYRCVVSEGLKLGISAMVTLYYPTHAHLGLPEPLLHADGWLNPSTAEA
FQAYAGLCFQELGDLVKLWITINEPNRLSDIYNRSGNDTYGAAHNLLVAHALAWRLYDRQFRPSQRGAVSLSLHADWAEP
ANPYADSHWRAAERFLQFEIAWFAEPLFKTGDYPAAMREYIASKHRRGLSSSALPRLTEAERRLLKGTVDFCALNHFTTR
FVMHEQLAGSRYDSDRDIQFLQDITRLSSPTRLAVIPWGVRKLLRWVRRNYGDMDIYITASGIDDQALEDDRLRKYYLGK
YLQEVLKAYLIDKVRIKGYYAFKLAEEKSKPRFGFFTSDFKAKSSIQFYNKVISSRGFPFENSSSRCSQTQENTENLYFQ
;
A,D
2 'polypeptide(L)'
;QVQLVESGGGLVQAGGSLRLSCAASGRAIRSYFMAWFRQAPGKEREFVAAVEYIFNTYYADSVKGRFTISRDNAKNTVFL
QMNSLKPEDTAVYYCAAGVGASVSVSESWYNYWGQGTQVTVSSHHHHHHEPEA
;
B,E
3 'polypeptide(L)' PMLPMVPEEPEDLRGHLESDMFSSPLETDSMDPFGLVTGLEAVRSPSFEK C,F
#
# COMPACT_ATOMS: atom_id res chain seq x y z
N PHE A 24 17.82 33.10 -7.98
CA PHE A 24 16.59 33.89 -7.82
C PHE A 24 15.40 32.99 -7.52
N SER A 25 14.34 33.58 -6.98
CA SER A 25 13.16 32.82 -6.63
C SER A 25 12.49 32.24 -7.87
N GLY A 26 11.88 31.07 -7.70
CA GLY A 26 11.19 30.39 -8.79
C GLY A 26 12.09 29.59 -9.70
N ASP A 27 13.41 29.76 -9.62
CA ASP A 27 14.31 29.04 -10.50
C ASP A 27 14.65 27.65 -9.98
N GLY A 28 14.50 27.41 -8.68
CA GLY A 28 14.83 26.11 -8.11
C GLY A 28 13.87 25.00 -8.50
N ARG A 29 12.72 25.34 -9.08
CA ARG A 29 11.74 24.32 -9.46
C ARG A 29 12.24 23.39 -10.56
N ALA A 30 13.35 23.72 -11.22
CA ALA A 30 13.90 22.88 -12.27
C ALA A 30 14.64 21.66 -11.74
N ILE A 31 14.75 21.51 -10.42
CA ILE A 31 15.47 20.37 -9.86
C ILE A 31 14.70 19.08 -10.11
N TRP A 32 13.39 19.15 -10.26
CA TRP A 32 12.58 17.97 -10.49
C TRP A 32 12.50 17.56 -11.95
N SER A 33 13.00 18.40 -12.86
CA SER A 33 13.01 18.11 -14.29
C SER A 33 11.62 17.78 -14.83
N ASP A 50 36.59 9.71 -4.56
CA ASP A 50 35.49 10.09 -3.69
C ASP A 50 36.02 10.63 -2.36
N THR A 51 36.45 11.88 -2.36
CA THR A 51 37.00 12.52 -1.16
C THR A 51 36.55 13.97 -1.11
N PHE A 52 36.15 14.41 0.09
CA PHE A 52 35.74 15.80 0.29
C PHE A 52 36.91 16.73 0.01
N PRO A 53 36.63 17.99 -0.34
CA PRO A 53 37.71 18.93 -0.63
C PRO A 53 38.62 19.13 0.58
N LYS A 54 39.87 19.49 0.29
CA LYS A 54 40.81 19.81 1.36
C LYS A 54 40.33 21.05 2.11
N ASN A 55 40.78 21.15 3.37
CA ASN A 55 40.38 22.24 4.27
C ASN A 55 38.87 22.26 4.51
N PHE A 56 38.22 21.10 4.40
CA PHE A 56 36.81 21.00 4.71
C PHE A 56 36.60 21.01 6.23
N PHE A 57 35.51 21.62 6.66
CA PHE A 57 35.26 21.84 8.08
C PHE A 57 34.40 20.70 8.62
N TRP A 58 35.05 19.71 9.24
CA TRP A 58 34.36 18.63 9.94
C TRP A 58 34.10 19.05 11.37
N GLY A 59 32.83 19.00 11.79
CA GLY A 59 32.49 19.42 13.13
C GLY A 59 31.30 18.68 13.72
N ILE A 60 30.84 19.14 14.88
CA ILE A 60 29.73 18.51 15.59
C ILE A 60 29.15 19.54 16.54
N GLY A 61 27.82 19.53 16.67
CA GLY A 61 27.13 20.58 17.37
C GLY A 61 26.12 20.06 18.37
N THR A 62 25.78 20.94 19.32
CA THR A 62 24.74 20.69 20.31
C THR A 62 23.91 21.96 20.49
N GLY A 63 22.93 21.87 21.37
CA GLY A 63 22.17 23.01 21.84
C GLY A 63 22.60 23.43 23.23
N ALA A 64 21.71 24.08 23.95
CA ALA A 64 21.94 24.46 25.34
C ALA A 64 20.92 23.88 26.29
N LEU A 65 19.66 23.83 25.88
CA LEU A 65 18.61 23.27 26.74
C LEU A 65 18.67 21.75 26.81
N GLN A 66 19.23 21.12 25.78
CA GLN A 66 19.26 19.66 25.72
C GLN A 66 20.43 19.08 26.49
N VAL A 67 21.54 19.82 26.55
CA VAL A 67 22.83 19.26 26.95
C VAL A 67 23.32 19.84 28.27
N GLU A 68 23.14 21.13 28.49
CA GLU A 68 23.76 21.80 29.64
C GLU A 68 23.18 21.28 30.95
N GLY A 69 21.85 21.30 31.08
CA GLY A 69 21.26 20.97 32.36
C GLY A 69 21.46 22.09 33.37
N SER A 70 21.13 21.79 34.62
CA SER A 70 21.21 22.74 35.72
C SER A 70 20.45 24.03 35.38
N TRP A 71 19.13 23.87 35.23
CA TRP A 71 18.28 24.96 34.76
C TRP A 71 18.14 26.09 35.78
N LYS A 72 18.57 25.89 37.02
CA LYS A 72 18.44 26.92 38.04
C LYS A 72 19.69 27.10 38.88
N LYS A 73 20.74 26.30 38.67
CA LYS A 73 21.95 26.42 39.47
C LYS A 73 22.72 27.69 39.09
N ASP A 74 23.47 28.21 40.05
CA ASP A 74 24.31 29.40 39.87
C ASP A 74 23.48 30.61 39.45
N GLY A 75 22.29 30.73 40.02
CA GLY A 75 21.44 31.88 39.80
C GLY A 75 20.97 32.05 38.37
N LYS A 76 20.48 30.97 37.76
CA LYS A 76 20.00 31.00 36.39
C LYS A 76 18.53 31.36 36.35
N GLY A 77 18.14 32.10 35.32
CA GLY A 77 16.76 32.47 35.11
C GLY A 77 15.99 31.38 34.40
N PRO A 78 14.67 31.34 34.62
CA PRO A 78 13.85 30.32 33.97
C PRO A 78 13.64 30.63 32.50
N SER A 79 13.75 29.59 31.68
CA SER A 79 13.50 29.70 30.25
C SER A 79 12.02 29.42 29.95
N ILE A 80 11.63 29.66 28.70
CA ILE A 80 10.25 29.40 28.32
C ILE A 80 9.97 27.89 28.31
N TRP A 81 10.99 27.07 28.02
CA TRP A 81 10.81 25.63 28.07
C TRP A 81 10.82 25.12 29.51
N ASP A 82 11.63 25.72 30.37
CA ASP A 82 11.67 25.29 31.77
C ASP A 82 10.29 25.38 32.41
N HIS A 83 9.55 26.44 32.11
CA HIS A 83 8.15 26.52 32.52
C HIS A 83 7.24 25.67 31.63
N PHE A 84 7.66 25.40 30.38
CA PHE A 84 6.88 24.56 29.49
C PHE A 84 7.04 23.07 29.83
N ILE A 85 8.20 22.68 30.36
CA ILE A 85 8.40 21.30 30.76
C ILE A 85 7.74 21.02 32.11
N HIS A 86 7.93 21.93 33.07
CA HIS A 86 7.42 21.75 34.42
C HIS A 86 5.93 21.99 34.55
N THR A 87 5.23 22.32 33.46
CA THR A 87 3.79 22.52 33.50
C THR A 87 3.02 21.72 32.46
N HIS A 88 3.69 21.05 31.53
CA HIS A 88 3.02 20.25 30.52
C HIS A 88 3.53 18.82 30.50
N GLY A 97 17.63 14.92 36.15
CA GLY A 97 18.29 16.02 35.47
C GLY A 97 18.43 15.81 33.98
N SER A 98 19.65 15.99 33.48
CA SER A 98 19.97 15.80 32.07
C SER A 98 21.42 15.42 31.85
N SER A 99 22.02 15.91 30.75
CA SER A 99 23.39 15.54 30.45
C SER A 99 24.39 16.18 31.40
N ASP A 100 24.02 17.26 32.08
CA ASP A 100 24.90 17.95 33.03
C ASP A 100 26.21 18.39 32.38
N SER A 101 26.10 19.01 31.21
CA SER A 101 27.27 19.57 30.55
C SER A 101 27.71 20.91 31.13
N TYR A 102 26.84 21.55 31.92
CA TYR A 102 27.23 22.80 32.58
C TYR A 102 28.30 22.57 33.64
N ILE A 103 28.39 21.35 34.19
CA ILE A 103 29.40 21.03 35.18
C ILE A 103 30.43 20.03 34.65
N PHE A 104 30.07 19.19 33.69
CA PHE A 104 30.98 18.18 33.17
C PHE A 104 31.51 18.59 31.79
N LEU A 105 32.21 19.73 31.77
CA LEU A 105 32.73 20.23 30.51
C LEU A 105 34.00 19.50 30.09
N GLU A 106 34.87 19.15 31.05
CA GLU A 106 36.09 18.44 30.72
C GLU A 106 35.79 17.06 30.14
N LYS A 107 34.66 16.46 30.53
CA LYS A 107 34.26 15.20 29.92
C LYS A 107 33.78 15.41 28.48
N ASP A 108 33.21 16.57 28.19
CA ASP A 108 32.83 16.89 26.81
C ASP A 108 34.04 17.26 25.97
N LEU A 109 35.06 17.88 26.57
CA LEU A 109 36.29 18.18 25.84
C LEU A 109 37.00 16.89 25.41
N SER A 110 36.96 15.86 26.26
CA SER A 110 37.55 14.58 25.90
C SER A 110 36.78 13.92 24.76
N ALA A 111 35.46 14.13 24.71
CA ALA A 111 34.66 13.55 23.64
C ALA A 111 34.99 14.19 22.29
N LEU A 112 35.26 15.50 22.29
CA LEU A 112 35.62 16.17 21.04
C LEU A 112 36.96 15.71 20.52
N ASP A 113 37.92 15.47 21.42
CA ASP A 113 39.23 15.00 21.00
C ASP A 113 39.16 13.58 20.44
N PHE A 114 38.15 12.80 20.86
CA PHE A 114 38.00 11.45 20.31
C PHE A 114 37.59 11.49 18.85
N ILE A 115 36.55 12.27 18.53
CA ILE A 115 36.13 12.41 17.14
C ILE A 115 37.15 13.25 16.37
N GLY A 116 37.74 14.24 17.02
CA GLY A 116 38.70 15.11 16.36
C GLY A 116 38.05 16.05 15.36
N VAL A 117 37.14 16.88 15.83
CA VAL A 117 36.41 17.80 14.98
C VAL A 117 37.14 19.13 14.89
N SER A 118 36.96 19.82 13.77
CA SER A 118 37.58 21.13 13.60
C SER A 118 36.78 22.24 14.28
N PHE A 119 35.46 22.09 14.38
CA PHE A 119 34.64 23.07 15.07
C PHE A 119 33.60 22.36 15.93
N TYR A 120 33.06 23.09 16.90
CA TYR A 120 32.05 22.57 17.81
C TYR A 120 30.99 23.64 18.00
N GLN A 121 29.77 23.37 17.54
CA GLN A 121 28.69 24.33 17.58
C GLN A 121 27.92 24.20 18.90
N PHE A 122 27.85 25.28 19.66
CA PHE A 122 27.08 25.32 20.89
C PHE A 122 26.38 26.66 21.00
N SER A 123 25.25 26.67 21.69
CA SER A 123 24.47 27.88 21.91
C SER A 123 24.67 28.36 23.35
N ILE A 124 24.42 29.66 23.55
CA ILE A 124 24.55 30.29 24.85
C ILE A 124 23.15 30.47 25.43
N SER A 125 22.93 29.88 26.60
CA SER A 125 21.65 30.01 27.28
C SER A 125 21.44 31.46 27.70
N TRP A 126 20.52 32.15 27.03
CA TRP A 126 20.21 33.54 27.33
C TRP A 126 19.90 33.78 28.80
N PRO A 127 19.03 33.00 29.47
CA PRO A 127 18.77 33.27 30.89
C PRO A 127 19.94 32.91 31.81
N ARG A 128 20.95 32.19 31.32
CA ARG A 128 22.10 31.87 32.17
C ARG A 128 23.03 33.06 32.35
N LEU A 129 23.10 33.95 31.37
CA LEU A 129 23.85 35.19 31.50
C LEU A 129 22.99 36.28 32.12
N PHE A 130 21.90 36.65 31.45
CA PHE A 130 20.95 37.64 31.97
C PHE A 130 19.63 36.95 32.26
N PRO A 131 19.21 36.84 33.52
CA PRO A 131 17.95 36.14 33.82
C PRO A 131 16.72 36.81 33.24
N ASP A 132 16.74 38.12 33.07
CA ASP A 132 15.59 38.86 32.54
C ASP A 132 15.70 39.19 31.06
N GLY A 133 16.85 38.94 30.45
CA GLY A 133 17.09 39.29 29.07
C GLY A 133 17.64 40.69 28.87
N ILE A 134 17.34 41.60 29.78
CA ILE A 134 17.89 42.95 29.70
C ILE A 134 19.38 42.90 30.03
N VAL A 135 20.19 43.53 29.19
CA VAL A 135 21.63 43.52 29.37
C VAL A 135 22.02 44.45 30.51
N THR A 136 22.27 43.87 31.68
CA THR A 136 22.73 44.65 32.82
C THR A 136 24.13 44.21 33.23
N VAL A 137 24.23 43.07 33.91
CA VAL A 137 25.50 42.44 34.23
C VAL A 137 25.30 40.93 34.23
N ALA A 138 26.16 40.22 33.51
CA ALA A 138 26.01 38.78 33.38
C ALA A 138 26.23 38.08 34.72
N ASN A 139 25.68 36.87 34.83
CA ASN A 139 25.88 36.08 36.04
C ASN A 139 27.35 35.76 36.24
N ALA A 140 27.76 35.70 37.50
CA ALA A 140 29.16 35.46 37.82
C ALA A 140 29.61 34.09 37.35
N LYS A 141 28.90 33.04 37.77
CA LYS A 141 29.29 31.68 37.39
C LYS A 141 28.93 31.36 35.95
N GLY A 142 27.81 31.92 35.44
CA GLY A 142 27.41 31.63 34.07
C GLY A 142 28.40 32.12 33.05
N LEU A 143 28.96 33.31 33.26
CA LEU A 143 29.95 33.84 32.33
C LEU A 143 31.22 32.99 32.33
N GLN A 144 31.58 32.42 33.48
CA GLN A 144 32.79 31.61 33.56
C GLN A 144 32.65 30.32 32.77
N TYR A 145 31.43 29.78 32.64
CA TYR A 145 31.24 28.54 31.91
C TYR A 145 31.56 28.71 30.43
N TYR A 146 30.95 29.72 29.80
CA TYR A 146 31.24 29.99 28.39
C TYR A 146 32.63 30.57 28.18
N SER A 147 33.22 31.22 29.20
CA SER A 147 34.60 31.68 29.08
C SER A 147 35.56 30.51 29.07
N THR A 148 35.47 29.62 30.06
CA THR A 148 36.34 28.45 30.10
C THR A 148 36.06 27.49 28.95
N LEU A 149 34.85 27.53 28.38
CA LEU A 149 34.55 26.68 27.22
C LEU A 149 35.24 27.22 25.96
N LEU A 150 35.08 28.51 25.69
CA LEU A 150 35.71 29.09 24.51
C LEU A 150 37.23 29.11 24.64
N ASP A 151 37.75 29.16 25.86
CA ASP A 151 39.19 29.17 26.05
C ASP A 151 39.82 27.82 25.69
N ALA A 152 39.23 26.74 26.19
CA ALA A 152 39.80 25.41 25.93
C ALA A 152 39.65 25.00 24.47
N LEU A 153 38.57 25.42 23.81
CA LEU A 153 38.38 25.05 22.41
C LEU A 153 39.45 25.69 21.52
N VAL A 154 39.81 26.94 21.80
CA VAL A 154 40.88 27.57 21.03
C VAL A 154 42.22 26.94 21.39
N LEU A 155 42.42 26.55 22.64
CA LEU A 155 43.63 25.85 23.02
C LEU A 155 43.76 24.51 22.29
N ARG A 156 42.63 23.87 21.98
CA ARG A 156 42.62 22.60 21.28
C ARG A 156 42.47 22.76 19.77
N ASN A 157 42.68 23.96 19.25
CA ASN A 157 42.54 24.25 17.82
C ASN A 157 41.16 23.85 17.31
N ILE A 158 40.13 24.13 18.12
CA ILE A 158 38.76 23.87 17.75
C ILE A 158 38.08 25.24 17.63
N GLU A 159 37.96 25.73 16.41
CA GLU A 159 37.33 27.03 16.18
C GLU A 159 35.86 26.95 16.56
N PRO A 160 35.37 27.80 17.45
CA PRO A 160 33.98 27.69 17.91
C PRO A 160 32.98 28.38 16.99
N ILE A 161 31.80 27.78 16.93
CA ILE A 161 30.65 28.35 16.23
C ILE A 161 29.53 28.48 17.25
N VAL A 162 29.08 29.71 17.50
CA VAL A 162 28.14 30.00 18.57
C VAL A 162 26.85 30.53 17.95
N THR A 163 25.72 30.04 18.45
CA THR A 163 24.41 30.56 18.10
C THR A 163 23.82 31.22 19.34
N LEU A 164 23.32 32.45 19.18
CA LEU A 164 22.89 33.24 20.33
C LEU A 164 21.52 32.81 20.86
N TYR A 165 20.68 32.23 20.01
CA TYR A 165 19.34 31.82 20.42
C TYR A 165 19.07 30.41 19.93
N HIS A 166 18.79 29.51 20.88
CA HIS A 166 18.40 28.13 20.56
C HIS A 166 17.16 27.78 21.37
N TRP A 167 16.12 28.60 21.21
CA TRP A 167 14.75 28.39 21.71
C TRP A 167 14.64 28.56 23.21
N ASP A 168 15.72 28.89 23.92
CA ASP A 168 15.68 29.07 25.37
C ASP A 168 15.65 30.57 25.67
N LEU A 169 14.47 31.16 25.51
CA LEU A 169 14.24 32.58 25.74
C LEU A 169 13.85 32.81 27.20
N PRO A 170 14.33 33.89 27.82
CA PRO A 170 13.99 34.15 29.21
C PRO A 170 12.48 34.33 29.40
N LEU A 171 11.98 33.82 30.52
CA LEU A 171 10.54 33.85 30.78
C LEU A 171 10.04 35.27 31.04
N ALA A 172 10.91 36.19 31.42
CA ALA A 172 10.47 37.57 31.66
C ALA A 172 10.04 38.25 30.37
N LEU A 173 10.75 38.00 29.27
CA LEU A 173 10.39 38.60 28.00
C LEU A 173 9.11 37.99 27.43
N GLN A 174 8.75 36.77 27.83
CA GLN A 174 7.50 36.18 27.36
C GLN A 174 6.32 36.60 28.24
N GLU A 175 6.57 36.83 29.54
CA GLU A 175 5.51 37.21 30.44
C GLU A 175 5.21 38.70 30.35
N LYS A 176 6.23 39.53 30.50
CA LYS A 176 6.05 40.98 30.48
C LYS A 176 5.76 41.49 29.08
N TYR A 177 6.76 41.42 28.19
CA TYR A 177 6.60 41.96 26.84
C TYR A 177 5.73 41.05 25.98
N GLY A 178 6.01 39.75 26.00
CA GLY A 178 5.19 38.81 25.25
C GLY A 178 5.98 37.99 24.24
N GLY A 179 7.30 37.91 24.43
CA GLY A 179 8.10 37.13 23.50
C GLY A 179 8.27 37.84 22.17
N TRP A 180 8.16 37.08 21.09
CA TRP A 180 8.32 37.61 19.74
C TRP A 180 7.03 38.18 19.18
N LYS A 181 5.95 38.25 19.98
CA LYS A 181 4.73 38.89 19.52
C LYS A 181 4.87 40.41 19.52
N ASN A 182 5.40 40.96 20.61
CA ASN A 182 5.72 42.39 20.67
C ASN A 182 7.09 42.63 20.04
N ASP A 183 7.18 43.68 19.23
CA ASP A 183 8.39 43.95 18.47
C ASP A 183 9.44 44.74 19.25
N THR A 184 9.21 44.98 20.55
CA THR A 184 10.22 45.64 21.36
C THR A 184 11.39 44.71 21.69
N ILE A 185 11.21 43.40 21.51
CA ILE A 185 12.29 42.45 21.76
C ILE A 185 13.33 42.45 20.66
N ILE A 186 13.04 43.06 19.51
CA ILE A 186 14.02 43.11 18.42
C ILE A 186 15.28 43.83 18.89
N ASP A 187 15.12 44.97 19.57
CA ASP A 187 16.27 45.67 20.11
C ASP A 187 16.77 45.10 21.43
N ILE A 188 16.01 44.19 22.05
CA ILE A 188 16.51 43.48 23.22
C ILE A 188 17.45 42.36 22.79
N PHE A 189 17.07 41.62 21.74
CA PHE A 189 17.97 40.59 21.20
C PHE A 189 19.22 41.22 20.61
N ASN A 190 19.10 42.41 20.03
CA ASN A 190 20.28 43.12 19.54
C ASN A 190 21.16 43.56 20.70
N ASP A 191 20.56 43.93 21.83
CA ASP A 191 21.34 44.27 23.01
C ASP A 191 22.07 43.03 23.54
N TYR A 192 21.36 41.90 23.62
CA TYR A 192 21.99 40.67 24.06
C TYR A 192 23.09 40.22 23.10
N ALA A 193 22.89 40.45 21.80
CA ALA A 193 23.92 40.11 20.82
C ALA A 193 25.16 40.97 21.01
N THR A 194 24.96 42.25 21.37
CA THR A 194 26.09 43.15 21.55
C THR A 194 27.01 42.67 22.67
N TYR A 195 26.43 42.13 23.76
CA TYR A 195 27.24 41.66 24.86
C TYR A 195 28.14 40.51 24.43
N CYS A 196 27.58 39.54 23.70
CA CYS A 196 28.37 38.41 23.23
C CYS A 196 29.34 38.79 22.13
N PHE A 197 29.05 39.88 21.39
CA PHE A 197 30.01 40.36 20.41
C PHE A 197 31.24 40.96 21.07
N GLN A 198 31.09 41.51 22.27
CA GLN A 198 32.21 42.14 22.96
C GLN A 198 33.09 41.11 23.66
N MET A 199 32.57 40.47 24.70
CA MET A 199 33.38 39.60 25.54
C MET A 199 33.69 38.25 24.90
N PHE A 200 32.92 37.83 23.89
CA PHE A 200 33.14 36.56 23.22
C PHE A 200 33.61 36.69 21.79
N GLY A 201 33.46 37.86 21.18
CA GLY A 201 33.80 38.04 19.77
C GLY A 201 35.27 37.83 19.45
N ASP A 202 36.17 38.05 20.42
CA ASP A 202 37.59 37.90 20.16
C ASP A 202 37.94 36.44 19.87
N ARG A 203 37.27 35.51 20.57
CA ARG A 203 37.54 34.09 20.42
C ARG A 203 36.57 33.39 19.46
N VAL A 204 35.45 34.02 19.12
CA VAL A 204 34.43 33.45 18.24
C VAL A 204 34.45 34.20 16.93
N LYS A 205 34.67 33.49 15.83
CA LYS A 205 34.68 34.07 14.50
C LYS A 205 33.55 33.52 13.63
N TYR A 206 32.64 32.74 14.20
CA TYR A 206 31.48 32.22 13.48
C TYR A 206 30.26 32.39 14.38
N TRP A 207 29.36 33.28 14.01
CA TRP A 207 28.17 33.59 14.80
C TRP A 207 26.92 33.19 14.04
N ILE A 208 25.94 32.65 14.77
CA ILE A 208 24.62 32.37 14.24
C ILE A 208 23.60 33.06 15.14
N THR A 209 22.58 33.66 14.53
CA THR A 209 21.57 34.35 15.30
C THR A 209 20.51 33.38 15.82
N ILE A 210 19.58 32.98 14.96
CA ILE A 210 18.50 32.07 15.33
C ILE A 210 18.81 30.70 14.74
N HIS A 211 18.50 29.65 15.50
CA HIS A 211 18.65 28.28 15.03
C HIS A 211 17.27 27.76 14.64
N ASN A 212 17.02 27.69 13.33
CA ASN A 212 15.76 27.22 12.77
C ASN A 212 14.59 28.04 13.30
N PRO A 213 14.41 29.27 12.82
CA PRO A 213 13.28 30.09 13.31
C PRO A 213 11.92 29.61 12.84
N TYR A 214 11.86 28.73 11.83
CA TYR A 214 10.59 28.20 11.38
C TYR A 214 9.88 27.44 12.48
N LEU A 215 10.62 26.64 13.25
CA LEU A 215 10.01 25.87 14.33
C LEU A 215 9.64 26.75 15.52
N VAL A 216 10.36 27.87 15.70
CA VAL A 216 10.06 28.76 16.82
C VAL A 216 8.67 29.38 16.65
N ALA A 217 8.28 29.65 15.40
CA ALA A 217 7.00 30.28 15.13
C ALA A 217 5.90 29.26 14.83
N TRP A 218 6.19 28.29 13.95
CA TRP A 218 5.14 27.36 13.51
C TRP A 218 4.77 26.39 14.63
N HIS A 219 5.76 25.93 15.41
CA HIS A 219 5.50 24.97 16.47
C HIS A 219 5.33 25.63 17.83
N GLY A 220 5.68 26.90 17.98
CA GLY A 220 5.50 27.59 19.24
C GLY A 220 4.19 28.35 19.31
N TYR A 221 3.65 28.72 18.15
CA TYR A 221 2.41 29.49 18.10
C TYR A 221 1.41 28.95 17.08
N GLY A 222 1.70 27.85 16.40
CA GLY A 222 0.77 27.27 15.46
C GLY A 222 0.26 25.91 15.90
N THR A 223 1.17 24.97 16.11
CA THR A 223 0.80 23.61 16.51
C THR A 223 0.79 23.42 18.02
N GLY A 224 1.31 24.38 18.79
CA GLY A 224 1.38 24.23 20.23
C GLY A 224 2.28 23.09 20.67
N MET A 225 3.31 22.78 19.87
CA MET A 225 4.21 21.68 20.20
C MET A 225 5.43 22.18 20.98
N HIS A 226 6.04 23.27 20.53
CA HIS A 226 7.19 23.86 21.19
C HIS A 226 6.74 24.99 22.11
N ALA A 227 7.69 25.46 22.93
CA ALA A 227 7.40 26.57 23.82
C ALA A 227 7.12 27.83 23.01
N PRO A 228 6.23 28.71 23.49
CA PRO A 228 5.49 28.62 24.76
C PRO A 228 4.31 27.66 24.71
N GLY A 229 3.91 27.25 23.51
CA GLY A 229 2.83 26.28 23.37
C GLY A 229 1.46 26.91 23.22
N GLU A 230 1.15 27.44 22.04
CA GLU A 230 -0.17 27.98 21.73
C GLU A 230 -0.60 27.41 20.40
N LYS A 231 -1.66 26.60 20.40
CA LYS A 231 -2.13 25.93 19.20
C LYS A 231 -3.14 26.82 18.47
N GLY A 232 -2.97 26.94 17.16
CA GLY A 232 -3.92 27.66 16.33
C GLY A 232 -3.96 29.15 16.59
N ASN A 233 -2.88 29.85 16.25
CA ASN A 233 -2.82 31.31 16.34
C ASN A 233 -2.18 31.81 15.04
N LEU A 234 -3.00 31.93 14.01
CA LEU A 234 -2.52 32.38 12.70
C LEU A 234 -1.84 33.74 12.80
N ALA A 235 -2.33 34.62 13.68
CA ALA A 235 -1.76 35.96 13.79
C ALA A 235 -0.36 35.92 14.38
N ALA A 236 -0.20 35.24 15.52
CA ALA A 236 1.09 35.26 16.21
C ALA A 236 2.16 34.50 15.44
N VAL A 237 1.77 33.54 14.60
CA VAL A 237 2.76 32.74 13.86
C VAL A 237 3.56 33.63 12.93
N TYR A 238 2.89 34.32 12.01
CA TYR A 238 3.58 35.14 11.03
C TYR A 238 4.08 36.45 11.62
N THR A 239 3.59 36.86 12.79
CA THR A 239 4.17 38.00 13.48
C THR A 239 5.48 37.62 14.17
N VAL A 240 5.52 36.44 14.79
CA VAL A 240 6.77 35.95 15.36
C VAL A 240 7.80 35.72 14.27
N GLY A 241 7.38 35.12 13.15
CA GLY A 241 8.28 34.97 12.02
C GLY A 241 8.74 36.30 11.46
N HIS A 242 7.94 37.35 11.64
CA HIS A 242 8.34 38.68 11.19
C HIS A 242 9.45 39.24 12.06
N ASN A 243 9.25 39.22 13.38
CA ASN A 243 10.26 39.74 14.29
C ASN A 243 11.54 38.92 14.26
N LEU A 244 11.43 37.60 14.04
CA LEU A 244 12.62 36.76 13.96
C LEU A 244 13.47 37.10 12.76
N ILE A 245 12.85 37.53 11.66
CA ILE A 245 13.63 38.00 10.50
C ILE A 245 14.19 39.38 10.79
N LYS A 246 13.43 40.24 11.45
CA LYS A 246 13.90 41.58 11.76
C LYS A 246 14.97 41.57 12.85
N ALA A 247 14.89 40.63 13.79
CA ALA A 247 15.89 40.55 14.84
C ALA A 247 17.24 40.10 14.30
N HIS A 248 17.23 39.25 13.27
CA HIS A 248 18.49 38.81 12.67
C HIS A 248 19.16 39.94 11.90
N SER A 249 18.37 40.71 11.14
CA SER A 249 18.96 41.78 10.33
C SER A 249 19.58 42.86 11.19
N LYS A 250 18.97 43.18 12.32
CA LYS A 250 19.57 44.14 13.24
C LYS A 250 20.89 43.63 13.80
N VAL A 251 20.95 42.33 14.11
CA VAL A 251 22.18 41.77 14.66
C VAL A 251 23.25 41.66 13.59
N TRP A 252 22.87 41.40 12.34
CA TRP A 252 23.87 41.31 11.27
C TRP A 252 24.48 42.68 11.00
N HIS A 253 23.64 43.70 10.81
CA HIS A 253 24.16 45.05 10.59
C HIS A 253 24.91 45.57 11.81
N ASN A 254 24.55 45.09 13.00
CA ASN A 254 25.33 45.38 14.18
C ASN A 254 26.74 44.82 14.05
N TYR A 255 26.85 43.50 13.84
CA TYR A 255 28.16 42.87 13.75
C TYR A 255 28.94 43.38 12.54
N ASN A 256 28.27 43.56 11.40
CA ASN A 256 28.98 43.93 10.19
C ASN A 256 29.59 45.32 10.27
N THR A 257 29.02 46.20 11.10
CA THR A 257 29.48 47.58 11.17
C THR A 257 30.14 47.95 12.48
N HIS A 258 30.00 47.13 13.53
CA HIS A 258 30.54 47.47 14.84
C HIS A 258 31.55 46.48 15.38
N PHE A 259 31.57 45.25 14.90
CA PHE A 259 32.51 44.24 15.39
C PHE A 259 33.24 43.49 14.29
N ARG A 260 32.68 43.40 13.09
CA ARG A 260 33.39 42.72 11.99
C ARG A 260 34.71 43.37 11.60
N PRO A 261 34.90 44.70 11.66
CA PRO A 261 36.22 45.24 11.28
C PRO A 261 37.38 44.71 12.12
N HIS A 262 37.26 44.70 13.45
CA HIS A 262 38.37 44.34 14.31
C HIS A 262 38.35 42.89 14.77
N GLN A 263 37.29 42.13 14.46
CA GLN A 263 37.23 40.71 14.76
C GLN A 263 37.37 39.83 13.53
N LYS A 264 36.92 40.31 12.37
CA LYS A 264 37.10 39.62 11.09
C LYS A 264 36.50 38.22 11.12
N GLY A 265 35.20 38.17 11.42
CA GLY A 265 34.49 36.91 11.47
C GLY A 265 33.28 36.88 10.57
N TRP A 266 32.45 35.84 10.70
CA TRP A 266 31.26 35.67 9.89
C TRP A 266 30.03 35.59 10.78
N LEU A 267 28.87 35.83 10.16
CA LEU A 267 27.59 35.76 10.87
C LEU A 267 26.51 35.40 9.86
N SER A 268 25.62 34.49 10.27
CA SER A 268 24.54 34.03 9.40
C SER A 268 23.40 33.52 10.28
N ILE A 269 22.54 32.69 9.71
CA ILE A 269 21.38 32.15 10.41
C ILE A 269 21.14 30.73 9.93
N THR A 270 20.83 29.83 10.87
CA THR A 270 20.58 28.43 10.57
C THR A 270 19.11 28.26 10.19
N LEU A 271 18.85 28.04 8.90
CA LEU A 271 17.50 27.85 8.40
C LEU A 271 17.27 26.36 8.12
N GLY A 272 16.19 25.83 8.67
CA GLY A 272 15.83 24.45 8.46
C GLY A 272 14.81 24.28 7.35
N SER A 273 14.76 23.08 6.79
CA SER A 273 13.82 22.74 5.74
C SER A 273 13.66 21.23 5.70
N HIS A 274 12.88 20.76 4.74
CA HIS A 274 12.67 19.34 4.53
C HIS A 274 12.93 19.06 3.05
N TRP A 275 12.43 17.93 2.55
CA TRP A 275 12.46 17.65 1.13
C TRP A 275 11.21 16.87 0.75
N ILE A 276 10.79 17.03 -0.50
CA ILE A 276 9.51 16.51 -0.95
C ILE A 276 9.64 16.06 -2.39
N GLU A 277 9.00 14.93 -2.71
CA GLU A 277 9.00 14.37 -4.04
C GLU A 277 7.58 14.34 -4.60
N PRO A 278 7.43 14.50 -5.91
CA PRO A 278 6.06 14.56 -6.47
C PRO A 278 5.42 13.18 -6.52
N GLN A 279 4.09 13.19 -6.49
CA GLN A 279 3.33 11.95 -6.67
C GLN A 279 3.33 11.47 -8.11
N ARG A 280 3.97 12.20 -9.02
CA ARG A 280 4.06 11.80 -10.41
C ARG A 280 5.15 12.65 -11.06
N SER A 281 6.12 12.00 -11.68
CA SER A 281 7.22 12.72 -12.32
C SER A 281 6.74 13.51 -13.53
N GLU A 282 5.86 12.90 -14.35
CA GLU A 282 5.40 13.58 -15.55
C GLU A 282 4.46 14.74 -15.24
N ASN A 283 3.70 14.63 -14.15
CA ASN A 283 2.77 15.69 -13.80
C ASN A 283 3.51 16.95 -13.39
N THR A 284 3.02 18.09 -13.86
CA THR A 284 3.60 19.39 -13.51
C THR A 284 2.92 20.03 -12.32
N MET A 285 1.60 19.84 -12.17
CA MET A 285 0.90 20.37 -11.01
C MET A 285 1.36 19.69 -9.73
N ASP A 286 1.73 18.40 -9.81
CA ASP A 286 2.30 17.73 -8.65
C ASP A 286 3.71 18.22 -8.35
N ILE A 287 4.42 18.71 -9.37
CA ILE A 287 5.74 19.30 -9.15
C ILE A 287 5.58 20.76 -8.73
N PHE A 288 4.60 21.47 -9.27
CA PHE A 288 4.33 22.83 -8.83
C PHE A 288 3.89 22.87 -7.38
N LYS A 289 3.26 21.80 -6.90
CA LYS A 289 2.85 21.75 -5.49
C LYS A 289 4.05 21.53 -4.58
N CYS A 290 5.12 20.91 -5.08
CA CYS A 290 6.34 20.74 -4.29
C CYS A 290 7.11 22.06 -4.19
N GLN A 291 7.13 22.84 -5.26
CA GLN A 291 7.77 24.15 -5.21
C GLN A 291 7.11 25.05 -4.17
N GLN A 292 5.78 25.02 -4.11
CA GLN A 292 5.07 25.81 -3.10
C GLN A 292 5.28 25.26 -1.70
N SER A 293 5.69 24.00 -1.56
CA SER A 293 5.94 23.42 -0.25
C SER A 293 7.26 23.91 0.33
N MET A 294 8.33 23.85 -0.46
CA MET A 294 9.63 24.32 0.01
C MET A 294 9.62 25.82 0.25
N VAL A 295 8.90 26.58 -0.58
CA VAL A 295 8.80 28.02 -0.38
C VAL A 295 8.13 28.33 0.95
N SER A 296 7.08 27.57 1.29
CA SER A 296 6.31 27.85 2.50
C SER A 296 7.11 27.62 3.78
N VAL A 297 8.15 26.78 3.74
CA VAL A 297 8.92 26.44 4.92
C VAL A 297 10.34 27.01 4.84
N LEU A 298 10.98 26.92 3.68
CA LEU A 298 12.35 27.41 3.53
C LEU A 298 12.42 28.81 2.92
N GLY A 299 11.61 29.08 1.89
CA GLY A 299 11.59 30.42 1.32
C GLY A 299 10.99 31.46 2.22
N TRP A 300 10.24 31.04 3.25
CA TRP A 300 9.65 31.99 4.19
C TRP A 300 10.73 32.83 4.85
N PHE A 301 11.80 32.21 5.34
CA PHE A 301 12.86 32.91 6.03
C PHE A 301 14.09 33.17 5.18
N ALA A 302 14.20 32.54 4.01
CA ALA A 302 15.40 32.69 3.20
C ALA A 302 15.29 33.81 2.17
N ASN A 303 14.13 33.99 1.56
CA ASN A 303 13.96 35.10 0.62
C ASN A 303 14.16 36.47 1.26
N PRO A 304 13.63 36.76 2.46
CA PRO A 304 13.92 38.08 3.06
C PRO A 304 15.37 38.26 3.47
N ILE A 305 16.15 37.20 3.57
CA ILE A 305 17.53 37.27 4.07
C ILE A 305 18.53 36.96 2.95
N HIS A 306 18.31 35.88 2.21
CA HIS A 306 19.22 35.48 1.15
C HIS A 306 18.71 35.84 -0.25
N GLY A 307 17.42 36.16 -0.39
CA GLY A 307 16.84 36.42 -1.69
C GLY A 307 16.88 37.89 -2.09
N ASP A 308 15.78 38.61 -1.85
CA ASP A 308 15.67 40.00 -2.24
C ASP A 308 15.26 40.93 -1.11
N GLY A 309 15.02 40.40 0.09
CA GLY A 309 14.61 41.21 1.22
C GLY A 309 13.13 41.16 1.54
N ASP A 310 12.32 40.53 0.70
CA ASP A 310 10.89 40.41 0.90
C ASP A 310 10.48 38.94 0.89
N TYR A 311 9.26 38.67 1.34
CA TYR A 311 8.72 37.33 1.30
C TYR A 311 8.58 36.86 -0.15
N PRO A 312 8.51 35.56 -0.38
CA PRO A 312 8.27 35.06 -1.74
C PRO A 312 6.92 35.52 -2.26
N GLU A 313 6.82 35.57 -3.60
CA GLU A 313 5.59 36.02 -4.22
C GLU A 313 4.42 35.09 -3.89
N GLY A 314 4.69 33.78 -3.80
CA GLY A 314 3.62 32.86 -3.47
C GLY A 314 3.08 33.04 -2.07
N MET A 315 3.95 33.38 -1.12
CA MET A 315 3.50 33.60 0.25
C MET A 315 2.68 34.87 0.38
N ARG A 316 3.13 35.95 -0.28
CA ARG A 316 2.39 37.21 -0.22
C ARG A 316 1.02 37.07 -0.87
N LYS A 317 0.92 36.29 -1.95
CA LYS A 317 -0.35 36.13 -2.63
C LYS A 317 -1.29 35.22 -1.85
N LYS A 318 -0.76 34.17 -1.24
CA LYS A 318 -1.60 33.24 -0.50
C LYS A 318 -2.19 33.91 0.74
N LEU A 319 -1.35 34.58 1.52
CA LEU A 319 -1.79 35.29 2.73
C LEU A 319 -1.55 36.78 2.48
N PHE A 320 -2.48 37.41 1.76
CA PHE A 320 -2.32 38.81 1.39
C PHE A 320 -2.62 39.75 2.54
N SER A 321 -3.45 39.33 3.50
CA SER A 321 -3.86 40.19 4.59
C SER A 321 -3.38 39.72 5.96
N VAL A 322 -2.70 38.59 6.04
CA VAL A 322 -2.19 38.07 7.30
C VAL A 322 -0.67 38.24 7.41
N LEU A 323 0.05 38.02 6.32
CA LEU A 323 1.50 38.20 6.32
C LEU A 323 1.84 39.67 6.47
N PRO A 324 2.63 40.07 7.46
CA PRO A 324 2.95 41.49 7.63
C PRO A 324 3.74 42.04 6.45
N ILE A 325 3.66 43.35 6.29
CA ILE A 325 4.25 44.03 5.14
C ILE A 325 5.65 44.51 5.50
N PHE A 326 6.60 44.24 4.61
CA PHE A 326 7.95 44.79 4.73
C PHE A 326 8.00 46.08 3.93
N SER A 327 8.19 47.20 4.62
CA SER A 327 8.36 48.47 3.93
C SER A 327 9.58 48.40 3.02
N GLU A 328 9.51 49.11 1.88
CA GLU A 328 10.60 49.05 0.92
C GLU A 328 11.90 49.61 1.50
N ALA A 329 11.82 50.37 2.59
CA ALA A 329 13.03 50.75 3.32
C ALA A 329 13.61 49.57 4.09
N GLU A 330 12.74 48.68 4.59
CA GLU A 330 13.23 47.48 5.27
C GLU A 330 13.86 46.49 4.29
N LYS A 331 13.36 46.44 3.05
CA LYS A 331 13.89 45.49 2.08
C LYS A 331 15.36 45.74 1.80
N HIS A 332 15.77 47.01 1.73
CA HIS A 332 17.18 47.28 1.47
C HIS A 332 18.05 46.97 2.67
N GLU A 333 17.48 47.02 3.88
CA GLU A 333 18.22 46.78 5.10
C GLU A 333 18.13 45.32 5.56
N MET A 334 17.74 44.41 4.67
CA MET A 334 17.68 42.99 5.02
C MET A 334 18.22 42.05 3.95
N ARG A 335 18.12 42.39 2.66
CA ARG A 335 18.66 41.52 1.63
C ARG A 335 20.18 41.45 1.73
N GLY A 336 20.70 40.24 1.92
CA GLY A 336 22.12 40.05 2.04
C GLY A 336 22.67 40.14 3.45
N THR A 337 21.85 39.95 4.48
CA THR A 337 22.32 39.96 5.86
C THR A 337 22.71 38.54 6.29
N ALA A 338 23.61 37.94 5.51
CA ALA A 338 24.08 36.59 5.79
C ALA A 338 25.40 36.39 5.05
N ASP A 339 26.48 36.22 5.81
CA ASP A 339 27.78 35.96 5.18
C ASP A 339 27.83 34.59 4.53
N PHE A 340 27.14 33.60 5.10
CA PHE A 340 27.04 32.28 4.52
C PHE A 340 25.60 31.80 4.71
N PHE A 341 25.36 30.53 4.39
CA PHE A 341 24.03 29.93 4.44
C PHE A 341 24.06 28.70 5.34
N ALA A 342 23.84 28.90 6.63
CA ALA A 342 23.73 27.77 7.55
C ALA A 342 22.43 27.03 7.29
N PHE A 343 22.50 25.69 7.27
CA PHE A 343 21.38 24.86 6.85
C PHE A 343 21.19 23.71 7.83
N SER A 344 19.92 23.40 8.13
CA SER A 344 19.55 22.34 9.04
C SER A 344 18.73 21.29 8.29
N PHE A 345 19.04 20.01 8.53
CA PHE A 345 18.39 18.91 7.81
C PHE A 345 18.34 17.71 8.77
N GLY A 346 17.43 17.79 9.74
CA GLY A 346 17.27 16.76 10.74
C GLY A 346 15.83 16.32 10.90
N PRO A 347 15.56 15.55 11.97
CA PRO A 347 14.20 15.06 12.19
C PRO A 347 13.25 16.10 12.76
N ASN A 348 13.75 17.29 13.11
CA ASN A 348 12.87 18.33 13.65
C ASN A 348 11.98 18.95 12.57
N ASN A 349 12.36 18.84 11.30
CA ASN A 349 11.53 19.29 10.19
C ASN A 349 10.91 18.14 9.41
N PHE A 350 10.84 16.95 10.02
CA PHE A 350 10.21 15.80 9.41
C PHE A 350 9.26 15.11 10.39
N LYS A 351 9.61 15.12 11.67
CA LYS A 351 8.77 14.57 12.72
C LYS A 351 8.42 15.65 13.73
N PRO A 352 7.15 15.75 14.16
CA PRO A 352 6.01 14.91 13.78
C PRO A 352 5.46 15.22 12.37
N LEU A 353 4.30 14.63 12.06
CA LEU A 353 3.74 14.77 10.71
C LEU A 353 3.24 16.18 10.45
N ASN A 354 2.67 16.83 11.47
CA ASN A 354 2.13 18.17 11.30
C ASN A 354 3.20 19.25 11.22
N THR A 355 4.48 18.87 11.13
CA THR A 355 5.55 19.86 11.02
C THR A 355 5.50 20.59 9.69
N MET A 356 5.30 19.86 8.60
CA MET A 356 5.30 20.41 7.26
C MET A 356 3.92 20.32 6.63
N ALA A 357 3.80 20.89 5.44
CA ALA A 357 2.60 20.81 4.62
C ALA A 357 3.00 20.13 3.30
N LYS A 358 2.71 18.83 3.20
CA LYS A 358 3.18 18.05 2.06
C LYS A 358 2.38 18.29 0.79
N MET A 359 1.24 19.00 0.86
CA MET A 359 0.42 19.32 -0.30
C MET A 359 0.01 18.06 -1.08
N GLY A 360 -0.08 16.93 -0.38
CA GLY A 360 -0.46 15.68 -1.04
C GLY A 360 0.63 15.04 -1.85
N GLN A 361 1.89 15.32 -1.56
CA GLN A 361 3.03 14.74 -2.26
C GLN A 361 3.85 13.89 -1.32
N ASN A 362 4.92 13.29 -1.84
CA ASN A 362 5.72 12.33 -1.09
C ASN A 362 6.91 13.02 -0.42
N VAL A 363 7.16 12.65 0.83
CA VAL A 363 8.28 13.17 1.61
C VAL A 363 9.55 12.42 1.22
N SER A 364 10.67 13.14 1.15
CA SER A 364 11.95 12.56 0.80
C SER A 364 13.02 13.04 1.76
N LEU A 365 14.10 12.27 1.83
CA LEU A 365 15.25 12.60 2.67
C LEU A 365 16.52 12.83 1.85
N ASN A 366 16.41 12.95 0.53
CA ASN A 366 17.58 13.14 -0.31
C ASN A 366 18.19 14.51 -0.05
N LEU A 367 19.39 14.53 0.51
CA LEU A 367 20.07 15.79 0.78
C LEU A 367 20.76 16.36 -0.45
N ARG A 368 21.04 15.53 -1.46
CA ARG A 368 21.70 16.02 -2.67
C ARG A 368 20.85 17.06 -3.38
N GLU A 369 19.60 16.71 -3.68
CA GLU A 369 18.71 17.64 -4.37
C GLU A 369 18.21 18.75 -3.46
N ALA A 370 18.29 18.57 -2.14
CA ALA A 370 17.91 19.65 -1.23
C ALA A 370 18.88 20.82 -1.35
N LEU A 371 20.17 20.54 -1.49
CA LEU A 371 21.13 21.63 -1.69
C LEU A 371 21.07 22.17 -3.11
N ASN A 372 20.69 21.33 -4.08
CA ASN A 372 20.52 21.80 -5.45
C ASN A 372 19.44 22.86 -5.53
N TRP A 373 18.35 22.69 -4.77
CA TRP A 373 17.29 23.70 -4.74
C TRP A 373 17.77 24.99 -4.09
N ILE A 374 18.68 24.88 -3.10
CA ILE A 374 19.20 26.08 -2.45
C ILE A 374 20.17 26.82 -3.36
N LYS A 375 21.01 26.08 -4.08
CA LYS A 375 21.99 26.71 -4.96
C LYS A 375 21.34 27.42 -6.14
N LEU A 376 20.14 27.00 -6.54
CA LEU A 376 19.46 27.61 -7.68
C LEU A 376 18.55 28.76 -7.27
N GLU A 377 17.86 28.64 -6.14
CA GLU A 377 16.95 29.68 -5.69
C GLU A 377 17.68 30.89 -5.10
N TYR A 378 18.93 30.75 -4.69
CA TYR A 378 19.62 31.79 -3.96
C TYR A 378 21.00 32.10 -4.52
N ASN A 379 21.16 31.95 -5.85
CA ASN A 379 22.33 32.45 -6.57
C ASN A 379 23.63 31.82 -6.07
N ASN A 380 23.60 30.52 -5.83
CA ASN A 380 24.79 29.72 -5.49
C ASN A 380 25.51 30.28 -4.28
N PRO A 381 24.99 30.10 -3.07
CA PRO A 381 25.70 30.58 -1.87
C PRO A 381 26.74 29.58 -1.38
N ARG A 382 27.40 29.91 -0.27
CA ARG A 382 28.33 29.01 0.40
C ARG A 382 27.64 28.45 1.62
N ILE A 383 27.29 27.16 1.56
CA ILE A 383 26.39 26.54 2.53
C ILE A 383 27.19 25.90 3.65
N LEU A 384 26.65 25.95 4.87
CA LEU A 384 27.17 25.22 6.02
C LEU A 384 26.04 24.39 6.61
N ILE A 385 26.09 23.08 6.42
CA ILE A 385 25.10 22.19 7.00
C ILE A 385 25.28 22.20 8.52
N ALA A 386 24.52 23.06 9.20
CA ALA A 386 24.70 23.27 10.64
C ALA A 386 24.04 22.20 11.50
N GLU A 387 23.24 21.32 10.91
CA GLU A 387 22.56 20.27 11.67
C GLU A 387 22.15 19.17 10.70
N ASN A 388 22.57 17.94 11.01
CA ASN A 388 22.26 16.82 10.13
C ASN A 388 22.35 15.52 10.92
N GLY A 389 21.53 14.55 10.54
CA GLY A 389 21.48 13.27 11.22
C GLY A 389 20.08 12.93 11.68
N TRP A 390 19.81 11.64 11.86
CA TRP A 390 18.51 11.19 12.34
C TRP A 390 18.62 10.85 13.83
N PHE A 391 17.71 10.02 14.33
CA PHE A 391 17.69 9.66 15.74
C PHE A 391 17.56 8.15 15.90
N THR A 392 17.67 7.71 17.15
CA THR A 392 17.42 6.33 17.53
C THR A 392 16.50 6.32 18.75
N ASP A 393 15.79 5.21 18.92
CA ASP A 393 14.94 5.08 20.10
C ASP A 393 15.78 4.98 21.36
N SER A 394 15.13 5.18 22.50
CA SER A 394 15.84 5.12 23.78
C SER A 394 16.37 3.72 24.05
N ARG A 395 15.74 2.69 23.48
CA ARG A 395 16.17 1.32 23.72
C ARG A 395 17.53 1.01 23.10
N VAL A 396 17.97 1.81 22.13
CA VAL A 396 19.26 1.61 21.48
C VAL A 396 20.30 2.36 22.30
N LYS A 397 20.97 1.65 23.21
CA LYS A 397 21.97 2.24 24.09
C LYS A 397 23.16 2.77 23.31
N THR A 398 24.13 1.90 23.03
CA THR A 398 25.32 2.27 22.28
C THR A 398 25.49 1.46 21.01
N GLU A 399 24.49 0.67 20.64
CA GLU A 399 24.54 -0.16 19.44
C GLU A 399 23.74 0.48 18.30
N ASP A 400 24.04 1.74 17.99
CA ASP A 400 23.34 2.49 16.95
C ASP A 400 23.83 2.01 15.59
N THR A 401 23.11 1.02 15.03
CA THR A 401 23.49 0.47 13.73
C THR A 401 22.96 1.32 12.59
N THR A 402 21.71 1.78 12.68
CA THR A 402 21.14 2.59 11.61
C THR A 402 21.87 3.92 11.47
N ALA A 403 22.36 4.47 12.58
CA ALA A 403 23.05 5.76 12.54
C ALA A 403 24.27 5.72 11.61
N ILE A 404 24.93 4.56 11.51
CA ILE A 404 26.05 4.43 10.58
C ILE A 404 25.57 4.58 9.15
N TYR A 405 24.50 3.88 8.79
CA TYR A 405 23.99 3.91 7.43
C TYR A 405 23.14 5.15 7.14
N MET A 406 22.57 5.77 8.17
CA MET A 406 21.91 7.06 7.96
C MET A 406 22.94 8.15 7.70
N MET A 407 24.04 8.15 8.45
CA MET A 407 25.12 9.10 8.21
C MET A 407 25.85 8.79 6.91
N LYS A 408 25.88 7.51 6.50
CA LYS A 408 26.58 7.14 5.28
C LYS A 408 25.91 7.73 4.05
N ASN A 409 24.58 7.82 4.06
CA ASN A 409 23.87 8.38 2.92
C ASN A 409 24.09 9.89 2.82
N PHE A 410 23.96 10.60 3.94
CA PHE A 410 24.09 12.05 3.92
C PHE A 410 25.45 12.48 3.41
N LEU A 411 26.52 11.94 4.00
CA LEU A 411 27.86 12.27 3.54
C LEU A 411 28.09 11.81 2.10
N SER A 412 27.45 10.71 1.69
CA SER A 412 27.48 10.33 0.29
C SER A 412 26.76 11.34 -0.57
N GLN A 413 25.64 11.88 -0.09
CA GLN A 413 24.91 12.89 -0.85
C GLN A 413 25.58 14.26 -0.78
N VAL A 414 26.24 14.58 0.35
CA VAL A 414 26.99 15.82 0.42
C VAL A 414 28.16 15.79 -0.54
N LEU A 415 28.92 14.69 -0.54
CA LEU A 415 30.03 14.54 -1.49
C LEU A 415 29.53 14.59 -2.93
N GLN A 416 28.41 13.93 -3.22
CA GLN A 416 27.81 14.02 -4.54
C GLN A 416 27.49 15.46 -4.91
N ALA A 417 26.98 16.23 -3.95
CA ALA A 417 26.66 17.63 -4.21
C ALA A 417 27.92 18.43 -4.50
N ILE A 418 29.01 18.15 -3.78
CA ILE A 418 30.23 18.95 -3.91
C ILE A 418 30.94 18.62 -5.21
N ARG A 419 31.34 17.36 -5.37
CA ARG A 419 32.18 16.99 -6.51
C ARG A 419 31.39 16.88 -7.81
N LEU A 420 30.11 16.51 -7.75
CA LEU A 420 29.33 16.28 -8.96
C LEU A 420 28.35 17.42 -9.26
N ASP A 421 27.64 17.92 -8.26
CA ASP A 421 26.67 18.98 -8.46
C ASP A 421 27.25 20.38 -8.29
N GLU A 422 28.54 20.48 -7.93
CA GLU A 422 29.22 21.77 -7.79
C GLU A 422 28.52 22.68 -6.80
N ILE A 423 28.18 22.12 -5.64
CA ILE A 423 27.57 22.88 -4.55
C ILE A 423 28.68 23.37 -3.63
N ARG A 424 28.65 24.67 -3.31
CA ARG A 424 29.73 25.31 -2.54
C ARG A 424 29.54 25.07 -1.04
N VAL A 425 29.59 23.81 -0.65
CA VAL A 425 29.53 23.43 0.75
C VAL A 425 30.94 23.37 1.32
N PHE A 426 31.15 24.04 2.45
CA PHE A 426 32.46 24.09 3.08
C PHE A 426 32.50 23.43 4.46
N GLY A 427 31.38 22.92 4.95
CA GLY A 427 31.36 22.34 6.28
C GLY A 427 30.20 21.38 6.47
N TYR A 428 30.30 20.59 7.54
CA TYR A 428 29.29 19.62 7.91
C TYR A 428 29.26 19.51 9.42
N THR A 429 28.07 19.62 10.01
CA THR A 429 27.90 19.59 11.46
C THR A 429 27.08 18.37 11.83
N ALA A 430 27.71 17.40 12.50
CA ALA A 430 26.99 16.25 13.00
C ALA A 430 26.15 16.64 14.21
N TRP A 431 25.01 15.96 14.37
CA TRP A 431 24.08 16.25 15.45
C TRP A 431 23.51 14.94 15.96
N SER A 432 23.64 14.70 17.27
CA SER A 432 24.27 15.64 18.19
C SER A 432 25.59 15.08 18.73
N LEU A 433 26.25 15.85 19.59
CA LEU A 433 27.50 15.36 20.18
C LEU A 433 27.23 14.32 21.26
N LEU A 434 26.13 14.48 22.00
CA LEU A 434 25.78 13.53 23.05
C LEU A 434 24.27 13.58 23.27
N ASP A 435 23.73 12.47 23.79
CA ASP A 435 22.29 12.35 23.97
C ASP A 435 21.80 13.36 25.00
N GLY A 436 20.61 13.91 24.74
CA GLY A 436 20.08 14.92 25.61
C GLY A 436 18.57 15.00 25.50
N PHE A 437 18.02 16.08 26.03
CA PHE A 437 16.59 16.32 26.06
C PHE A 437 16.13 16.80 24.70
N GLU A 438 15.35 15.98 24.01
CA GLU A 438 14.94 16.28 22.64
C GLU A 438 13.54 16.90 22.59
N TRP A 439 13.39 18.00 23.33
CA TRP A 439 12.20 18.86 23.28
C TRP A 439 10.98 18.04 23.69
N GLN A 440 9.86 18.12 22.96
CA GLN A 440 8.64 17.43 23.38
C GLN A 440 8.79 15.92 23.37
N ASP A 441 9.81 15.40 22.68
CA ASP A 441 10.09 13.97 22.72
C ASP A 441 10.82 13.56 23.99
N ALA A 442 11.30 14.52 24.79
CA ALA A 442 11.93 14.28 26.09
C ALA A 442 13.11 13.33 25.87
N TYR A 443 13.26 12.27 26.67
CA TYR A 443 14.34 11.31 26.52
C TYR A 443 13.91 10.07 25.75
N THR A 444 12.78 10.13 25.04
CA THR A 444 12.27 8.96 24.33
C THR A 444 13.10 8.64 23.08
N ILE A 445 13.86 9.61 22.56
CA ILE A 445 14.72 9.37 21.42
C ILE A 445 16.14 9.81 21.77
N ARG A 446 17.09 9.38 20.95
CA ARG A 446 18.50 9.68 21.14
C ARG A 446 19.09 10.12 19.82
N ARG A 447 19.62 11.35 19.78
CA ARG A 447 20.18 11.91 18.56
C ARG A 447 21.68 12.18 18.63
N GLY A 448 22.30 12.05 19.81
CA GLY A 448 23.70 12.34 19.94
C GLY A 448 24.58 11.17 19.54
N LEU A 449 25.84 11.49 19.21
CA LEU A 449 26.82 10.48 18.86
C LEU A 449 27.54 9.90 20.07
N PHE A 450 27.18 10.34 21.28
CA PHE A 450 27.75 9.82 22.51
C PHE A 450 26.61 9.41 23.44
N TYR A 451 26.63 8.15 23.89
CA TYR A 451 25.62 7.67 24.81
C TYR A 451 25.88 8.21 26.21
N VAL A 452 24.84 8.70 26.86
CA VAL A 452 24.90 9.19 28.24
C VAL A 452 23.78 8.52 29.03
N ASP A 453 24.15 7.77 30.06
CA ASP A 453 23.17 7.12 30.91
C ASP A 453 22.53 8.16 31.82
N PHE A 454 21.27 8.49 31.55
CA PHE A 454 20.59 9.52 32.32
C PHE A 454 20.30 9.09 33.76
N ASN A 455 20.37 7.79 34.04
CA ASN A 455 20.18 7.28 35.39
C ASN A 455 21.50 7.15 36.16
N SER A 456 22.62 7.50 35.54
CA SER A 456 23.92 7.41 36.19
C SER A 456 24.33 8.78 36.73
N LYS A 457 24.95 8.79 37.91
CA LYS A 457 25.39 10.04 38.52
C LYS A 457 26.67 10.57 37.88
N GLN A 458 27.54 9.68 37.39
CA GLN A 458 28.78 10.10 36.75
C GLN A 458 28.55 10.68 35.36
N LYS A 459 27.49 10.25 34.68
CA LYS A 459 27.14 10.76 33.35
C LYS A 459 28.29 10.58 32.35
N GLU A 460 28.90 9.40 32.38
CA GLU A 460 30.03 9.12 31.51
C GLU A 460 29.58 9.08 30.05
N ARG A 461 30.26 9.83 29.19
CA ARG A 461 29.96 9.87 27.76
C ARG A 461 30.68 8.72 27.08
N LYS A 462 29.94 7.64 26.81
CA LYS A 462 30.52 6.50 26.12
C LYS A 462 30.30 6.64 24.62
N PRO A 463 31.35 6.55 23.80
CA PRO A 463 31.18 6.73 22.37
C PRO A 463 30.35 5.61 21.76
N LYS A 464 29.41 5.98 20.89
CA LYS A 464 28.52 5.03 20.26
C LYS A 464 29.14 4.50 18.97
N SER A 465 28.41 3.64 18.26
CA SER A 465 28.92 3.04 17.03
C SER A 465 29.12 4.09 15.94
N SER A 466 28.35 5.18 15.99
CA SER A 466 28.51 6.24 15.00
C SER A 466 29.71 7.11 15.30
N ALA A 467 30.12 7.19 16.57
CA ALA A 467 31.30 7.98 16.92
C ALA A 467 32.57 7.38 16.33
N HIS A 468 32.68 6.06 16.34
CA HIS A 468 33.83 5.41 15.72
C HIS A 468 33.79 5.54 14.20
N TYR A 469 32.59 5.46 13.61
CA TYR A 469 32.47 5.60 12.17
C TYR A 469 32.73 7.05 11.73
N TYR A 470 32.19 8.02 12.46
CA TYR A 470 32.41 9.42 12.12
C TYR A 470 33.87 9.82 12.31
N LYS A 471 34.55 9.24 13.32
CA LYS A 471 35.95 9.55 13.54
C LYS A 471 36.81 9.13 12.35
N GLN A 472 36.54 7.93 11.80
CA GLN A 472 37.29 7.48 10.64
C GLN A 472 36.91 8.29 9.40
N ILE A 473 35.67 8.80 9.34
CA ILE A 473 35.29 9.69 8.26
C ILE A 473 36.12 10.96 8.31
N ILE A 474 36.38 11.47 9.51
CA ILE A 474 37.19 12.69 9.65
C ILE A 474 38.66 12.39 9.43
N ARG A 475 39.16 11.28 9.97
CA ARG A 475 40.58 10.96 9.83
C ARG A 475 40.95 10.72 8.37
N GLU A 476 40.04 10.12 7.60
CA GLU A 476 40.27 9.90 6.18
C GLU A 476 39.70 11.00 5.30
N ASN A 477 38.98 11.97 5.88
CA ASN A 477 38.38 13.08 5.15
C ASN A 477 37.49 12.59 4.01
N GLY A 478 36.81 11.47 4.22
CA GLY A 478 35.95 10.90 3.21
C GLY A 478 35.61 9.45 3.46
N GLU A 483 37.97 -1.91 1.68
CA GLU A 483 37.03 -3.03 1.71
C GLU A 483 37.23 -3.96 0.52
N SER A 484 37.76 -3.41 -0.58
CA SER A 484 37.92 -4.17 -1.81
C SER A 484 39.35 -4.08 -2.34
N THR A 485 39.54 -4.47 -3.59
CA THR A 485 40.85 -4.53 -4.23
C THR A 485 40.72 -4.07 -5.66
N PRO A 486 41.83 -3.65 -6.29
CA PRO A 486 41.78 -3.26 -7.71
C PRO A 486 41.58 -4.45 -8.64
N ASP A 487 41.98 -4.29 -9.91
CA ASP A 487 41.87 -5.35 -10.89
C ASP A 487 42.99 -6.37 -10.70
N VAL A 488 42.84 -7.53 -11.35
CA VAL A 488 43.78 -8.62 -11.21
C VAL A 488 44.73 -8.71 -12.41
N GLN A 489 44.20 -8.48 -13.62
CA GLN A 489 44.97 -8.55 -14.85
C GLN A 489 45.63 -9.92 -15.02
N GLY A 490 44.86 -10.89 -15.47
CA GLY A 490 45.38 -12.24 -15.68
C GLY A 490 44.36 -13.09 -16.41
N GLN A 491 44.85 -14.19 -16.96
CA GLN A 491 44.01 -15.12 -17.71
C GLN A 491 43.56 -16.28 -16.82
N PHE A 492 42.40 -16.83 -17.15
CA PHE A 492 41.90 -18.04 -16.51
C PHE A 492 42.58 -19.26 -17.10
N PRO A 493 42.49 -20.41 -16.43
CA PRO A 493 43.01 -21.64 -17.03
C PRO A 493 42.18 -22.06 -18.24
N CYS A 494 42.86 -22.71 -19.19
CA CYS A 494 42.19 -23.17 -20.39
C CYS A 494 41.13 -24.23 -20.10
N ASP A 495 41.24 -24.92 -18.97
CA ASP A 495 40.26 -25.92 -18.56
C ASP A 495 39.12 -25.34 -17.74
N PHE A 496 38.84 -24.04 -17.89
CA PHE A 496 37.77 -23.40 -17.14
C PHE A 496 36.43 -23.64 -17.82
N SER A 497 35.41 -23.90 -17.01
CA SER A 497 34.09 -24.27 -17.50
C SER A 497 33.20 -23.02 -17.51
N TRP A 498 33.12 -22.37 -18.67
CA TRP A 498 32.19 -21.27 -18.87
C TRP A 498 30.81 -21.83 -19.16
N GLY A 499 29.84 -21.48 -18.33
CA GLY A 499 28.51 -22.06 -18.45
C GLY A 499 27.41 -21.03 -18.28
N VAL A 500 26.25 -21.38 -18.81
CA VAL A 500 25.01 -20.63 -18.59
C VAL A 500 24.08 -21.58 -17.84
N THR A 501 22.89 -21.11 -17.46
CA THR A 501 21.99 -21.94 -16.69
C THR A 501 20.54 -21.61 -17.03
N GLU A 502 19.73 -22.66 -17.14
CA GLU A 502 18.28 -22.54 -17.31
C GLU A 502 17.60 -23.00 -16.01
N SER A 503 16.33 -23.36 -16.10
CA SER A 503 15.60 -23.85 -14.93
C SER A 503 14.80 -25.10 -15.28
N VAL A 504 13.67 -25.30 -14.59
CA VAL A 504 12.80 -26.43 -14.91
C VAL A 504 12.29 -26.26 -16.33
N LEU A 505 12.61 -27.23 -17.18
CA LEU A 505 12.25 -27.20 -18.61
C LEU A 505 11.16 -28.24 -18.82
N LYS A 506 9.91 -27.83 -18.67
CA LYS A 506 8.79 -28.74 -18.89
C LYS A 506 8.70 -29.10 -20.37
N PRO A 507 8.45 -30.38 -20.69
CA PRO A 507 8.36 -30.83 -22.08
C PRO A 507 7.06 -30.40 -22.76
N CYS A 547 14.68 -35.46 -33.32
CA CYS A 547 14.93 -34.68 -32.12
C CYS A 547 14.62 -33.19 -32.33
N THR A 548 14.90 -32.69 -33.53
CA THR A 548 14.66 -31.29 -33.83
C THR A 548 13.18 -30.97 -34.00
N ASP A 549 12.30 -31.98 -34.06
CA ASP A 549 10.87 -31.72 -34.18
C ASP A 549 10.29 -31.05 -32.95
N PHE A 550 10.94 -31.18 -31.80
CA PHE A 550 10.49 -30.49 -30.59
C PHE A 550 10.65 -28.99 -30.76
N VAL A 551 9.55 -28.25 -30.61
CA VAL A 551 9.56 -26.83 -30.91
C VAL A 551 10.36 -26.05 -29.87
N ASN A 552 10.13 -26.35 -28.58
CA ASN A 552 10.79 -25.59 -27.53
C ASN A 552 12.30 -25.77 -27.55
N ILE A 553 12.79 -26.92 -28.02
CA ILE A 553 14.23 -27.14 -28.10
C ILE A 553 14.85 -26.24 -29.16
N LYS A 554 14.15 -26.03 -30.27
CA LYS A 554 14.71 -25.22 -31.36
C LYS A 554 14.98 -23.79 -30.91
N LYS A 555 14.06 -23.21 -30.13
CA LYS A 555 14.28 -21.85 -29.64
C LYS A 555 15.43 -21.80 -28.63
N GLN A 556 15.51 -22.81 -27.76
CA GLN A 556 16.60 -22.85 -26.79
C GLN A 556 17.93 -23.21 -27.45
N LEU A 557 17.90 -24.00 -28.52
CA LEU A 557 19.13 -24.34 -29.22
C LEU A 557 19.70 -23.14 -29.96
N GLU A 558 18.83 -22.23 -30.42
CA GLU A 558 19.29 -21.00 -31.06
C GLU A 558 19.78 -19.95 -30.06
N MET A 559 19.56 -20.17 -28.77
CA MET A 559 20.07 -19.28 -27.74
C MET A 559 21.46 -19.66 -27.26
N LEU A 560 21.79 -20.95 -27.27
CA LEU A 560 23.10 -21.43 -26.87
C LEU A 560 24.13 -21.35 -27.99
N ALA A 561 23.77 -20.77 -29.14
CA ALA A 561 24.71 -20.59 -30.23
C ALA A 561 25.41 -19.25 -30.19
N ARG A 562 24.76 -18.22 -29.64
CA ARG A 562 25.40 -16.91 -29.52
C ARG A 562 26.47 -16.91 -28.44
N MET A 563 26.30 -17.73 -27.41
CA MET A 563 27.25 -17.79 -26.32
C MET A 563 28.39 -18.74 -26.65
N LYS A 564 29.56 -18.46 -26.07
CA LYS A 564 30.72 -19.34 -26.18
C LYS A 564 30.88 -20.20 -24.94
N VAL A 565 29.78 -20.53 -24.27
CA VAL A 565 29.84 -21.31 -23.03
C VAL A 565 30.22 -22.74 -23.34
N THR A 566 30.99 -23.34 -22.43
CA THR A 566 31.39 -24.74 -22.56
C THR A 566 30.37 -25.70 -21.98
N HIS A 567 29.52 -25.24 -21.06
CA HIS A 567 28.56 -26.09 -20.38
C HIS A 567 27.17 -25.46 -20.44
N TYR A 568 26.21 -26.17 -19.88
CA TYR A 568 24.82 -25.73 -19.87
C TYR A 568 24.12 -26.43 -18.70
N ARG A 569 23.64 -25.65 -17.73
CA ARG A 569 23.00 -26.18 -16.55
C ARG A 569 21.49 -26.02 -16.66
N PHE A 570 20.76 -27.12 -16.45
CA PHE A 570 19.31 -27.09 -16.45
C PHE A 570 18.81 -28.26 -15.60
N ALA A 571 17.52 -28.21 -15.28
CA ALA A 571 16.90 -29.19 -14.41
C ALA A 571 15.76 -29.90 -15.14
N LEU A 572 15.24 -30.94 -14.48
CA LEU A 572 14.15 -31.73 -15.03
C LEU A 572 12.95 -31.66 -14.09
N ASP A 573 11.76 -31.82 -14.65
CA ASP A 573 10.54 -31.85 -13.86
C ASP A 573 10.34 -33.27 -13.33
N TRP A 574 10.60 -33.46 -12.04
CA TRP A 574 10.40 -34.76 -11.41
C TRP A 574 8.96 -35.23 -11.55
N ALA A 575 8.01 -34.31 -11.43
CA ALA A 575 6.60 -34.65 -11.53
C ALA A 575 6.15 -34.92 -12.97
N SER A 576 7.04 -34.80 -13.95
CA SER A 576 6.68 -35.05 -15.35
C SER A 576 7.20 -36.37 -15.89
N VAL A 577 8.07 -37.05 -15.15
CA VAL A 577 8.55 -38.37 -15.56
C VAL A 577 7.90 -39.48 -14.74
N LEU A 578 7.72 -39.26 -13.44
CA LEU A 578 7.00 -40.17 -12.55
C LEU A 578 5.80 -39.42 -12.00
N PRO A 579 4.71 -39.34 -12.77
CA PRO A 579 3.52 -38.63 -12.26
C PRO A 579 2.93 -39.27 -11.01
N THR A 580 2.99 -40.60 -10.92
CA THR A 580 2.52 -41.30 -9.73
C THR A 580 3.55 -41.30 -8.61
N GLY A 581 4.77 -40.85 -8.87
CA GLY A 581 5.82 -40.95 -7.88
C GLY A 581 6.38 -42.33 -7.68
N GLN A 582 5.98 -43.30 -8.50
CA GLN A 582 6.48 -44.66 -8.43
C GLN A 582 7.04 -45.07 -9.78
N LEU A 583 7.85 -46.13 -9.76
CA LEU A 583 8.53 -46.60 -10.96
C LEU A 583 7.62 -47.38 -11.90
N SER A 584 6.35 -47.60 -11.52
CA SER A 584 5.44 -48.33 -12.41
C SER A 584 5.09 -47.51 -13.64
N ALA A 585 4.82 -46.21 -13.46
CA ALA A 585 4.50 -45.31 -14.57
C ALA A 585 5.75 -44.53 -14.93
N VAL A 586 6.32 -44.82 -16.10
CA VAL A 586 7.53 -44.16 -16.58
C VAL A 586 7.18 -43.48 -17.89
N ASN A 587 7.11 -42.14 -17.86
CA ASN A 587 6.85 -41.36 -19.05
C ASN A 587 8.04 -41.48 -20.00
N ARG A 588 8.01 -42.48 -20.89
CA ARG A 588 9.09 -42.68 -21.84
C ARG A 588 9.21 -41.52 -22.83
N GLN A 589 8.13 -40.77 -23.05
CA GLN A 589 8.20 -39.61 -23.94
C GLN A 589 8.96 -38.47 -23.29
N ALA A 590 8.78 -38.28 -21.97
CA ALA A 590 9.48 -37.21 -21.28
C ALA A 590 10.98 -37.49 -21.19
N LEU A 591 11.36 -38.76 -20.99
CA LEU A 591 12.77 -39.09 -20.97
C LEU A 591 13.40 -39.03 -22.35
N ARG A 592 12.60 -39.27 -23.40
CA ARG A 592 13.11 -39.08 -24.76
C ARG A 592 13.28 -37.61 -25.09
N TYR A 593 12.44 -36.74 -24.52
CA TYR A 593 12.59 -35.31 -24.73
C TYR A 593 13.89 -34.80 -24.13
N TYR A 594 14.17 -35.20 -22.88
CA TYR A 594 15.40 -34.78 -22.23
C TYR A 594 16.63 -35.34 -22.93
N ARG A 595 16.52 -36.54 -23.50
CA ARG A 595 17.65 -37.10 -24.22
C ARG A 595 17.93 -36.32 -25.50
N CYS A 596 16.88 -35.92 -26.22
CA CYS A 596 17.06 -35.08 -27.40
C CYS A 596 17.64 -33.72 -27.04
N VAL A 597 17.46 -33.26 -25.81
CA VAL A 597 18.07 -32.00 -25.38
C VAL A 597 19.58 -32.14 -25.32
N VAL A 598 20.07 -33.16 -24.61
CA VAL A 598 21.51 -33.32 -24.44
C VAL A 598 22.16 -33.77 -25.75
N SER A 599 21.47 -34.63 -26.51
CA SER A 599 22.03 -35.10 -27.78
C SER A 599 22.16 -33.96 -28.78
N GLU A 600 21.21 -33.03 -28.79
CA GLU A 600 21.38 -31.82 -29.59
C GLU A 600 22.44 -30.89 -28.99
N GLY A 601 22.65 -30.97 -27.69
CA GLY A 601 23.71 -30.21 -27.05
C GLY A 601 25.08 -30.81 -27.32
N LEU A 602 25.16 -32.14 -27.34
CA LEU A 602 26.40 -32.80 -27.73
C LEU A 602 26.82 -32.42 -29.15
N LYS A 603 25.84 -32.14 -30.01
CA LYS A 603 26.15 -31.60 -31.32
C LYS A 603 26.82 -30.24 -31.21
N LEU A 604 26.18 -29.31 -30.48
CA LEU A 604 26.72 -27.97 -30.29
C LEU A 604 27.97 -27.95 -29.43
N GLY A 605 28.35 -29.08 -28.82
CA GLY A 605 29.55 -29.14 -28.01
C GLY A 605 29.38 -28.62 -26.60
N ILE A 606 28.16 -28.30 -26.17
CA ILE A 606 27.92 -27.78 -24.83
C ILE A 606 27.65 -28.98 -23.93
N SER A 607 28.66 -29.37 -23.15
CA SER A 607 28.51 -30.48 -22.22
C SER A 607 27.51 -30.11 -21.13
N ALA A 608 26.45 -30.90 -21.00
CA ALA A 608 25.35 -30.55 -20.12
C ALA A 608 25.65 -30.92 -18.67
N MET A 609 24.88 -30.31 -17.76
CA MET A 609 24.94 -30.61 -16.34
C MET A 609 23.49 -30.65 -15.84
N VAL A 610 22.96 -31.84 -15.64
CA VAL A 610 21.54 -32.05 -15.39
C VAL A 610 21.27 -32.02 -13.89
N THR A 611 20.15 -31.41 -13.51
CA THR A 611 19.70 -31.36 -12.12
C THR A 611 18.41 -32.15 -12.00
N LEU A 612 18.41 -33.16 -11.13
CA LEU A 612 17.24 -34.02 -11.01
C LEU A 612 16.09 -33.30 -10.32
N TYR A 613 16.38 -32.46 -9.33
CA TYR A 613 15.38 -31.78 -8.54
C TYR A 613 15.64 -30.28 -8.56
N TYR A 614 14.58 -29.50 -8.70
CA TYR A 614 14.67 -28.04 -8.68
C TYR A 614 13.39 -27.47 -8.12
N PRO A 615 13.32 -27.28 -6.81
CA PRO A 615 12.12 -26.72 -6.19
C PRO A 615 12.11 -25.20 -6.25
N THR A 616 10.91 -24.64 -6.11
CA THR A 616 10.70 -23.20 -6.10
C THR A 616 9.34 -22.93 -5.46
N HIS A 617 8.92 -21.66 -5.47
CA HIS A 617 7.63 -21.30 -4.93
C HIS A 617 6.51 -21.54 -5.93
N ALA A 618 6.79 -21.41 -7.22
CA ALA A 618 5.79 -21.66 -8.26
C ALA A 618 5.41 -23.13 -8.30
N HIS A 619 6.34 -23.97 -8.76
CA HIS A 619 6.14 -25.41 -8.81
C HIS A 619 7.06 -26.08 -7.80
N LEU A 620 6.47 -26.73 -6.80
CA LEU A 620 7.28 -27.37 -5.75
C LEU A 620 8.04 -28.57 -6.29
N GLY A 621 7.52 -29.23 -7.32
CA GLY A 621 8.22 -30.29 -8.02
C GLY A 621 7.85 -31.69 -7.56
N LEU A 622 7.47 -31.86 -6.31
CA LEU A 622 7.16 -33.18 -5.81
C LEU A 622 5.95 -33.75 -6.55
N PRO A 623 5.98 -35.03 -6.94
CA PRO A 623 4.80 -35.64 -7.57
C PRO A 623 3.60 -35.57 -6.65
N GLU A 624 2.42 -35.44 -7.26
CA GLU A 624 1.19 -35.26 -6.50
C GLU A 624 0.94 -36.32 -5.43
N PRO A 625 1.14 -37.62 -5.68
CA PRO A 625 0.96 -38.59 -4.59
C PRO A 625 1.94 -38.40 -3.45
N LEU A 626 3.16 -37.96 -3.73
CA LEU A 626 4.13 -37.71 -2.66
C LEU A 626 3.72 -36.52 -1.82
N LEU A 627 3.34 -35.41 -2.46
CA LEU A 627 2.88 -34.24 -1.72
C LEU A 627 1.60 -34.55 -0.95
N HIS A 628 0.70 -35.33 -1.54
CA HIS A 628 -0.48 -35.78 -0.81
C HIS A 628 -0.08 -36.64 0.39
N ALA A 629 1.01 -37.39 0.28
CA ALA A 629 1.52 -38.21 1.38
C ALA A 629 2.64 -37.51 2.13
N ASP A 630 2.36 -36.28 2.58
CA ASP A 630 3.21 -35.46 3.43
C ASP A 630 4.46 -34.92 2.74
N GLY A 631 4.60 -35.13 1.43
CA GLY A 631 5.68 -34.49 0.69
C GLY A 631 7.05 -34.88 1.20
N TRP A 632 7.90 -33.88 1.40
CA TRP A 632 9.26 -34.09 1.91
C TRP A 632 9.30 -34.38 3.40
N LEU A 633 8.17 -34.36 4.10
CA LEU A 633 8.13 -34.66 5.51
C LEU A 633 8.11 -36.16 5.80
N ASN A 634 7.97 -37.01 4.77
CA ASN A 634 7.97 -38.45 4.94
C ASN A 634 9.26 -39.02 4.39
N PRO A 635 9.97 -39.85 5.16
CA PRO A 635 11.23 -40.43 4.66
C PRO A 635 11.07 -41.31 3.44
N SER A 636 9.84 -41.73 3.12
CA SER A 636 9.63 -42.51 1.91
C SER A 636 9.83 -41.68 0.65
N THR A 637 9.70 -40.35 0.73
CA THR A 637 9.96 -39.51 -0.42
C THR A 637 11.43 -39.55 -0.82
N ALA A 638 12.33 -39.60 0.18
CA ALA A 638 13.75 -39.76 -0.12
C ALA A 638 14.02 -41.09 -0.80
N GLU A 639 13.36 -42.15 -0.34
CA GLU A 639 13.45 -43.44 -1.02
C GLU A 639 12.86 -43.37 -2.42
N ALA A 640 11.83 -42.54 -2.61
CA ALA A 640 11.28 -42.33 -3.94
C ALA A 640 12.20 -41.52 -4.83
N PHE A 641 13.10 -40.73 -4.25
CA PHE A 641 14.04 -39.96 -5.04
C PHE A 641 15.13 -40.85 -5.62
N GLN A 642 15.61 -41.81 -4.83
CA GLN A 642 16.63 -42.75 -5.33
C GLN A 642 16.09 -43.56 -6.49
N ALA A 643 14.84 -44.00 -6.41
CA ALA A 643 14.23 -44.73 -7.51
C ALA A 643 14.14 -43.86 -8.77
N TYR A 644 13.80 -42.57 -8.59
CA TYR A 644 13.77 -41.66 -9.73
C TYR A 644 15.17 -41.27 -10.18
N ALA A 645 16.13 -41.24 -9.25
CA ALA A 645 17.49 -40.85 -9.60
C ALA A 645 18.14 -41.88 -10.51
N GLY A 646 18.12 -43.16 -10.11
CA GLY A 646 18.70 -44.20 -10.94
C GLY A 646 18.01 -44.37 -12.26
N LEU A 647 16.72 -44.02 -12.33
CA LEU A 647 16.02 -44.04 -13.60
C LEU A 647 16.64 -43.05 -14.58
N CYS A 648 16.96 -41.84 -14.10
CA CYS A 648 17.62 -40.86 -14.95
C CYS A 648 19.09 -41.20 -15.16
N PHE A 649 19.71 -41.88 -14.19
CA PHE A 649 21.11 -42.24 -14.32
C PHE A 649 21.32 -43.21 -15.48
N GLN A 650 20.46 -44.22 -15.59
CA GLN A 650 20.64 -45.22 -16.64
C GLN A 650 20.27 -44.65 -18.01
N GLU A 651 19.23 -43.82 -18.07
CA GLU A 651 18.73 -43.32 -19.34
C GLU A 651 19.52 -42.12 -19.86
N LEU A 652 20.18 -41.37 -18.98
CA LEU A 652 20.89 -40.16 -19.38
C LEU A 652 22.37 -40.17 -19.06
N GLY A 653 22.87 -41.16 -18.33
CA GLY A 653 24.29 -41.24 -18.03
C GLY A 653 25.19 -41.48 -19.23
N ASP A 654 24.62 -41.84 -20.37
CA ASP A 654 25.44 -42.09 -21.56
C ASP A 654 26.16 -40.83 -22.01
N LEU A 655 25.45 -39.70 -22.05
CA LEU A 655 26.03 -38.43 -22.49
C LEU A 655 26.36 -37.51 -21.33
N VAL A 656 25.54 -37.51 -20.28
CA VAL A 656 25.74 -36.59 -19.15
C VAL A 656 26.86 -37.12 -18.27
N LYS A 657 27.85 -36.27 -18.00
CA LYS A 657 28.98 -36.62 -17.15
C LYS A 657 29.05 -35.76 -15.89
N LEU A 658 28.10 -34.85 -15.68
CA LEU A 658 28.06 -33.98 -14.51
C LEU A 658 26.63 -33.94 -14.00
N TRP A 659 26.44 -34.25 -12.72
CA TRP A 659 25.11 -34.36 -12.15
C TRP A 659 24.99 -33.51 -10.90
N ILE A 660 23.83 -32.87 -10.75
CA ILE A 660 23.46 -32.12 -9.56
C ILE A 660 22.16 -32.70 -9.04
N THR A 661 22.17 -33.16 -7.79
CA THR A 661 20.98 -33.80 -7.22
C THR A 661 19.88 -32.77 -6.97
N ILE A 662 20.05 -31.96 -5.94
CA ILE A 662 19.10 -30.89 -5.62
C ILE A 662 19.74 -29.56 -5.95
N ASN A 663 18.93 -28.62 -6.42
CA ASN A 663 19.37 -27.27 -6.75
C ASN A 663 18.91 -26.33 -5.64
N GLU A 664 19.87 -25.83 -4.87
CA GLU A 664 19.61 -24.97 -3.73
C GLU A 664 18.62 -25.59 -2.74
N PRO A 665 18.98 -26.71 -2.10
CA PRO A 665 18.09 -27.28 -1.07
C PRO A 665 18.07 -26.48 0.21
N ASN A 666 19.08 -25.63 0.45
CA ASN A 666 19.09 -24.80 1.64
C ASN A 666 17.99 -23.75 1.62
N ARG A 667 17.41 -23.46 0.45
CA ARG A 667 16.32 -22.51 0.32
C ARG A 667 14.95 -23.18 0.39
N LEU A 668 14.84 -24.30 1.10
CA LEU A 668 13.54 -24.92 1.35
C LEU A 668 12.92 -24.47 2.66
N SER A 669 13.69 -23.78 3.51
CA SER A 669 13.14 -23.29 4.78
C SER A 669 12.08 -22.23 4.55
N ASP A 670 12.27 -21.38 3.53
CA ASP A 670 11.24 -20.40 3.18
C ASP A 670 9.94 -21.09 2.79
N ILE A 671 10.04 -22.25 2.13
CA ILE A 671 8.87 -23.03 1.77
C ILE A 671 8.31 -23.75 2.99
N ASN A 677 11.67 -26.92 13.49
CA ASN A 677 11.69 -28.36 13.70
C ASN A 677 11.06 -29.09 12.51
N ASP A 678 9.96 -28.54 12.02
CA ASP A 678 9.30 -29.11 10.85
C ASP A 678 9.99 -28.75 9.54
N THR A 679 11.13 -28.07 9.61
CA THR A 679 11.98 -27.83 8.45
C THR A 679 13.32 -28.57 8.52
N TYR A 680 13.84 -28.80 9.73
CA TYR A 680 15.03 -29.63 9.88
C TYR A 680 14.75 -31.07 9.48
N GLY A 681 13.60 -31.60 9.86
CA GLY A 681 13.22 -32.94 9.44
C GLY A 681 12.97 -33.05 7.96
N ALA A 682 12.49 -31.97 7.33
CA ALA A 682 12.33 -31.97 5.88
C ALA A 682 13.70 -31.93 5.19
N ALA A 683 14.60 -31.07 5.67
CA ALA A 683 15.97 -31.08 5.18
C ALA A 683 16.71 -32.35 5.54
N HIS A 684 16.27 -33.05 6.61
CA HIS A 684 16.84 -34.35 6.93
C HIS A 684 16.66 -35.32 5.78
N ASN A 685 15.45 -35.37 5.21
CA ASN A 685 15.19 -36.24 4.07
C ASN A 685 15.87 -35.73 2.81
N LEU A 686 16.01 -34.42 2.66
CA LEU A 686 16.73 -33.86 1.52
C LEU A 686 18.20 -34.29 1.54
N LEU A 687 18.79 -34.42 2.73
CA LEU A 687 20.17 -34.88 2.82
C LEU A 687 20.27 -36.38 2.56
N VAL A 688 19.34 -37.16 3.11
CA VAL A 688 19.37 -38.61 2.90
C VAL A 688 19.10 -38.93 1.44
N ALA A 689 18.17 -38.22 0.81
CA ALA A 689 17.88 -38.45 -0.60
C ALA A 689 19.09 -38.17 -1.48
N HIS A 690 19.93 -37.20 -1.09
CA HIS A 690 21.14 -36.93 -1.85
C HIS A 690 22.13 -38.08 -1.74
N ALA A 691 22.31 -38.63 -0.53
CA ALA A 691 23.22 -39.75 -0.36
C ALA A 691 22.76 -40.97 -1.15
N LEU A 692 21.48 -41.32 -1.01
CA LEU A 692 20.95 -42.48 -1.74
C LEU A 692 21.07 -42.28 -3.24
N ALA A 693 20.92 -41.04 -3.71
CA ALA A 693 21.14 -40.75 -5.12
C ALA A 693 22.61 -40.76 -5.48
N TRP A 694 23.49 -40.52 -4.50
CA TRP A 694 24.93 -40.54 -4.75
C TRP A 694 25.53 -41.93 -4.56
N ARG A 695 25.08 -42.67 -3.55
CA ARG A 695 25.51 -44.06 -3.39
C ARG A 695 25.06 -44.90 -4.58
N LEU A 696 23.90 -44.57 -5.17
CA LEU A 696 23.42 -45.32 -6.33
C LEU A 696 24.29 -45.07 -7.55
N TYR A 697 24.91 -43.89 -7.64
CA TYR A 697 25.81 -43.59 -8.75
C TYR A 697 27.23 -44.06 -8.47
N ASP A 698 27.72 -43.89 -7.24
CA ASP A 698 29.10 -44.24 -6.92
C ASP A 698 29.36 -45.73 -7.10
N ARG A 699 28.39 -46.57 -6.78
CA ARG A 699 28.58 -48.01 -6.80
C ARG A 699 28.20 -48.64 -8.14
N GLN A 700 27.06 -48.23 -8.72
CA GLN A 700 26.52 -48.90 -9.89
C GLN A 700 26.85 -48.20 -11.20
N PHE A 701 26.65 -46.88 -11.28
CA PHE A 701 26.74 -46.17 -12.54
C PHE A 701 28.06 -45.41 -12.74
N ARG A 702 28.90 -45.29 -11.70
CA ARG A 702 30.15 -44.56 -11.88
C ARG A 702 31.10 -45.25 -12.84
N PRO A 703 31.40 -46.54 -12.72
CA PRO A 703 32.34 -47.15 -13.68
C PRO A 703 31.80 -47.21 -15.10
N SER A 704 30.49 -47.32 -15.28
CA SER A 704 29.93 -47.45 -16.63
C SER A 704 29.96 -46.13 -17.38
N GLN A 705 29.55 -45.04 -16.73
CA GLN A 705 29.42 -43.74 -17.40
C GLN A 705 30.58 -42.79 -17.12
N ARG A 706 31.23 -42.94 -15.97
CA ARG A 706 32.46 -42.23 -15.64
C ARG A 706 32.23 -40.72 -15.58
N GLY A 707 31.46 -40.32 -14.58
CA GLY A 707 31.05 -38.93 -14.37
C GLY A 707 31.23 -38.45 -12.95
N ALA A 708 30.63 -37.30 -12.65
CA ALA A 708 30.68 -36.68 -11.34
C ALA A 708 29.28 -36.26 -10.93
N VAL A 709 29.00 -36.36 -9.63
CA VAL A 709 27.70 -36.03 -9.05
C VAL A 709 27.91 -35.22 -7.78
N SER A 710 27.07 -34.20 -7.59
CA SER A 710 27.13 -33.36 -6.39
C SER A 710 25.79 -32.64 -6.25
N LEU A 711 25.79 -31.53 -5.50
CA LEU A 711 24.59 -30.73 -5.32
C LEU A 711 24.99 -29.26 -5.20
N SER A 712 24.07 -28.37 -5.56
CA SER A 712 24.31 -26.93 -5.54
C SER A 712 23.64 -26.31 -4.33
N LEU A 713 24.41 -25.55 -3.55
CA LEU A 713 23.93 -24.94 -2.32
C LEU A 713 23.83 -23.43 -2.48
N HIS A 714 22.92 -22.83 -1.72
CA HIS A 714 22.77 -21.37 -1.69
C HIS A 714 23.98 -20.78 -0.98
N ALA A 715 24.80 -20.04 -1.72
CA ALA A 715 26.10 -19.58 -1.23
C ALA A 715 26.15 -18.05 -1.27
N ASP A 716 25.33 -17.42 -0.43
CA ASP A 716 25.36 -15.97 -0.27
C ASP A 716 26.31 -15.63 0.88
N TRP A 717 27.31 -14.80 0.60
CA TRP A 717 28.28 -14.41 1.61
C TRP A 717 27.64 -13.43 2.60
N ALA A 718 28.22 -13.38 3.80
CA ALA A 718 27.72 -12.53 4.87
C ALA A 718 28.84 -11.69 5.46
N GLU A 719 28.44 -10.57 6.05
CA GLU A 719 29.33 -9.65 6.73
C GLU A 719 28.53 -8.93 7.80
N PRO A 720 29.17 -8.46 8.88
CA PRO A 720 28.42 -7.78 9.93
C PRO A 720 27.88 -6.45 9.45
N ALA A 721 26.70 -6.09 9.98
CA ALA A 721 26.09 -4.81 9.67
C ALA A 721 26.74 -3.66 10.44
N ASN A 722 27.41 -3.95 11.54
CA ASN A 722 28.09 -2.93 12.35
C ASN A 722 29.45 -3.48 12.74
N PRO A 723 30.52 -3.07 12.05
CA PRO A 723 31.85 -3.59 12.38
C PRO A 723 32.38 -3.06 13.70
N TYR A 724 31.56 -2.28 14.41
CA TYR A 724 31.90 -1.79 15.74
C TYR A 724 31.07 -2.44 16.83
N ALA A 725 30.17 -3.36 16.47
CA ALA A 725 29.41 -4.15 17.43
C ALA A 725 29.80 -5.62 17.26
N ASP A 726 30.28 -6.23 18.33
CA ASP A 726 30.79 -7.59 18.24
C ASP A 726 29.68 -8.60 17.98
N SER A 727 28.47 -8.35 18.49
CA SER A 727 27.37 -9.29 18.30
C SER A 727 27.03 -9.50 16.83
N HIS A 728 27.46 -8.60 15.95
CA HIS A 728 27.26 -8.80 14.51
C HIS A 728 28.36 -9.68 13.92
N TRP A 729 29.57 -9.63 14.48
CA TRP A 729 30.66 -10.45 13.95
C TRP A 729 30.41 -11.93 14.22
N ARG A 730 30.03 -12.27 15.45
CA ARG A 730 29.74 -13.67 15.77
C ARG A 730 28.53 -14.18 14.98
N ALA A 731 27.55 -13.31 14.74
CA ALA A 731 26.38 -13.70 13.97
C ALA A 731 26.69 -13.79 12.47
N ALA A 732 27.79 -13.17 12.03
CA ALA A 732 28.17 -13.25 10.62
C ALA A 732 28.48 -14.69 10.23
N GLU A 733 29.26 -15.39 11.06
CA GLU A 733 29.52 -16.80 10.81
C GLU A 733 28.32 -17.67 11.17
N ARG A 734 27.51 -17.25 12.14
CA ARG A 734 26.33 -18.02 12.49
C ARG A 734 25.35 -18.10 11.33
N PHE A 735 25.29 -17.06 10.50
CA PHE A 735 24.51 -17.15 9.26
C PHE A 735 25.10 -18.18 8.32
N LEU A 736 26.42 -18.14 8.11
CA LEU A 736 27.06 -19.08 7.19
C LEU A 736 26.94 -20.52 7.70
N GLN A 737 26.98 -20.71 9.01
CA GLN A 737 26.81 -22.05 9.56
C GLN A 737 25.39 -22.55 9.36
N PHE A 738 24.40 -21.67 9.58
CA PHE A 738 23.00 -22.05 9.37
C PHE A 738 22.63 -22.17 7.90
N GLU A 739 23.51 -21.76 6.99
CA GLU A 739 23.21 -21.80 5.55
C GLU A 739 24.12 -22.78 4.80
N ILE A 740 25.43 -22.56 4.82
CA ILE A 740 26.33 -23.42 4.07
C ILE A 740 26.61 -24.71 4.83
N ALA A 741 27.11 -24.58 6.06
CA ALA A 741 27.50 -25.76 6.85
C ALA A 741 26.34 -26.68 7.13
N TRP A 742 25.10 -26.17 7.04
CA TRP A 742 23.92 -27.00 7.27
C TRP A 742 23.91 -28.21 6.34
N PHE A 743 24.30 -28.02 5.08
CA PHE A 743 24.32 -29.09 4.09
C PHE A 743 25.72 -29.44 3.63
N ALA A 744 26.75 -28.97 4.33
CA ALA A 744 28.13 -29.17 3.91
C ALA A 744 28.88 -30.13 4.82
N GLU A 745 29.06 -29.79 6.09
CA GLU A 745 29.77 -30.67 7.02
C GLU A 745 29.25 -32.11 7.01
N PRO A 746 27.95 -32.39 6.86
CA PRO A 746 27.53 -33.78 6.62
C PRO A 746 28.04 -34.32 5.30
N LEU A 747 27.71 -33.64 4.20
CA LEU A 747 27.99 -34.15 2.86
C LEU A 747 29.45 -33.96 2.44
N PHE A 748 30.22 -33.13 3.14
CA PHE A 748 31.62 -32.89 2.80
C PHE A 748 32.59 -33.51 3.78
N LYS A 749 32.39 -33.29 5.08
CA LYS A 749 33.44 -33.54 6.06
C LYS A 749 33.03 -34.57 7.12
N THR A 750 32.27 -34.13 8.12
CA THR A 750 32.06 -34.95 9.31
C THR A 750 31.02 -36.04 9.07
N GLY A 751 29.82 -35.66 8.63
CA GLY A 751 28.70 -36.57 8.49
C GLY A 751 27.49 -36.15 9.32
N ASP A 752 27.72 -35.38 10.38
CA ASP A 752 26.66 -34.82 11.21
C ASP A 752 26.49 -33.34 10.87
N TYR A 753 25.42 -32.76 11.43
CA TYR A 753 25.18 -31.33 11.26
C TYR A 753 26.35 -30.53 11.84
N PRO A 754 26.50 -29.28 11.44
CA PRO A 754 27.54 -28.44 12.03
C PRO A 754 27.30 -28.24 13.52
N ALA A 755 28.37 -28.42 14.31
CA ALA A 755 28.24 -28.35 15.76
C ALA A 755 27.83 -26.96 16.21
N ALA A 756 28.34 -25.91 15.55
CA ALA A 756 27.96 -24.56 15.90
C ALA A 756 26.47 -24.32 15.71
N MET A 757 25.91 -24.86 14.62
CA MET A 757 24.47 -24.77 14.41
C MET A 757 23.72 -25.67 15.38
N ARG A 758 24.25 -26.87 15.65
CA ARG A 758 23.58 -27.80 16.55
C ARG A 758 23.62 -27.31 17.99
N GLU A 759 24.72 -26.69 18.41
CA GLU A 759 24.84 -26.24 19.79
C GLU A 759 24.09 -24.94 20.05
N TYR A 760 23.95 -24.07 19.03
CA TYR A 760 23.29 -22.80 19.24
C TYR A 760 21.78 -22.98 19.42
N ILE A 761 21.17 -23.90 18.65
CA ILE A 761 19.73 -24.11 18.74
C ILE A 761 19.34 -24.56 20.15
N ALA A 762 20.20 -25.38 20.78
CA ALA A 762 19.92 -25.82 22.14
C ALA A 762 19.98 -24.67 23.13
N SER A 763 20.84 -23.69 22.90
CA SER A 763 20.93 -22.54 23.80
C SER A 763 19.66 -21.70 23.74
N LYS A 764 19.05 -21.61 22.56
CA LYS A 764 17.76 -20.91 22.46
C LYS A 764 16.67 -21.68 23.19
N HIS A 765 16.64 -23.00 23.04
CA HIS A 765 15.67 -23.84 23.74
C HIS A 765 15.98 -23.95 25.23
N ARG A 766 17.18 -23.58 25.67
CA ARG A 766 17.54 -23.73 27.08
C ARG A 766 16.68 -22.85 27.96
N ARG A 767 16.53 -21.57 27.60
CA ARG A 767 15.67 -20.65 28.33
C ARG A 767 14.26 -20.57 27.73
N GLY A 768 13.97 -21.38 26.73
CA GLY A 768 12.62 -21.51 26.20
C GLY A 768 12.39 -20.86 24.85
N LEU A 769 13.34 -20.05 24.36
CA LEU A 769 13.11 -19.26 23.15
C LEU A 769 12.61 -20.12 21.98
N SER A 770 13.14 -21.33 21.85
CA SER A 770 12.76 -22.24 20.78
C SER A 770 12.16 -23.50 21.36
N SER A 771 11.05 -23.95 20.80
CA SER A 771 10.48 -25.25 21.11
C SER A 771 10.94 -26.33 20.14
N SER A 772 12.06 -26.12 19.47
CA SER A 772 12.55 -27.02 18.44
C SER A 772 13.96 -27.51 18.79
N ALA A 773 14.34 -28.63 18.19
CA ALA A 773 15.64 -29.23 18.42
C ALA A 773 16.16 -29.84 17.11
N LEU A 774 17.43 -29.63 16.84
CA LEU A 774 18.04 -30.22 15.65
C LEU A 774 18.21 -31.71 15.86
N PRO A 775 17.82 -32.54 14.89
CA PRO A 775 17.91 -33.99 15.09
C PRO A 775 19.35 -34.45 15.27
N ARG A 776 19.54 -35.39 16.21
CA ARG A 776 20.85 -35.97 16.48
C ARG A 776 21.03 -37.23 15.67
N LEU A 777 22.14 -37.31 14.93
CA LEU A 777 22.38 -38.42 14.02
C LEU A 777 23.11 -39.56 14.73
N THR A 778 22.89 -40.77 14.20
CA THR A 778 23.54 -41.96 14.72
C THR A 778 24.86 -42.21 13.98
N GLU A 779 25.52 -43.31 14.31
CA GLU A 779 26.76 -43.67 13.62
C GLU A 779 26.47 -44.10 12.18
N ALA A 780 25.30 -44.68 11.93
CA ALA A 780 25.00 -45.18 10.60
C ALA A 780 24.67 -44.04 9.64
N GLU A 781 23.79 -43.14 10.06
CA GLU A 781 23.39 -42.03 9.19
C GLU A 781 24.57 -41.12 8.87
N ARG A 782 25.42 -40.85 9.86
CA ARG A 782 26.61 -40.06 9.61
C ARG A 782 27.59 -40.79 8.69
N ARG A 783 27.62 -42.12 8.77
CA ARG A 783 28.46 -42.90 7.87
C ARG A 783 27.89 -42.91 6.46
N LEU A 784 26.60 -42.64 6.28
CA LEU A 784 26.02 -42.67 4.95
C LEU A 784 26.19 -41.33 4.24
N LEU A 785 26.09 -40.23 4.97
CA LEU A 785 26.13 -38.91 4.35
C LEU A 785 27.55 -38.41 4.09
N LYS A 786 28.55 -38.99 4.76
CA LYS A 786 29.89 -38.42 4.72
C LYS A 786 30.51 -38.57 3.33
N GLY A 787 30.99 -37.45 2.79
CA GLY A 787 31.75 -37.46 1.55
C GLY A 787 30.98 -37.96 0.35
N THR A 788 29.71 -37.60 0.24
CA THR A 788 28.87 -38.03 -0.88
C THR A 788 28.80 -36.96 -1.98
N VAL A 789 29.90 -36.28 -2.24
CA VAL A 789 29.99 -35.31 -3.32
C VAL A 789 31.29 -35.54 -4.08
N ASP A 790 31.30 -35.13 -5.35
CA ASP A 790 32.49 -35.18 -6.18
C ASP A 790 33.11 -33.81 -6.41
N PHE A 791 32.43 -32.74 -6.01
CA PHE A 791 32.95 -31.37 -6.11
C PHE A 791 32.06 -30.48 -5.24
N CYS A 792 32.35 -29.18 -5.26
CA CYS A 792 31.58 -28.20 -4.52
C CYS A 792 30.86 -27.28 -5.51
N ALA A 793 29.56 -27.15 -5.34
CA ALA A 793 28.73 -26.28 -6.18
C ALA A 793 28.10 -25.20 -5.32
N LEU A 794 28.07 -23.97 -5.84
CA LEU A 794 27.64 -22.81 -5.08
C LEU A 794 26.68 -21.96 -5.91
N ASN A 795 25.63 -21.48 -5.24
CA ASN A 795 24.66 -20.55 -5.83
C ASN A 795 24.87 -19.19 -5.19
N HIS A 796 25.84 -18.44 -5.70
CA HIS A 796 26.22 -17.15 -5.15
C HIS A 796 25.62 -16.04 -5.99
N PHE A 797 24.86 -15.15 -5.35
CA PHE A 797 24.29 -13.98 -6.01
C PHE A 797 24.80 -12.68 -5.41
N THR A 798 24.50 -12.40 -4.14
CA THR A 798 24.91 -11.15 -3.53
C THR A 798 25.57 -11.37 -2.19
N THR A 799 25.51 -10.39 -1.30
CA THR A 799 26.12 -10.46 0.02
C THR A 799 25.21 -9.77 1.01
N ARG A 800 24.74 -10.52 2.02
CA ARG A 800 23.87 -9.98 3.05
C ARG A 800 24.71 -9.34 4.16
N PHE A 801 24.06 -8.46 4.93
CA PHE A 801 24.67 -7.81 6.08
C PHE A 801 23.89 -8.22 7.31
N VAL A 802 24.32 -9.31 7.94
CA VAL A 802 23.59 -9.83 9.10
C VAL A 802 23.89 -8.96 10.31
N MET A 803 22.90 -8.87 11.21
CA MET A 803 23.07 -8.19 12.47
C MET A 803 22.40 -9.03 13.55
N HIS A 804 22.59 -8.62 14.80
CA HIS A 804 22.13 -9.40 15.94
C HIS A 804 20.80 -8.88 16.47
N GLU A 805 19.98 -9.80 16.97
CA GLU A 805 18.70 -9.50 17.59
C GLU A 805 18.15 -10.79 18.19
N GLN A 806 17.48 -10.67 19.34
CA GLN A 806 16.86 -11.83 19.98
C GLN A 806 15.50 -12.07 19.32
N LEU A 807 15.54 -12.71 18.15
CA LEU A 807 14.32 -12.94 17.39
C LEU A 807 13.39 -13.89 18.12
N ALA A 808 12.12 -13.50 18.20
CA ALA A 808 11.10 -14.32 18.83
C ALA A 808 10.52 -15.32 17.83
N GLY A 809 10.00 -16.41 18.37
CA GLY A 809 9.39 -17.46 17.57
C GLY A 809 10.16 -18.77 17.67
N SER A 810 9.52 -19.82 17.18
CA SER A 810 10.09 -21.15 17.15
C SER A 810 10.41 -21.62 15.74
N ARG A 811 10.41 -20.71 14.77
CA ARG A 811 10.69 -21.05 13.39
C ARG A 811 12.20 -21.08 13.14
N TYR A 812 12.58 -21.37 11.89
CA TYR A 812 14.00 -21.49 11.55
C TYR A 812 14.71 -20.15 11.65
N ASP A 813 14.11 -19.09 11.10
CA ASP A 813 14.74 -17.77 11.15
C ASP A 813 14.90 -17.28 12.59
N SER A 814 13.99 -17.69 13.49
CA SER A 814 14.11 -17.34 14.89
C SER A 814 15.10 -18.22 15.64
N ASP A 815 15.68 -19.22 14.98
CA ASP A 815 16.68 -20.06 15.64
C ASP A 815 18.08 -19.49 15.53
N ARG A 816 18.38 -18.74 14.46
CA ARG A 816 19.71 -18.18 14.28
C ARG A 816 19.84 -16.77 14.84
N ASP A 817 18.73 -16.13 15.24
CA ASP A 817 18.75 -14.81 15.85
C ASP A 817 19.50 -13.81 14.99
N ILE A 818 18.99 -13.59 13.79
CA ILE A 818 19.65 -12.77 12.78
C ILE A 818 18.62 -11.90 12.08
N GLN A 819 18.95 -10.62 11.91
CA GLN A 819 18.20 -9.71 11.07
C GLN A 819 19.12 -9.13 10.01
N PHE A 820 18.55 -8.77 8.87
CA PHE A 820 19.31 -8.31 7.72
C PHE A 820 19.07 -6.83 7.47
N LEU A 821 20.10 -6.16 6.95
CA LEU A 821 20.07 -4.73 6.70
C LEU A 821 20.42 -4.46 5.25
N GLN A 822 19.57 -3.69 4.57
CA GLN A 822 19.85 -3.23 3.22
C GLN A 822 20.55 -1.88 3.29
N ASP A 823 21.56 -1.70 2.46
CA ASP A 823 22.33 -0.45 2.41
C ASP A 823 22.02 0.26 1.11
N ILE A 824 21.26 1.35 1.19
CA ILE A 824 20.94 2.15 0.01
C ILE A 824 22.15 2.87 -0.56
N THR A 825 23.27 2.87 0.16
CA THR A 825 24.50 3.45 -0.38
C THR A 825 25.07 2.58 -1.50
N ARG A 826 25.22 1.29 -1.23
CA ARG A 826 25.79 0.39 -2.22
C ARG A 826 24.84 0.19 -3.40
N LEU A 827 25.43 -0.02 -4.58
CA LEU A 827 24.67 -0.23 -5.80
C LEU A 827 23.79 -1.46 -5.69
N SER A 828 22.49 -1.27 -5.60
CA SER A 828 21.54 -2.37 -5.50
C SER A 828 20.91 -2.64 -6.87
N SER A 829 20.06 -3.65 -6.92
CA SER A 829 19.33 -4.05 -8.11
C SER A 829 17.87 -3.62 -7.99
N PRO A 830 17.08 -3.77 -9.06
CA PRO A 830 15.63 -3.54 -8.93
C PRO A 830 14.98 -4.33 -7.81
N THR A 831 15.44 -5.56 -7.55
CA THR A 831 14.94 -6.37 -6.45
C THR A 831 15.85 -6.32 -5.23
N ARG A 832 16.56 -5.20 -5.04
CA ARG A 832 17.38 -4.93 -3.86
C ARG A 832 18.55 -5.90 -3.72
N LEU A 833 18.96 -6.57 -4.80
CA LEU A 833 20.16 -7.41 -4.76
C LEU A 833 21.38 -6.50 -4.76
N ALA A 834 21.98 -6.33 -3.57
CA ALA A 834 23.14 -5.45 -3.43
C ALA A 834 24.33 -5.98 -4.23
N VAL A 835 24.67 -5.30 -5.31
CA VAL A 835 25.78 -5.70 -6.16
C VAL A 835 27.09 -5.45 -5.42
N ILE A 836 27.60 -6.48 -4.75
CA ILE A 836 28.82 -6.41 -3.97
C ILE A 836 29.79 -7.45 -4.50
N PRO A 837 30.79 -7.05 -5.28
CA PRO A 837 31.65 -8.05 -5.94
C PRO A 837 32.53 -8.83 -4.98
N TRP A 838 33.13 -8.17 -4.00
CA TRP A 838 34.10 -8.84 -3.12
C TRP A 838 33.46 -9.86 -2.17
N GLY A 839 32.21 -10.26 -2.35
CA GLY A 839 31.65 -11.29 -1.49
C GLY A 839 31.98 -12.70 -1.92
N VAL A 840 32.16 -12.91 -3.24
CA VAL A 840 32.47 -14.25 -3.73
C VAL A 840 33.89 -14.65 -3.36
N ARG A 841 34.82 -13.69 -3.35
CA ARG A 841 36.20 -14.00 -3.00
C ARG A 841 36.30 -14.44 -1.54
N LYS A 842 35.65 -13.70 -0.64
CA LYS A 842 35.62 -14.10 0.76
C LYS A 842 34.86 -15.41 0.96
N LEU A 843 33.94 -15.74 0.06
CA LEU A 843 33.24 -17.01 0.12
C LEU A 843 34.12 -18.16 -0.38
N LEU A 844 34.75 -17.97 -1.55
CA LEU A 844 35.64 -18.99 -2.08
C LEU A 844 36.83 -19.22 -1.17
N ARG A 845 37.21 -18.21 -0.39
CA ARG A 845 38.25 -18.41 0.63
C ARG A 845 37.69 -19.10 1.86
N TRP A 846 36.42 -18.88 2.18
CA TRP A 846 35.82 -19.55 3.33
C TRP A 846 35.56 -21.03 3.05
N VAL A 847 35.21 -21.38 1.81
CA VAL A 847 34.97 -22.78 1.47
C VAL A 847 36.27 -23.57 1.52
N ARG A 848 37.36 -23.00 0.97
CA ARG A 848 38.64 -23.70 0.96
C ARG A 848 39.18 -23.91 2.37
N ARG A 849 39.02 -22.91 3.24
CA ARG A 849 39.53 -23.02 4.59
C ARG A 849 38.71 -24.01 5.41
N ASN A 850 37.41 -24.09 5.15
CA ASN A 850 36.55 -24.90 6.00
C ASN A 850 36.52 -26.35 5.57
N TYR A 851 36.48 -26.61 4.26
CA TYR A 851 36.22 -27.93 3.73
C TYR A 851 37.34 -28.44 2.84
N GLY A 852 38.57 -28.10 3.16
CA GLY A 852 39.70 -28.65 2.45
C GLY A 852 39.81 -28.16 1.02
N ASP A 853 40.79 -28.74 0.32
CA ASP A 853 41.13 -28.38 -1.06
C ASP A 853 40.42 -29.34 -1.99
N MET A 854 39.24 -28.95 -2.45
CA MET A 854 38.48 -29.69 -3.44
C MET A 854 38.18 -28.78 -4.62
N ASP A 855 37.61 -29.36 -5.67
CA ASP A 855 37.21 -28.60 -6.84
C ASP A 855 35.92 -27.84 -6.55
N ILE A 856 35.87 -26.58 -6.96
CA ILE A 856 34.75 -25.70 -6.70
C ILE A 856 34.13 -25.26 -8.02
N TYR A 857 32.80 -25.23 -8.06
CA TYR A 857 32.05 -24.79 -9.22
C TYR A 857 31.05 -23.73 -8.78
N ILE A 858 30.96 -22.64 -9.54
CA ILE A 858 29.95 -21.62 -9.34
C ILE A 858 28.81 -21.94 -10.31
N THR A 859 27.72 -22.48 -9.78
CA THR A 859 26.64 -23.01 -10.60
C THR A 859 25.51 -22.01 -10.83
N ALA A 860 25.54 -20.84 -10.19
CA ALA A 860 24.50 -19.84 -10.38
C ALA A 860 25.04 -18.50 -9.91
N SER A 861 25.17 -17.55 -10.83
CA SER A 861 25.64 -16.20 -10.51
C SER A 861 25.07 -15.24 -11.53
N GLY A 862 24.11 -14.41 -11.12
CA GLY A 862 23.49 -13.48 -12.01
C GLY A 862 22.87 -12.32 -11.26
N ILE A 863 22.21 -11.45 -12.03
CA ILE A 863 21.58 -10.26 -11.48
C ILE A 863 20.43 -9.87 -12.39
N ASP A 864 19.42 -9.22 -11.82
CA ASP A 864 18.29 -8.74 -12.59
C ASP A 864 18.47 -7.26 -12.94
N ASP A 865 17.81 -6.84 -14.01
CA ASP A 865 17.89 -5.46 -14.46
C ASP A 865 16.64 -5.14 -15.27
N GLN A 866 16.07 -3.96 -15.03
CA GLN A 866 14.88 -3.55 -15.76
C GLN A 866 15.14 -3.38 -17.25
N ALA A 867 16.39 -3.19 -17.65
CA ALA A 867 16.73 -3.05 -19.05
C ALA A 867 16.53 -4.37 -19.80
N LEU A 868 16.11 -4.26 -21.06
CA LEU A 868 15.86 -5.42 -21.88
C LEU A 868 16.73 -5.46 -23.14
N GLU A 869 17.53 -4.43 -23.38
CA GLU A 869 18.41 -4.39 -24.54
C GLU A 869 19.83 -3.94 -24.24
N ASP A 870 20.05 -3.17 -23.15
CA ASP A 870 21.38 -2.71 -22.75
C ASP A 870 21.46 -2.78 -21.23
N ASP A 871 21.44 -4.00 -20.70
CA ASP A 871 21.48 -4.24 -19.26
C ASP A 871 22.86 -3.85 -18.73
N ARG A 872 23.01 -2.55 -18.47
CA ARG A 872 24.28 -2.03 -17.97
C ARG A 872 24.59 -2.53 -16.57
N LEU A 873 23.56 -2.87 -15.78
CA LEU A 873 23.80 -3.39 -14.44
C LEU A 873 24.41 -4.79 -14.49
N ARG A 874 23.95 -5.62 -15.42
CA ARG A 874 24.47 -6.98 -15.51
C ARG A 874 25.92 -7.00 -15.97
N LYS A 875 26.26 -6.18 -16.96
CA LYS A 875 27.64 -6.12 -17.43
C LYS A 875 28.57 -5.65 -16.33
N TYR A 876 28.15 -4.67 -15.55
CA TYR A 876 28.93 -4.26 -14.40
C TYR A 876 28.96 -5.35 -13.33
N TYR A 877 27.82 -6.01 -13.12
CA TYR A 877 27.77 -7.12 -12.18
C TYR A 877 28.64 -8.28 -12.65
N LEU A 878 28.54 -8.63 -13.94
CA LEU A 878 29.29 -9.76 -14.46
C LEU A 878 30.79 -9.49 -14.40
N GLY A 879 31.23 -8.34 -14.93
CA GLY A 879 32.65 -8.05 -14.98
C GLY A 879 33.26 -7.88 -13.60
N LYS A 880 32.57 -7.18 -12.71
CA LYS A 880 33.11 -6.95 -11.37
C LYS A 880 33.14 -8.24 -10.55
N TYR A 881 32.21 -9.16 -10.80
CA TYR A 881 32.23 -10.44 -10.10
C TYR A 881 33.24 -11.39 -10.71
N LEU A 882 33.26 -11.50 -12.04
CA LEU A 882 34.28 -12.30 -12.71
C LEU A 882 35.68 -11.79 -12.42
N GLN A 883 35.82 -10.52 -12.04
CA GLN A 883 37.12 -10.01 -11.61
C GLN A 883 37.53 -10.61 -10.27
N GLU A 884 36.56 -10.93 -9.41
CA GLU A 884 36.88 -11.42 -8.08
C GLU A 884 37.26 -12.90 -8.09
N VAL A 885 36.56 -13.71 -8.89
CA VAL A 885 36.90 -15.13 -8.97
C VAL A 885 38.28 -15.32 -9.57
N LEU A 886 38.68 -14.43 -10.47
CA LEU A 886 40.05 -14.47 -11.00
C LEU A 886 41.06 -14.10 -9.92
N LYS A 887 40.69 -13.19 -9.01
CA LYS A 887 41.58 -12.81 -7.94
C LYS A 887 41.82 -13.96 -6.97
N ALA A 888 40.78 -14.73 -6.67
CA ALA A 888 40.95 -15.88 -5.77
C ALA A 888 41.75 -16.98 -6.42
N TYR A 889 41.61 -17.16 -7.74
CA TYR A 889 42.32 -18.23 -8.44
C TYR A 889 43.81 -17.95 -8.51
N LEU A 890 44.19 -16.73 -8.90
CA LEU A 890 45.57 -16.39 -9.14
C LEU A 890 46.33 -15.92 -7.90
N ILE A 891 45.63 -15.64 -6.80
CA ILE A 891 46.25 -15.14 -5.57
C ILE A 891 46.01 -16.08 -4.41
N ASP A 892 44.74 -16.40 -4.12
CA ASP A 892 44.42 -17.27 -2.99
C ASP A 892 44.51 -18.76 -3.33
N LYS A 893 44.76 -19.10 -4.59
CA LYS A 893 44.96 -20.49 -5.01
C LYS A 893 43.74 -21.36 -4.68
N VAL A 894 42.57 -20.90 -5.10
CA VAL A 894 41.33 -21.63 -4.90
C VAL A 894 41.04 -22.44 -6.15
N ARG A 895 40.75 -23.74 -5.98
CA ARG A 895 40.45 -24.62 -7.10
C ARG A 895 39.05 -24.34 -7.62
N ILE A 896 38.91 -23.19 -8.27
CA ILE A 896 37.67 -22.81 -8.94
C ILE A 896 37.78 -23.24 -10.40
N LYS A 897 36.74 -23.92 -10.90
CA LYS A 897 36.80 -24.55 -12.21
C LYS A 897 35.63 -24.23 -13.13
N GLY A 898 34.57 -23.60 -12.64
CA GLY A 898 33.42 -23.33 -13.49
C GLY A 898 32.66 -22.10 -13.02
N TYR A 899 32.01 -21.44 -13.97
CA TYR A 899 31.19 -20.28 -13.70
C TYR A 899 29.92 -20.39 -14.55
N TYR A 900 28.76 -20.36 -13.89
CA TYR A 900 27.47 -20.49 -14.56
C TYR A 900 26.66 -19.22 -14.32
N ALA A 901 26.41 -18.46 -15.40
CA ALA A 901 25.47 -17.34 -15.30
C ALA A 901 24.08 -17.87 -14.97
N PHE A 902 23.32 -17.07 -14.22
CA PHE A 902 22.13 -17.60 -13.54
C PHE A 902 21.07 -18.06 -14.54
N LYS A 903 20.60 -17.15 -15.40
CA LYS A 903 19.46 -17.46 -16.25
C LYS A 903 19.79 -17.15 -17.71
N LEU A 904 19.51 -18.13 -18.58
CA LEU A 904 19.65 -17.90 -20.01
C LEU A 904 18.44 -17.15 -20.58
N ALA A 905 17.28 -17.27 -19.94
CA ALA A 905 16.08 -16.57 -20.36
C ALA A 905 15.17 -16.37 -19.16
N GLU A 906 14.16 -15.52 -19.33
CA GLU A 906 13.22 -15.18 -18.27
C GLU A 906 11.80 -15.40 -18.79
N GLU A 907 10.82 -15.13 -17.92
CA GLU A 907 9.41 -15.25 -18.26
C GLU A 907 8.77 -13.86 -18.34
N LYS A 908 7.51 -13.84 -18.77
CA LYS A 908 6.83 -12.58 -19.02
C LYS A 908 6.67 -11.75 -17.75
N SER A 909 6.16 -12.38 -16.69
CA SER A 909 5.92 -11.70 -15.42
C SER A 909 6.95 -12.05 -14.36
N LYS A 910 7.99 -12.81 -14.71
CA LYS A 910 9.03 -13.19 -13.78
C LYS A 910 10.09 -12.10 -13.69
N PRO A 911 10.86 -12.08 -12.60
CA PRO A 911 11.99 -11.13 -12.52
C PRO A 911 12.96 -11.33 -13.66
N ARG A 912 13.21 -10.25 -14.41
CA ARG A 912 14.06 -10.30 -15.60
C ARG A 912 15.49 -10.62 -15.18
N PHE A 913 15.74 -11.90 -14.93
CA PHE A 913 17.06 -12.39 -14.56
C PHE A 913 17.84 -12.97 -15.73
N GLY A 914 17.18 -13.21 -16.87
CA GLY A 914 17.82 -13.91 -17.96
C GLY A 914 18.66 -13.00 -18.85
N PHE A 915 19.52 -13.65 -19.63
CA PHE A 915 20.32 -12.94 -20.63
C PHE A 915 19.54 -12.68 -21.91
N PHE A 916 18.44 -13.38 -22.12
CA PHE A 916 17.59 -13.19 -23.29
C PHE A 916 16.22 -12.71 -22.86
N THR A 917 15.54 -12.02 -23.78
CA THR A 917 14.25 -11.42 -23.49
C THR A 917 13.17 -12.51 -23.40
N SER A 918 11.95 -12.08 -23.03
CA SER A 918 10.82 -12.99 -23.02
C SER A 918 10.56 -13.54 -24.42
N ASP A 919 10.71 -12.71 -25.44
CA ASP A 919 10.64 -13.14 -26.84
C ASP A 919 11.96 -13.74 -27.32
N PHE A 920 12.87 -14.04 -26.40
CA PHE A 920 14.16 -14.67 -26.73
C PHE A 920 14.99 -13.79 -27.67
N LYS A 921 15.02 -12.49 -27.38
CA LYS A 921 15.86 -11.54 -28.09
C LYS A 921 17.13 -11.28 -27.29
N ALA A 922 18.26 -11.21 -27.98
CA ALA A 922 19.55 -11.14 -27.31
C ALA A 922 19.76 -9.75 -26.70
N LYS A 923 19.95 -9.71 -25.39
CA LYS A 923 20.41 -8.50 -24.72
C LYS A 923 21.91 -8.31 -24.97
N SER A 924 22.41 -7.13 -24.65
CA SER A 924 23.82 -6.85 -24.83
C SER A 924 24.70 -7.56 -23.81
N SER A 925 24.10 -8.25 -22.83
CA SER A 925 24.90 -8.95 -21.82
C SER A 925 25.58 -10.18 -22.40
N ILE A 926 25.02 -10.77 -23.46
CA ILE A 926 25.61 -11.96 -24.05
C ILE A 926 26.97 -11.65 -24.64
N GLN A 927 27.10 -10.51 -25.32
CA GLN A 927 28.34 -10.20 -26.02
C GLN A 927 29.44 -9.76 -25.06
N PHE A 928 29.09 -9.19 -23.92
CA PHE A 928 30.11 -8.92 -22.91
C PHE A 928 30.58 -10.22 -22.25
N TYR A 929 29.69 -11.21 -22.14
CA TYR A 929 30.09 -12.51 -21.63
C TYR A 929 31.08 -13.18 -22.59
N ASN A 930 30.80 -13.13 -23.89
CA ASN A 930 31.71 -13.72 -24.86
C ASN A 930 33.08 -13.04 -24.84
N LYS A 931 33.13 -11.74 -24.54
CA LYS A 931 34.41 -11.06 -24.45
C LYS A 931 35.25 -11.62 -23.30
N VAL A 932 34.61 -11.95 -22.18
CA VAL A 932 35.33 -12.54 -21.07
C VAL A 932 35.63 -14.02 -21.33
N ILE A 933 34.73 -14.72 -22.02
CA ILE A 933 34.95 -16.13 -22.30
C ILE A 933 36.04 -16.31 -23.35
N SER A 934 36.01 -15.48 -24.41
CA SER A 934 37.06 -15.55 -25.42
C SER A 934 38.41 -15.13 -24.86
N SER A 935 38.42 -14.10 -24.00
CA SER A 935 39.66 -13.66 -23.39
C SER A 935 40.08 -14.51 -22.20
N ARG A 936 39.20 -15.38 -21.70
CA ARG A 936 39.47 -16.24 -20.55
C ARG A 936 39.93 -15.40 -19.35
N GLY A 937 39.19 -14.34 -19.08
CA GLY A 937 39.49 -13.43 -17.98
C GLY A 937 39.83 -12.04 -18.49
N PHE A 938 40.84 -11.42 -17.86
CA PHE A 938 41.26 -10.07 -18.18
C PHE A 938 42.78 -10.02 -18.24
N PRO A 939 43.38 -10.09 -19.44
CA PRO A 939 44.84 -10.02 -19.59
C PRO A 939 45.39 -8.63 -19.29
N GLN B 1 33.01 -28.77 16.84
CA GLN B 1 34.31 -29.29 16.45
C GLN B 1 35.41 -28.27 16.68
N VAL B 2 35.69 -27.97 17.95
CA VAL B 2 36.71 -26.99 18.33
C VAL B 2 37.54 -27.58 19.47
N GLN B 3 38.80 -27.15 19.55
CA GLN B 3 39.69 -27.51 20.64
C GLN B 3 40.38 -26.26 21.16
N LEU B 4 40.72 -26.28 22.45
CA LEU B 4 41.35 -25.16 23.13
C LEU B 4 42.69 -25.58 23.69
N VAL B 5 43.76 -24.91 23.28
CA VAL B 5 45.10 -25.17 23.79
C VAL B 5 45.49 -24.04 24.74
N GLU B 6 44.99 -24.09 25.96
CA GLU B 6 45.26 -23.07 26.96
C GLU B 6 46.71 -23.17 27.39
N SER B 7 47.57 -22.35 26.79
CA SER B 7 48.99 -22.36 27.09
C SER B 7 49.31 -21.32 28.16
N GLY B 8 50.56 -21.30 28.60
CA GLY B 8 51.03 -20.36 29.59
C GLY B 8 51.60 -21.05 30.82
N GLY B 9 52.20 -20.23 31.68
CA GLY B 9 52.76 -20.72 32.92
C GLY B 9 52.81 -19.61 33.94
N GLY B 10 52.65 -19.99 35.21
CA GLY B 10 52.62 -19.02 36.28
C GLY B 10 53.34 -19.44 37.55
N LEU B 11 54.39 -18.70 37.90
CA LEU B 11 55.14 -18.94 39.12
C LEU B 11 56.03 -17.74 39.43
N VAL B 12 55.42 -16.64 39.88
CA VAL B 12 56.14 -15.39 40.12
C VAL B 12 55.77 -14.87 41.50
N GLN B 13 56.62 -13.99 42.01
CA GLN B 13 56.37 -13.35 43.29
C GLN B 13 55.23 -12.33 43.16
N ALA B 14 54.73 -11.88 44.31
CA ALA B 14 53.57 -10.99 44.33
C ALA B 14 53.89 -9.69 43.61
N GLY B 15 52.88 -9.17 42.90
CA GLY B 15 53.02 -7.95 42.14
C GLY B 15 53.50 -8.13 40.71
N GLY B 16 53.75 -9.37 40.29
CA GLY B 16 54.25 -9.62 38.95
C GLY B 16 53.16 -9.65 37.91
N SER B 17 53.58 -9.86 36.66
CA SER B 17 52.68 -9.91 35.52
C SER B 17 52.76 -11.27 34.84
N LEU B 18 51.71 -11.59 34.09
CA LEU B 18 51.64 -12.85 33.35
C LEU B 18 50.95 -12.60 32.01
N ARG B 19 51.34 -13.39 31.01
CA ARG B 19 50.80 -13.28 29.65
C ARG B 19 50.23 -14.65 29.26
N LEU B 20 48.99 -14.89 29.64
CA LEU B 20 48.32 -16.13 29.29
C LEU B 20 47.77 -16.04 27.87
N SER B 21 47.62 -17.20 27.24
CA SER B 21 47.12 -17.26 25.87
C SER B 21 46.56 -18.65 25.61
N CYS B 22 45.33 -18.71 25.10
CA CYS B 22 44.69 -19.96 24.74
C CYS B 22 44.57 -20.03 23.22
N ALA B 23 45.07 -21.11 22.64
CA ALA B 23 45.11 -21.27 21.19
C ALA B 23 43.81 -21.92 20.71
N ALA B 24 43.05 -21.18 19.90
CA ALA B 24 41.88 -21.73 19.24
C ALA B 24 42.31 -22.64 18.10
N SER B 25 41.47 -23.64 17.80
CA SER B 25 41.89 -24.67 16.85
C SER B 25 40.80 -25.05 15.87
N GLY B 26 39.61 -25.39 16.37
CA GLY B 26 38.61 -26.10 15.59
C GLY B 26 37.85 -25.26 14.58
N ARG B 27 36.62 -25.67 14.33
CA ARG B 27 35.81 -25.15 13.24
C ARG B 27 34.84 -24.07 13.72
N ALA B 28 34.73 -23.00 12.92
CA ALA B 28 33.73 -21.94 13.15
C ALA B 28 33.84 -21.34 14.54
N ILE B 29 35.05 -20.90 14.89
CA ILE B 29 35.28 -20.34 16.22
C ILE B 29 34.89 -18.87 16.30
N ARG B 30 34.85 -18.16 15.16
CA ARG B 30 34.44 -16.77 15.17
C ARG B 30 33.01 -16.58 15.66
N SER B 31 32.17 -17.60 15.55
CA SER B 31 30.83 -17.55 16.11
C SER B 31 30.80 -17.88 17.59
N TYR B 32 31.94 -18.16 18.20
CA TYR B 32 32.03 -18.49 19.61
C TYR B 32 32.60 -17.30 20.39
N PHE B 33 32.07 -17.07 21.59
CA PHE B 33 32.64 -16.11 22.52
C PHE B 33 33.40 -16.86 23.60
N MET B 34 34.61 -16.41 23.90
CA MET B 34 35.50 -17.12 24.80
C MET B 34 35.63 -16.38 26.13
N ALA B 35 35.97 -17.14 27.16
CA ALA B 35 36.08 -16.61 28.51
C ALA B 35 37.19 -17.33 29.26
N TRP B 36 37.63 -16.73 30.35
CA TRP B 36 38.62 -17.32 31.24
C TRP B 36 37.99 -17.58 32.61
N PHE B 37 38.38 -18.68 33.23
CA PHE B 37 37.84 -19.07 34.52
C PHE B 37 38.98 -19.48 35.45
N ARG B 38 38.74 -19.31 36.75
CA ARG B 38 39.72 -19.67 37.77
C ARG B 38 39.23 -20.83 38.63
N ARG B 45 35.29 -23.30 40.77
CA ARG B 45 35.28 -22.45 39.59
C ARG B 45 34.94 -21.01 39.95
N GLU B 46 35.34 -20.08 39.08
CA GLU B 46 35.07 -18.67 39.28
C GLU B 46 35.28 -17.94 37.95
N PHE B 47 34.39 -16.99 37.66
CA PHE B 47 34.48 -16.24 36.41
C PHE B 47 35.58 -15.19 36.50
N VAL B 48 36.43 -15.14 35.49
CA VAL B 48 37.54 -14.19 35.46
C VAL B 48 37.24 -13.09 34.45
N ALA B 49 37.23 -13.44 33.17
CA ALA B 49 37.00 -12.46 32.12
C ALA B 49 36.34 -13.15 30.93
N ALA B 50 35.96 -12.36 29.94
CA ALA B 50 35.33 -12.86 28.74
C ALA B 50 35.40 -11.79 27.65
N VAL B 51 35.48 -12.25 26.40
CA VAL B 51 35.43 -11.37 25.25
C VAL B 51 34.38 -11.90 24.27
N GLU B 52 33.43 -11.05 23.92
CA GLU B 52 32.54 -11.33 22.80
C GLU B 52 33.24 -10.79 21.55
N TYR B 53 33.73 -11.70 20.71
CA TYR B 53 34.61 -11.36 19.61
C TYR B 53 35.78 -10.50 20.09
N ILE B 54 35.79 -9.20 19.75
CA ILE B 54 36.96 -8.37 19.98
C ILE B 54 36.71 -7.24 20.97
N PHE B 55 35.50 -6.66 21.01
CA PHE B 55 35.26 -5.45 21.81
C PHE B 55 34.65 -5.76 23.17
N ASN B 56 33.50 -6.43 23.19
CA ASN B 56 32.77 -6.65 24.44
C ASN B 56 33.58 -7.44 25.44
N THR B 57 34.12 -6.76 26.45
CA THR B 57 34.90 -7.39 27.51
C THR B 57 34.15 -7.29 28.83
N TYR B 58 34.07 -8.40 29.55
CA TYR B 58 33.38 -8.47 30.84
C TYR B 58 34.35 -8.99 31.88
N TYR B 59 34.42 -8.31 33.01
CA TYR B 59 35.35 -8.63 34.08
C TYR B 59 34.58 -8.81 35.38
N ALA B 60 35.30 -9.23 36.42
CA ALA B 60 34.71 -9.44 37.75
C ALA B 60 35.78 -9.33 38.84
N LYS B 64 38.73 -6.80 37.92
CA LYS B 64 38.60 -5.62 37.07
C LYS B 64 39.66 -4.58 37.39
N GLY B 65 40.19 -3.93 36.35
CA GLY B 65 41.23 -2.95 36.52
C GLY B 65 42.63 -3.50 36.63
N ARG B 66 42.79 -4.82 36.65
CA ARG B 66 44.11 -5.44 36.74
C ARG B 66 44.31 -6.44 35.61
N PHE B 67 43.22 -7.05 35.15
CA PHE B 67 43.26 -8.02 34.07
C PHE B 67 42.76 -7.38 32.77
N THR B 68 43.27 -7.86 31.65
CA THR B 68 42.88 -7.38 30.33
C THR B 68 42.64 -8.57 29.42
N ILE B 69 41.40 -8.73 28.96
CA ILE B 69 41.02 -9.81 28.07
C ILE B 69 40.91 -9.26 26.66
N SER B 70 41.76 -9.77 25.76
CA SER B 70 41.72 -9.42 24.34
C SER B 70 41.56 -10.70 23.52
N ARG B 71 41.47 -10.53 22.20
CA ARG B 71 41.26 -11.67 21.32
C ARG B 71 41.75 -11.28 19.91
N ASP B 72 43.01 -11.59 19.64
CA ASP B 72 43.57 -11.41 18.30
C ASP B 72 42.98 -12.47 17.37
N ASN B 73 41.83 -12.16 16.77
CA ASN B 73 41.12 -13.15 15.97
C ASN B 73 41.91 -13.57 14.73
N ALA B 74 42.83 -12.74 14.26
CA ALA B 74 43.62 -13.11 13.08
C ALA B 74 44.50 -14.33 13.35
N LYS B 75 45.00 -14.47 14.58
CA LYS B 75 45.82 -15.61 14.96
C LYS B 75 45.05 -16.67 15.72
N ASN B 76 43.76 -16.45 15.98
CA ASN B 76 42.91 -17.39 16.71
C ASN B 76 43.51 -17.70 18.09
N THR B 77 43.63 -16.66 18.90
CA THR B 77 44.22 -16.79 20.23
C THR B 77 43.69 -15.70 21.14
N VAL B 78 43.06 -16.10 22.24
CA VAL B 78 42.59 -15.18 23.27
C VAL B 78 43.70 -15.00 24.30
N PHE B 79 43.89 -13.77 24.75
CA PHE B 79 44.91 -13.44 25.73
C PHE B 79 44.25 -13.04 27.05
N LEU B 80 45.08 -12.98 28.10
CA LEU B 80 44.64 -12.60 29.44
C LEU B 80 45.84 -11.98 30.17
N GLN B 81 46.06 -10.69 29.93
CA GLN B 81 47.15 -9.97 30.58
C GLN B 81 46.80 -9.74 32.04
N MET B 82 47.56 -10.35 32.94
CA MET B 82 47.32 -10.28 34.39
C MET B 82 48.38 -9.38 35.01
N ASN B 83 48.03 -8.10 35.14
CA ASN B 83 48.93 -7.10 35.72
C ASN B 83 48.63 -6.94 37.21
N SER B 84 49.69 -6.72 38.00
CA SER B 84 49.59 -6.56 39.44
C SER B 84 48.87 -7.75 40.08
N LEU B 85 49.49 -8.92 39.95
CA LEU B 85 48.90 -10.17 40.41
C LEU B 85 49.02 -10.27 41.93
N LYS B 86 47.87 -10.34 42.61
CA LYS B 86 47.85 -10.54 44.05
C LYS B 86 47.98 -12.03 44.38
N PRO B 87 48.49 -12.36 45.57
CA PRO B 87 48.62 -13.78 45.95
C PRO B 87 47.29 -14.52 45.97
N GLU B 88 46.16 -13.83 46.10
CA GLU B 88 44.87 -14.51 46.11
C GLU B 88 44.50 -15.05 44.73
N ASP B 89 45.15 -14.58 43.66
CA ASP B 89 44.88 -15.04 42.31
C ASP B 89 45.69 -16.27 41.93
N THR B 90 46.16 -17.04 42.90
CA THR B 90 46.99 -18.22 42.65
C THR B 90 46.08 -19.44 42.55
N ALA B 91 45.76 -19.83 41.32
CA ALA B 91 44.94 -21.01 41.06
C ALA B 91 45.13 -21.40 39.60
N VAL B 92 44.31 -22.33 39.13
CA VAL B 92 44.36 -22.77 37.74
C VAL B 92 43.47 -21.87 36.90
N TYR B 93 43.92 -21.55 35.69
CA TYR B 93 43.19 -20.68 34.77
C TYR B 93 42.90 -21.46 33.50
N TYR B 94 41.63 -21.54 33.13
CA TYR B 94 41.20 -22.27 31.95
C TYR B 94 40.33 -21.38 31.08
N CYS B 95 40.33 -21.66 29.78
CA CYS B 95 39.56 -20.93 28.80
C CYS B 95 38.34 -21.74 28.35
N ALA B 96 37.33 -21.03 27.86
CA ALA B 96 36.08 -21.65 27.45
C ALA B 96 35.63 -21.00 26.14
N ALA B 97 34.47 -21.45 25.65
CA ALA B 97 33.90 -20.92 24.41
C ALA B 97 32.41 -21.21 24.42
N GLY B 98 31.61 -20.15 24.47
CA GLY B 98 30.16 -20.30 24.57
C GLY B 98 29.47 -20.66 23.27
N VAL B 99 28.29 -20.09 23.04
CA VAL B 99 27.53 -20.37 21.84
C VAL B 99 26.95 -19.09 21.27
N GLY B 100 27.83 -18.19 20.79
CA GLY B 100 27.41 -17.00 20.08
C GLY B 100 26.69 -15.95 20.91
N ALA B 101 25.42 -16.18 21.20
CA ALA B 101 24.58 -15.17 21.83
C ALA B 101 24.89 -15.01 23.31
N SER B 102 24.70 -13.80 23.80
CA SER B 102 24.89 -13.45 25.22
C SER B 102 26.27 -13.86 25.74
N SER B 104 26.52 -15.39 29.73
CA SER B 104 26.05 -14.96 31.04
C SER B 104 26.80 -15.69 32.16
N VAL B 105 28.04 -16.08 31.87
CA VAL B 105 28.89 -16.80 32.81
C VAL B 105 28.20 -18.08 33.25
N SER B 106 28.04 -18.25 34.57
CA SER B 106 27.30 -19.36 35.15
C SER B 106 27.94 -20.72 34.88
N GLU B 107 29.09 -20.73 34.20
CA GLU B 107 29.88 -21.93 33.95
C GLU B 107 29.09 -23.00 33.19
N SER B 108 27.95 -22.64 32.60
CA SER B 108 27.11 -23.58 31.87
C SER B 108 26.83 -23.18 30.44
N TRP B 109 26.92 -21.89 30.11
CA TRP B 109 26.72 -21.46 28.73
C TRP B 109 27.94 -21.71 27.85
N TYR B 110 29.01 -22.29 28.40
CA TYR B 110 30.25 -22.54 27.67
C TYR B 110 30.36 -24.03 27.38
N ASN B 111 30.39 -24.38 26.10
CA ASN B 111 30.36 -25.78 25.71
C ASN B 111 31.74 -26.41 25.76
N TYR B 112 32.77 -25.70 25.30
CA TYR B 112 34.10 -26.27 25.12
C TYR B 112 35.05 -25.67 26.15
N TRP B 113 35.91 -26.52 26.71
CA TRP B 113 36.86 -26.12 27.74
C TRP B 113 38.25 -26.65 27.40
N GLY B 114 39.27 -25.94 27.88
CA GLY B 114 40.65 -26.32 27.66
C GLY B 114 41.25 -27.05 28.85
N GLN B 115 42.55 -27.30 28.74
CA GLN B 115 43.27 -28.00 29.80
C GLN B 115 43.45 -27.10 31.01
N GLY B 116 44.25 -26.06 30.89
CA GLY B 116 44.47 -25.13 31.98
C GLY B 116 45.94 -24.90 32.27
N THR B 117 46.27 -23.67 32.65
CA THR B 117 47.63 -23.27 33.00
C THR B 117 47.70 -22.96 34.48
N GLN B 118 48.81 -23.35 35.11
CA GLN B 118 49.00 -23.14 36.54
C GLN B 118 49.51 -21.73 36.80
N VAL B 119 49.00 -21.12 37.88
CA VAL B 119 49.41 -19.78 38.29
C VAL B 119 49.59 -19.80 39.81
N THR B 120 50.77 -19.38 40.27
CA THR B 120 51.09 -19.34 41.68
C THR B 120 51.75 -18.02 42.02
N VAL B 121 51.33 -17.42 43.14
CA VAL B 121 51.89 -16.15 43.58
C VAL B 121 52.12 -16.17 45.08
N PRO C 25 7.57 5.49 0.33
CA PRO C 25 6.78 5.57 1.56
C PRO C 25 7.67 5.78 2.79
N LEU C 26 8.38 6.90 2.83
CA LEU C 26 9.30 7.17 3.94
C LEU C 26 8.53 7.35 5.23
N GLU C 27 8.85 6.51 6.23
CA GLU C 27 8.22 6.57 7.54
C GLU C 27 9.12 7.39 8.45
N THR C 28 8.87 8.70 8.50
CA THR C 28 9.68 9.63 9.27
C THR C 28 9.34 9.63 10.76
N ASP C 29 8.49 8.72 11.22
CA ASP C 29 8.14 8.64 12.62
C ASP C 29 8.97 7.64 13.40
N SER C 30 9.78 6.84 12.72
CA SER C 30 10.64 5.84 13.35
C SER C 30 12.09 6.16 13.08
N MET C 31 12.98 5.49 13.82
CA MET C 31 14.40 5.68 13.63
C MET C 31 14.89 5.17 12.28
N ASP C 32 14.15 4.25 11.67
CA ASP C 32 14.50 3.70 10.35
C ASP C 32 13.47 4.18 9.33
N PRO C 33 13.73 5.27 8.61
CA PRO C 33 12.76 5.78 7.64
C PRO C 33 12.93 5.22 6.23
N PHE C 34 13.85 4.30 6.01
CA PHE C 34 14.07 3.70 4.70
C PHE C 34 13.76 2.22 4.65
N GLY C 35 13.37 1.60 5.75
CA GLY C 35 13.13 0.16 5.76
C GLY C 35 14.38 -0.64 5.50
N LEU C 36 15.50 -0.24 6.11
CA LEU C 36 16.76 -0.94 5.86
C LEU C 36 16.79 -2.29 6.56
N VAL C 37 16.35 -2.33 7.83
CA VAL C 37 16.32 -3.58 8.57
C VAL C 37 15.22 -4.48 8.00
N THR C 38 15.63 -5.61 7.42
CA THR C 38 14.70 -6.57 6.81
C THR C 38 13.83 -5.91 5.75
N VAL C 43 13.66 -10.89 0.45
CA VAL C 43 13.22 -11.89 1.41
C VAL C 43 12.92 -13.22 0.70
N ARG C 44 13.73 -13.53 -0.31
CA ARG C 44 13.54 -14.75 -1.09
C ARG C 44 14.87 -15.11 -1.75
N SER C 45 14.81 -16.03 -2.71
CA SER C 45 15.98 -16.47 -3.45
C SER C 45 15.72 -16.32 -4.95
N PRO C 46 16.70 -15.84 -5.71
CA PRO C 46 16.47 -15.65 -7.15
C PRO C 46 16.14 -16.91 -7.92
N SER C 47 16.42 -18.09 -7.36
CA SER C 47 16.12 -19.34 -8.06
C SER C 47 14.62 -19.52 -8.24
N PHE D 24 -28.46 34.61 -22.13
CA PHE D 24 -29.71 35.35 -22.03
C PHE D 24 -30.85 34.45 -21.59
N SER D 25 -31.85 35.03 -20.94
CA SER D 25 -32.99 34.25 -20.46
C SER D 25 -33.75 33.63 -21.62
N GLY D 26 -34.25 32.42 -21.40
CA GLY D 26 -35.01 31.70 -22.40
C GLY D 26 -34.18 30.87 -23.35
N ASP D 27 -32.87 31.13 -23.46
CA ASP D 27 -32.01 30.37 -24.35
C ASP D 27 -31.67 28.99 -23.80
N GLY D 28 -31.99 28.71 -22.54
CA GLY D 28 -31.73 27.39 -21.98
C GLY D 28 -32.69 26.33 -22.45
N ARG D 29 -33.73 26.70 -23.20
CA ARG D 29 -34.70 25.73 -23.70
C ARG D 29 -34.13 24.86 -24.81
N ALA D 30 -32.98 25.21 -25.36
CA ALA D 30 -32.35 24.41 -26.41
C ALA D 30 -31.66 23.16 -25.88
N ILE D 31 -31.53 23.03 -24.56
CA ILE D 31 -30.85 21.87 -23.99
C ILE D 31 -31.66 20.60 -24.24
N TRP D 32 -32.99 20.70 -24.24
CA TRP D 32 -33.84 19.54 -24.46
C TRP D 32 -33.99 19.17 -25.93
N SER D 33 -33.40 19.95 -26.84
CA SER D 33 -33.41 19.65 -28.26
C SER D 33 -34.82 19.49 -28.81
N ASP D 50 -9.82 10.85 -18.54
CA ASP D 50 -10.94 11.51 -17.88
C ASP D 50 -10.55 12.00 -16.49
N THR D 51 -10.00 13.20 -16.43
CA THR D 51 -9.58 13.80 -15.17
C THR D 51 -9.99 15.27 -15.14
N PHE D 52 -10.29 15.76 -13.94
CA PHE D 52 -10.66 17.15 -13.78
C PHE D 52 -9.46 18.05 -14.08
N PRO D 53 -9.70 19.27 -14.56
CA PRO D 53 -8.59 20.17 -14.89
C PRO D 53 -7.76 20.51 -13.66
N LYS D 54 -6.53 20.94 -13.91
CA LYS D 54 -5.62 21.31 -12.83
C LYS D 54 -6.14 22.55 -12.10
N ASN D 55 -5.65 22.72 -10.86
CA ASN D 55 -6.05 23.81 -9.97
C ASN D 55 -7.54 23.76 -9.63
N PHE D 56 -8.18 22.61 -9.81
CA PHE D 56 -9.59 22.48 -9.46
C PHE D 56 -9.75 22.46 -7.94
N PHE D 57 -10.69 23.26 -7.45
CA PHE D 57 -10.88 23.42 -6.00
C PHE D 57 -11.79 22.30 -5.49
N TRP D 58 -11.18 21.29 -4.87
CA TRP D 58 -11.94 20.22 -4.23
C TRP D 58 -12.22 20.60 -2.78
N GLY D 59 -13.48 20.51 -2.37
CA GLY D 59 -13.84 20.91 -1.03
C GLY D 59 -15.07 20.23 -0.47
N ILE D 60 -15.51 20.71 0.70
CA ILE D 60 -16.63 20.11 1.41
C ILE D 60 -17.26 21.19 2.28
N GLY D 61 -18.58 21.14 2.43
CA GLY D 61 -19.30 22.18 3.12
C GLY D 61 -20.24 21.64 4.18
N THR D 62 -20.64 22.54 5.08
CA THR D 62 -21.60 22.26 6.14
C THR D 62 -22.49 23.49 6.32
N GLY D 63 -23.45 23.37 7.23
CA GLY D 63 -24.31 24.47 7.63
C GLY D 63 -23.92 25.01 8.98
N ALA D 64 -24.91 25.48 9.72
CA ALA D 64 -24.68 26.01 11.06
C ALA D 64 -25.64 25.44 12.09
N LEU D 65 -26.89 25.20 11.71
CA LEU D 65 -27.84 24.60 12.63
C LEU D 65 -27.70 23.09 12.69
N GLN D 66 -27.19 22.47 11.63
CA GLN D 66 -27.09 21.01 11.60
C GLN D 66 -25.98 20.50 12.50
N VAL D 67 -24.82 21.16 12.48
CA VAL D 67 -23.61 20.58 13.05
C VAL D 67 -23.14 21.29 14.32
N GLU D 68 -23.40 22.58 14.47
CA GLU D 68 -22.79 23.33 15.58
C GLU D 68 -23.34 22.87 16.92
N GLY D 69 -24.66 22.81 17.05
CA GLY D 69 -25.30 22.59 18.33
C GLY D 69 -25.01 23.72 19.30
N SER D 70 -25.21 23.42 20.59
CA SER D 70 -25.00 24.38 21.67
C SER D 70 -25.76 25.68 21.40
N TRP D 71 -27.07 25.53 21.23
CA TRP D 71 -27.93 26.62 20.81
C TRP D 71 -28.11 27.70 21.86
N LYS D 72 -27.52 27.57 23.05
CA LYS D 72 -27.62 28.63 24.04
C LYS D 72 -26.39 28.74 24.94
N LYS D 73 -25.36 27.91 24.75
CA LYS D 73 -24.14 28.05 25.52
C LYS D 73 -23.42 29.33 25.11
N ASP D 74 -22.71 29.93 26.06
CA ASP D 74 -21.97 31.18 25.85
C ASP D 74 -22.92 32.31 25.45
N GLY D 75 -24.12 32.30 26.02
CA GLY D 75 -25.07 33.39 25.81
C GLY D 75 -25.51 33.58 24.38
N LYS D 76 -25.81 32.49 23.67
CA LYS D 76 -26.26 32.59 22.30
C LYS D 76 -27.76 32.86 22.26
N GLY D 77 -28.19 33.67 21.30
CA GLY D 77 -29.58 33.98 21.12
C GLY D 77 -30.31 32.89 20.35
N PRO D 78 -31.59 32.72 20.61
CA PRO D 78 -32.37 31.73 19.87
C PRO D 78 -32.67 32.22 18.46
N SER D 79 -32.85 31.26 17.56
CA SER D 79 -33.15 31.54 16.17
C SER D 79 -34.56 31.07 15.83
N ILE D 80 -34.99 31.40 14.59
CA ILE D 80 -36.30 30.97 14.15
C ILE D 80 -36.36 29.45 14.02
N TRP D 81 -35.24 28.82 13.67
CA TRP D 81 -35.19 27.37 13.60
C TRP D 81 -35.12 26.73 14.99
N ASP D 82 -34.49 27.41 15.94
CA ASP D 82 -34.49 26.91 17.32
C ASP D 82 -35.91 26.93 17.90
N HIS D 83 -36.69 27.96 17.59
CA HIS D 83 -38.06 28.03 18.07
C HIS D 83 -38.99 27.14 17.26
N PHE D 84 -38.67 26.91 15.98
CA PHE D 84 -39.48 26.02 15.15
C PHE D 84 -39.32 24.57 15.57
N ILE D 85 -38.15 24.20 16.08
CA ILE D 85 -37.93 22.84 16.56
C ILE D 85 -38.66 22.62 17.88
N HIS D 86 -38.55 23.58 18.80
CA HIS D 86 -39.09 23.44 20.14
C HIS D 86 -40.60 23.61 20.22
N THR D 87 -41.28 23.85 19.10
CA THR D 87 -42.72 24.05 19.13
C THR D 87 -43.43 23.28 18.03
N HIS D 88 -43.12 23.59 16.78
CA HIS D 88 -43.78 22.96 15.64
C HIS D 88 -42.99 21.76 15.12
N VAL D 92 -41.67 16.20 18.79
CA VAL D 92 -41.51 14.87 18.22
C VAL D 92 -40.03 14.50 18.17
N SER D 93 -39.20 15.42 17.66
CA SER D 93 -37.77 15.20 17.51
C SER D 93 -37.02 16.49 17.84
N SER D 94 -37.21 16.98 19.06
CA SER D 94 -36.53 18.18 19.54
C SER D 94 -35.27 17.85 20.35
N THR D 95 -34.63 16.71 20.05
CA THR D 95 -33.47 16.28 20.82
C THR D 95 -32.31 17.25 20.64
N ASN D 96 -31.69 17.64 21.75
CA ASN D 96 -30.57 18.58 21.73
C ASN D 96 -29.28 17.80 22.00
N GLY D 97 -28.84 17.06 20.99
CA GLY D 97 -27.56 16.40 21.00
C GLY D 97 -26.71 16.87 19.85
N SER D 98 -27.23 16.69 18.64
CA SER D 98 -26.65 17.25 17.39
C SER D 98 -25.23 16.74 17.24
N SER D 99 -24.33 17.52 16.64
CA SER D 99 -22.97 17.09 16.39
C SER D 99 -21.92 17.77 17.26
N ASP D 100 -22.28 18.87 17.94
CA ASP D 100 -21.37 19.56 18.86
C ASP D 100 -20.09 20.03 18.14
N SER D 101 -20.27 20.57 16.94
CA SER D 101 -19.15 21.18 16.23
C SER D 101 -18.67 22.47 16.88
N TYR D 102 -19.45 23.02 17.82
CA TYR D 102 -19.04 24.22 18.54
C TYR D 102 -18.05 23.92 19.66
N ILE D 103 -18.06 22.70 20.19
CA ILE D 103 -17.11 22.31 21.22
C ILE D 103 -16.07 21.32 20.71
N PHE D 104 -16.33 20.63 19.59
CA PHE D 104 -15.38 19.66 19.06
C PHE D 104 -14.80 20.16 17.74
N LEU D 105 -14.20 21.36 17.76
CA LEU D 105 -13.61 21.91 16.54
C LEU D 105 -12.31 21.19 16.22
N GLU D 106 -11.53 20.80 17.24
CA GLU D 106 -10.28 20.10 17.00
C GLU D 106 -10.51 18.75 16.36
N LYS D 107 -11.68 18.14 16.58
CA LYS D 107 -12.01 16.87 15.94
C LYS D 107 -12.47 17.06 14.50
N ASP D 108 -13.12 18.18 14.19
CA ASP D 108 -13.53 18.43 12.81
C ASP D 108 -12.34 18.80 11.94
N LEU D 109 -11.36 19.50 12.50
CA LEU D 109 -10.16 19.86 11.74
C LEU D 109 -9.38 18.62 11.33
N SER D 110 -9.27 17.64 12.23
CA SER D 110 -8.61 16.40 11.88
C SER D 110 -9.37 15.64 10.79
N ALA D 111 -10.71 15.73 10.81
CA ALA D 111 -11.50 15.08 9.77
C ALA D 111 -11.29 15.76 8.41
N LEU D 112 -11.06 17.08 8.41
CA LEU D 112 -10.78 17.77 7.15
C LEU D 112 -9.45 17.31 6.56
N ASP D 113 -8.46 17.05 7.41
CA ASP D 113 -7.18 16.55 6.93
C ASP D 113 -7.32 15.15 6.34
N PHE D 114 -8.31 14.38 6.79
CA PHE D 114 -8.53 13.05 6.23
C PHE D 114 -8.95 13.15 4.76
N ILE D 115 -9.98 13.93 4.47
CA ILE D 115 -10.42 14.09 3.10
C ILE D 115 -9.41 14.88 2.29
N GLY D 116 -8.72 15.83 2.92
CA GLY D 116 -7.75 16.66 2.22
C GLY D 116 -8.39 17.61 1.25
N VAL D 117 -9.28 18.47 1.74
CA VAL D 117 -10.03 19.39 0.89
C VAL D 117 -9.28 20.71 0.79
N SER D 118 -9.35 21.33 -0.39
CA SER D 118 -8.73 22.63 -0.58
C SER D 118 -9.51 23.73 0.13
N PHE D 119 -10.82 23.54 0.30
CA PHE D 119 -11.63 24.53 0.97
C PHE D 119 -12.69 23.84 1.82
N TYR D 120 -13.20 24.57 2.81
CA TYR D 120 -14.25 24.07 3.70
C TYR D 120 -15.27 25.18 3.90
N GLN D 121 -16.49 24.97 3.40
CA GLN D 121 -17.56 25.96 3.49
C GLN D 121 -18.34 25.75 4.77
N PHE D 122 -18.43 26.79 5.59
CA PHE D 122 -19.23 26.77 6.80
C PHE D 122 -20.07 28.03 6.88
N SER D 123 -21.06 28.00 7.76
CA SER D 123 -21.94 29.14 7.98
C SER D 123 -21.70 29.71 9.37
N ILE D 124 -22.05 30.98 9.54
CA ILE D 124 -21.92 31.68 10.81
C ILE D 124 -23.32 31.84 11.39
N SER D 125 -23.55 31.25 12.57
CA SER D 125 -24.81 31.44 13.26
C SER D 125 -24.98 32.91 13.65
N TRP D 126 -25.86 33.61 12.94
CA TRP D 126 -26.13 35.02 13.23
C TRP D 126 -26.42 35.28 14.70
N PRO D 127 -27.30 34.53 15.39
CA PRO D 127 -27.51 34.78 16.82
C PRO D 127 -26.37 34.32 17.71
N ARG D 128 -25.28 33.76 17.16
CA ARG D 128 -24.14 33.40 17.99
C ARG D 128 -23.27 34.62 18.29
N LEU D 129 -23.13 35.52 17.32
CA LEU D 129 -22.40 36.76 17.53
C LEU D 129 -23.29 37.82 18.16
N PHE D 130 -24.36 38.21 17.45
CA PHE D 130 -25.33 39.16 17.97
C PHE D 130 -26.66 38.43 18.17
N PRO D 131 -27.17 38.37 19.41
CA PRO D 131 -28.39 37.58 19.64
C PRO D 131 -29.63 38.08 18.92
N ASP D 132 -29.66 39.34 18.48
CA ASP D 132 -30.87 39.93 17.92
C ASP D 132 -30.54 40.84 16.74
N GLY D 133 -29.74 40.33 15.79
CA GLY D 133 -29.52 41.03 14.54
C GLY D 133 -28.79 42.36 14.62
N ILE D 134 -29.30 43.29 15.43
CA ILE D 134 -28.65 44.58 15.60
C ILE D 134 -27.23 44.35 16.07
N VAL D 135 -26.26 44.87 15.32
CA VAL D 135 -24.86 44.66 15.67
C VAL D 135 -24.52 45.64 16.79
N THR D 136 -24.22 45.10 17.97
CA THR D 136 -23.67 45.79 19.10
C THR D 136 -22.31 45.16 19.40
N VAL D 137 -21.97 45.03 20.68
CA VAL D 137 -20.80 44.24 21.04
C VAL D 137 -21.12 42.76 20.78
N ALA D 138 -20.35 42.15 19.89
CA ALA D 138 -20.56 40.73 19.59
C ALA D 138 -20.32 39.89 20.82
N ASN D 139 -20.97 38.72 20.88
CA ASN D 139 -20.80 37.83 22.01
C ASN D 139 -19.34 37.40 22.12
N ALA D 140 -18.84 37.35 23.37
CA ALA D 140 -17.41 37.14 23.59
C ALA D 140 -16.96 35.77 23.07
N LYS D 141 -17.51 34.69 23.63
CA LYS D 141 -17.06 33.36 23.25
C LYS D 141 -17.50 32.99 21.84
N GLY D 142 -18.62 33.54 21.37
CA GLY D 142 -19.05 33.23 20.02
C GLY D 142 -18.10 33.75 18.96
N LEU D 143 -17.65 34.99 19.11
CA LEU D 143 -16.67 35.56 18.19
C LEU D 143 -15.36 34.78 18.22
N GLN D 144 -15.02 34.20 19.37
CA GLN D 144 -13.77 33.44 19.49
C GLN D 144 -13.83 32.16 18.68
N TYR D 145 -14.99 31.50 18.64
CA TYR D 145 -15.11 30.22 17.95
C TYR D 145 -14.88 30.38 16.45
N TYR D 146 -15.61 31.30 15.81
CA TYR D 146 -15.41 31.51 14.38
C TYR D 146 -14.06 32.11 14.06
N SER D 147 -13.41 32.76 15.04
CA SER D 147 -12.05 33.22 14.83
C SER D 147 -11.06 32.07 14.93
N THR D 148 -11.21 31.21 15.93
CA THR D 148 -10.32 30.07 16.08
C THR D 148 -10.47 29.12 14.90
N LEU D 149 -11.69 28.99 14.37
CA LEU D 149 -11.89 28.16 13.17
C LEU D 149 -11.20 28.77 11.97
N LEU D 150 -11.43 30.06 11.72
CA LEU D 150 -10.79 30.71 10.58
C LEU D 150 -9.28 30.78 10.73
N ASP D 151 -8.78 30.83 11.96
CA ASP D 151 -7.34 30.80 12.17
C ASP D 151 -6.74 29.46 11.76
N ALA D 152 -7.34 28.36 12.22
CA ALA D 152 -6.77 27.04 11.96
C ALA D 152 -6.94 26.63 10.50
N LEU D 153 -8.02 27.06 9.84
CA LEU D 153 -8.22 26.71 8.45
C LEU D 153 -7.12 27.29 7.57
N VAL D 154 -6.72 28.53 7.82
CA VAL D 154 -5.62 29.12 7.07
C VAL D 154 -4.30 28.44 7.43
N LEU D 155 -4.14 28.05 8.69
CA LEU D 155 -2.92 27.36 9.11
C LEU D 155 -2.80 25.99 8.47
N ARG D 156 -3.92 25.36 8.12
CA ARG D 156 -3.92 24.08 7.45
C ARG D 156 -4.04 24.22 5.93
N ASN D 157 -3.82 25.42 5.40
CA ASN D 157 -3.90 25.69 3.96
C ASN D 157 -5.27 25.26 3.40
N ILE D 158 -6.32 25.67 4.09
CA ILE D 158 -7.69 25.44 3.66
C ILE D 158 -8.36 26.79 3.52
N GLU D 159 -8.70 27.16 2.30
CA GLU D 159 -9.37 28.43 2.04
C GLU D 159 -10.80 28.37 2.55
N PRO D 160 -11.22 29.25 3.45
CA PRO D 160 -12.60 29.22 3.93
C PRO D 160 -13.56 29.89 2.97
N ILE D 161 -14.78 29.36 2.95
CA ILE D 161 -15.90 29.97 2.22
C ILE D 161 -17.03 30.14 3.23
N VAL D 162 -17.28 31.39 3.63
CA VAL D 162 -18.21 31.69 4.71
C VAL D 162 -19.56 32.07 4.11
N THR D 163 -20.62 31.46 4.62
CA THR D 163 -22.00 31.81 4.29
C THR D 163 -22.60 32.56 5.46
N LEU D 164 -23.01 33.81 5.22
CA LEU D 164 -23.49 34.66 6.31
C LEU D 164 -24.86 34.23 6.81
N TYR D 165 -25.68 33.63 5.96
CA TYR D 165 -27.05 33.28 6.32
C TYR D 165 -27.34 31.86 5.84
N HIS D 166 -27.48 30.93 6.77
CA HIS D 166 -27.92 29.59 6.45
C HIS D 166 -29.21 29.28 7.21
N TRP D 167 -30.20 30.16 7.08
CA TRP D 167 -31.52 30.05 7.69
C TRP D 167 -31.48 30.20 9.20
N ASP D 168 -30.33 30.55 9.77
CA ASP D 168 -30.17 30.76 11.21
C ASP D 168 -30.40 32.23 11.50
N LEU D 169 -31.68 32.63 11.54
CA LEU D 169 -32.04 34.03 11.73
C LEU D 169 -32.46 34.28 13.17
N PRO D 170 -31.99 35.35 13.81
CA PRO D 170 -32.32 35.59 15.21
C PRO D 170 -33.83 35.70 15.43
N LEU D 171 -34.29 35.14 16.55
CA LEU D 171 -35.72 35.12 16.83
C LEU D 171 -36.27 36.51 17.13
N ALA D 172 -35.46 37.37 17.76
CA ALA D 172 -35.94 38.70 18.11
C ALA D 172 -36.19 39.57 16.88
N LEU D 173 -35.54 39.28 15.76
CA LEU D 173 -35.85 39.97 14.51
C LEU D 173 -37.14 39.48 13.86
N GLN D 174 -37.66 38.34 14.31
CA GLN D 174 -38.94 37.84 13.81
C GLN D 174 -40.10 38.35 14.65
N GLU D 175 -39.91 38.42 15.97
CA GLU D 175 -40.97 38.90 16.86
C GLU D 175 -41.14 40.41 16.78
N LYS D 176 -40.06 41.15 16.51
CA LYS D 176 -40.15 42.61 16.44
C LYS D 176 -40.61 43.06 15.05
N TYR D 177 -39.71 42.95 14.06
CA TYR D 177 -39.97 43.46 12.71
C TYR D 177 -40.77 42.48 11.86
N GLY D 178 -40.49 41.18 11.95
CA GLY D 178 -41.24 40.20 11.18
C GLY D 178 -40.40 39.44 10.19
N GLY D 179 -39.09 39.36 10.44
CA GLY D 179 -38.22 38.64 9.55
C GLY D 179 -38.06 39.34 8.22
N TRP D 180 -38.11 38.56 7.14
CA TRP D 180 -37.95 39.09 5.79
C TRP D 180 -39.25 39.67 5.22
N LYS D 181 -40.32 39.72 6.02
CA LYS D 181 -41.52 40.39 5.56
C LYS D 181 -41.35 41.91 5.57
N ASN D 182 -41.06 42.46 6.74
CA ASN D 182 -40.73 43.88 6.83
C ASN D 182 -39.37 44.12 6.16
N ASP D 183 -39.34 45.07 5.23
CA ASP D 183 -38.13 45.33 4.46
C ASP D 183 -37.09 46.15 5.22
N THR D 184 -37.30 46.40 6.52
CA THR D 184 -36.29 47.07 7.32
C THR D 184 -35.13 46.16 7.69
N ILE D 185 -35.27 44.85 7.48
CA ILE D 185 -34.18 43.92 7.75
C ILE D 185 -33.12 43.96 6.66
N ILE D 186 -33.44 44.51 5.48
CA ILE D 186 -32.45 44.64 4.42
C ILE D 186 -31.29 45.51 4.89
N ASP D 187 -31.59 46.60 5.59
CA ASP D 187 -30.56 47.44 6.20
C ASP D 187 -30.04 46.87 7.52
N ILE D 188 -30.59 45.76 7.98
CA ILE D 188 -30.07 45.07 9.16
C ILE D 188 -29.11 43.95 8.77
N PHE D 189 -29.47 43.18 7.74
CA PHE D 189 -28.57 42.14 7.26
C PHE D 189 -27.28 42.73 6.71
N ASN D 190 -27.34 43.96 6.16
CA ASN D 190 -26.12 44.61 5.71
C ASN D 190 -25.28 45.11 6.89
N ASP D 191 -25.93 45.45 8.00
CA ASP D 191 -25.18 45.77 9.22
C ASP D 191 -24.41 44.55 9.71
N TYR D 192 -25.05 43.38 9.70
CA TYR D 192 -24.39 42.16 10.14
C TYR D 192 -23.32 41.73 9.15
N ALA D 193 -23.54 41.94 7.86
CA ALA D 193 -22.55 41.56 6.87
C ALA D 193 -21.31 42.43 6.95
N THR D 194 -21.47 43.71 7.30
CA THR D 194 -20.32 44.61 7.39
C THR D 194 -19.39 44.19 8.53
N TYR D 195 -19.95 43.69 9.63
CA TYR D 195 -19.13 43.23 10.74
C TYR D 195 -18.24 42.07 10.33
N CYS D 196 -18.82 41.08 9.64
CA CYS D 196 -18.03 39.94 9.17
C CYS D 196 -17.06 40.36 8.08
N PHE D 197 -17.39 41.41 7.32
CA PHE D 197 -16.45 41.95 6.34
C PHE D 197 -15.24 42.55 7.03
N GLN D 198 -15.45 43.25 8.15
CA GLN D 198 -14.35 43.86 8.88
C GLN D 198 -13.58 42.84 9.71
N MET D 199 -14.29 42.04 10.51
CA MET D 199 -13.65 41.18 11.49
C MET D 199 -13.08 39.90 10.88
N PHE D 200 -13.59 39.46 9.72
CA PHE D 200 -13.17 38.19 9.14
C PHE D 200 -12.67 38.29 7.70
N GLY D 201 -12.75 39.46 7.07
CA GLY D 201 -12.41 39.57 5.66
C GLY D 201 -10.95 39.30 5.34
N ASP D 202 -10.06 39.45 6.34
CA ASP D 202 -8.64 39.23 6.08
C ASP D 202 -8.35 37.76 5.80
N ARG D 203 -9.06 36.86 6.47
CA ARG D 203 -8.85 35.44 6.28
C ARG D 203 -9.80 34.83 5.26
N VAL D 204 -10.94 35.46 4.99
CA VAL D 204 -11.95 34.93 4.10
C VAL D 204 -11.89 35.66 2.77
N LYS D 205 -11.71 34.91 1.69
CA LYS D 205 -11.69 35.47 0.35
C LYS D 205 -12.87 35.03 -0.50
N TYR D 206 -13.72 34.12 0.00
CA TYR D 206 -14.92 33.69 -0.69
C TYR D 206 -16.11 33.87 0.25
N TRP D 207 -17.06 34.71 -0.15
CA TRP D 207 -18.21 35.04 0.66
C TRP D 207 -19.49 34.59 -0.04
N ILE D 208 -20.42 34.04 0.74
CA ILE D 208 -21.75 33.69 0.26
C ILE D 208 -22.77 34.36 1.17
N THR D 209 -23.78 34.98 0.57
CA THR D 209 -24.76 35.73 1.35
C THR D 209 -25.84 34.81 1.91
N ILE D 210 -26.72 34.32 1.05
CA ILE D 210 -27.85 33.48 1.45
C ILE D 210 -27.70 32.12 0.81
N HIS D 211 -27.87 31.07 1.60
CA HIS D 211 -27.74 29.69 1.11
C HIS D 211 -29.12 29.22 0.66
N ASN D 212 -29.33 29.22 -0.67
CA ASN D 212 -30.57 28.80 -1.31
C ASN D 212 -31.75 29.60 -0.76
N PRO D 213 -31.95 30.83 -1.25
CA PRO D 213 -33.07 31.65 -0.74
C PRO D 213 -34.44 31.14 -1.16
N TYR D 214 -34.51 30.27 -2.18
CA TYR D 214 -35.80 29.74 -2.62
C TYR D 214 -36.51 29.00 -1.49
N LEU D 215 -35.78 28.14 -0.77
CA LEU D 215 -36.39 27.38 0.31
C LEU D 215 -36.74 28.26 1.49
N VAL D 216 -36.01 29.37 1.69
CA VAL D 216 -36.30 30.26 2.81
C VAL D 216 -37.68 30.88 2.64
N ALA D 217 -37.99 31.34 1.44
CA ALA D 217 -39.28 31.97 1.19
C ALA D 217 -40.37 30.93 0.94
N TRP D 218 -40.10 29.96 0.06
CA TRP D 218 -41.13 29.01 -0.33
C TRP D 218 -41.49 28.08 0.82
N HIS D 219 -40.50 27.40 1.39
CA HIS D 219 -40.76 26.44 2.45
C HIS D 219 -41.03 27.11 3.80
N GLY D 220 -40.75 28.39 3.94
CA GLY D 220 -40.98 29.08 5.20
C GLY D 220 -42.32 29.75 5.28
N TYR D 221 -42.85 30.19 4.13
CA TYR D 221 -44.12 30.90 4.09
C TYR D 221 -45.11 30.33 3.09
N GLY D 222 -44.77 29.25 2.39
CA GLY D 222 -45.69 28.64 1.45
C GLY D 222 -46.19 27.29 1.90
N THR D 223 -45.26 26.38 2.20
CA THR D 223 -45.60 25.03 2.64
C THR D 223 -45.55 24.88 4.15
N GLY D 224 -45.02 25.86 4.88
CA GLY D 224 -44.89 25.73 6.32
C GLY D 224 -43.95 24.65 6.76
N MET D 225 -43.03 24.24 5.89
CA MET D 225 -42.13 23.14 6.24
C MET D 225 -40.91 23.64 7.00
N HIS D 226 -40.40 24.80 6.62
CA HIS D 226 -39.25 25.41 7.27
C HIS D 226 -39.70 26.55 8.18
N ALA D 227 -38.76 27.00 9.00
CA ALA D 227 -39.03 28.11 9.91
C ALA D 227 -39.29 29.40 9.12
N PRO D 228 -40.20 30.26 9.61
CA PRO D 228 -40.97 30.10 10.85
C PRO D 228 -42.19 29.20 10.70
N GLY D 229 -42.53 28.83 9.47
CA GLY D 229 -43.63 27.92 9.23
C GLY D 229 -44.99 28.58 9.21
N GLU D 230 -45.33 29.23 8.10
CA GLU D 230 -46.64 29.86 7.91
C GLU D 230 -47.17 29.38 6.55
N LYS D 231 -47.93 28.29 6.57
CA LYS D 231 -48.48 27.74 5.35
C LYS D 231 -49.64 28.60 4.83
N GLY D 232 -49.57 28.97 3.56
CA GLY D 232 -50.65 29.66 2.89
C GLY D 232 -50.38 31.11 2.57
N ASN D 233 -49.41 31.74 3.25
CA ASN D 233 -49.15 33.16 3.03
C ASN D 233 -48.53 33.40 1.67
N LEU D 234 -49.37 33.51 0.63
CA LEU D 234 -48.86 33.79 -0.70
C LEU D 234 -48.18 35.14 -0.78
N ALA D 235 -48.67 36.13 -0.02
CA ALA D 235 -48.10 37.47 -0.09
C ALA D 235 -46.67 37.48 0.43
N ALA D 236 -46.42 36.83 1.57
CA ALA D 236 -45.09 36.86 2.16
C ALA D 236 -44.09 36.03 1.37
N VAL D 237 -44.56 35.02 0.63
CA VAL D 237 -43.65 34.18 -0.14
C VAL D 237 -42.85 35.01 -1.12
N TYR D 238 -43.54 35.82 -1.93
CA TYR D 238 -42.87 36.65 -2.93
C TYR D 238 -42.43 38.00 -2.36
N THR D 239 -42.86 38.35 -1.15
CA THR D 239 -42.29 39.50 -0.46
C THR D 239 -40.97 39.16 0.20
N VAL D 240 -40.89 38.00 0.86
CA VAL D 240 -39.62 37.53 1.40
C VAL D 240 -38.63 37.27 0.27
N GLY D 241 -39.11 36.75 -0.85
CA GLY D 241 -38.24 36.57 -2.00
C GLY D 241 -37.73 37.87 -2.57
N HIS D 242 -38.48 38.96 -2.38
CA HIS D 242 -38.03 40.26 -2.84
C HIS D 242 -36.97 40.84 -1.93
N ASN D 243 -37.19 40.77 -0.61
CA ASN D 243 -36.21 41.30 0.34
C ASN D 243 -34.94 40.47 0.34
N LEU D 244 -35.04 39.18 0.05
CA LEU D 244 -33.84 38.32 0.02
C LEU D 244 -32.98 38.59 -1.19
N ILE D 245 -33.55 39.08 -2.29
CA ILE D 245 -32.75 39.48 -3.43
C ILE D 245 -32.14 40.86 -3.21
N LYS D 246 -32.91 41.77 -2.62
CA LYS D 246 -32.39 43.11 -2.34
C LYS D 246 -31.34 43.07 -1.23
N ALA D 247 -31.43 42.11 -0.32
CA ALA D 247 -30.42 42.01 0.74
C ALA D 247 -29.07 41.59 0.17
N HIS D 248 -29.07 40.70 -0.81
CA HIS D 248 -27.80 40.29 -1.43
C HIS D 248 -27.20 41.42 -2.25
N SER D 249 -28.03 42.15 -3.00
CA SER D 249 -27.52 43.21 -3.85
C SER D 249 -26.88 44.34 -3.03
N LYS D 250 -27.50 44.68 -1.89
CA LYS D 250 -26.93 45.72 -1.05
C LYS D 250 -25.63 45.26 -0.39
N VAL D 251 -25.53 43.96 -0.06
CA VAL D 251 -24.31 43.44 0.54
C VAL D 251 -23.22 43.32 -0.51
N TRP D 252 -23.59 42.98 -1.75
CA TRP D 252 -22.59 42.87 -2.81
C TRP D 252 -21.94 44.20 -3.10
N HIS D 253 -22.74 45.25 -3.29
CA HIS D 253 -22.19 46.58 -3.51
C HIS D 253 -21.40 47.06 -2.30
N ASN D 254 -21.78 46.64 -1.10
CA ASN D 254 -21.00 46.97 0.09
C ASN D 254 -19.60 46.38 0.00
N TYR D 255 -19.51 45.07 -0.22
CA TYR D 255 -18.20 44.44 -0.33
C TYR D 255 -17.46 44.92 -1.57
N ASN D 256 -18.18 45.18 -2.66
CA ASN D 256 -17.54 45.56 -3.90
C ASN D 256 -16.87 46.93 -3.81
N THR D 257 -17.42 47.82 -2.99
CA THR D 257 -16.94 49.20 -2.92
C THR D 257 -16.26 49.55 -1.61
N HIS D 258 -16.37 48.70 -0.57
CA HIS D 258 -15.83 49.03 0.73
C HIS D 258 -14.82 48.03 1.27
N PHE D 259 -14.72 46.83 0.68
CA PHE D 259 -13.79 45.83 1.18
C PHE D 259 -13.06 45.05 0.10
N ARG D 260 -13.64 44.83 -1.08
CA ARG D 260 -12.92 44.18 -2.16
C ARG D 260 -11.62 44.90 -2.55
N PRO D 261 -11.52 46.24 -2.51
CA PRO D 261 -10.22 46.87 -2.83
C PRO D 261 -9.04 46.34 -2.03
N HIS D 262 -9.12 46.33 -0.70
CA HIS D 262 -7.98 45.97 0.13
C HIS D 262 -8.00 44.51 0.60
N GLN D 263 -9.10 43.79 0.42
CA GLN D 263 -9.14 42.38 0.74
C GLN D 263 -8.99 41.48 -0.49
N LYS D 264 -9.47 41.93 -1.65
CA LYS D 264 -9.33 41.20 -2.91
C LYS D 264 -9.94 39.81 -2.82
N GLY D 265 -11.25 39.78 -2.60
CA GLY D 265 -11.97 38.52 -2.50
C GLY D 265 -13.16 38.44 -3.44
N TRP D 266 -13.99 37.40 -3.28
CA TRP D 266 -15.16 37.19 -4.09
C TRP D 266 -16.40 37.08 -3.21
N LEU D 267 -17.55 37.38 -3.81
CA LEU D 267 -18.82 37.28 -3.11
C LEU D 267 -19.90 36.92 -4.12
N SER D 268 -20.81 36.04 -3.71
CA SER D 268 -21.89 35.58 -4.57
C SER D 268 -23.03 35.07 -3.70
N ILE D 269 -23.87 34.22 -4.26
CA ILE D 269 -25.04 33.69 -3.55
C ILE D 269 -25.32 32.28 -4.04
N THR D 270 -25.60 31.38 -3.10
CA THR D 270 -25.91 30.00 -3.42
C THR D 270 -27.35 29.91 -3.89
N LEU D 271 -27.55 29.52 -5.15
CA LEU D 271 -28.87 29.40 -5.75
C LEU D 271 -29.13 27.93 -6.05
N GLY D 272 -30.09 27.34 -5.34
CA GLY D 272 -30.45 25.96 -5.56
C GLY D 272 -31.55 25.80 -6.59
N SER D 273 -31.58 24.61 -7.19
CA SER D 273 -32.58 24.29 -8.20
C SER D 273 -32.62 22.78 -8.40
N HIS D 274 -33.71 22.32 -9.00
CA HIS D 274 -33.88 20.92 -9.34
C HIS D 274 -33.62 20.73 -10.83
N TRP D 275 -34.00 19.58 -11.36
CA TRP D 275 -33.98 19.33 -12.79
C TRP D 275 -35.19 18.49 -13.16
N ILE D 276 -35.65 18.64 -14.40
CA ILE D 276 -36.90 18.04 -14.82
C ILE D 276 -36.75 17.59 -16.27
N GLU D 277 -37.56 16.60 -16.65
CA GLU D 277 -37.59 16.05 -17.99
C GLU D 277 -39.01 16.07 -18.53
N PRO D 278 -39.17 16.30 -19.84
CA PRO D 278 -40.53 16.38 -20.40
C PRO D 278 -41.24 15.03 -20.35
N GLN D 279 -42.55 15.08 -20.13
CA GLN D 279 -43.35 13.85 -20.07
C GLN D 279 -43.22 13.06 -21.36
N ARG D 280 -43.39 13.73 -22.51
CA ARG D 280 -43.08 13.14 -23.80
C ARG D 280 -41.67 13.54 -24.21
N SER D 281 -40.96 12.60 -24.84
CA SER D 281 -39.55 12.81 -25.15
C SER D 281 -39.31 13.94 -26.14
N GLU D 282 -40.32 14.32 -26.93
CA GLU D 282 -40.12 15.38 -27.92
C GLU D 282 -41.34 16.28 -28.10
N ASN D 283 -42.27 16.31 -27.15
CA ASN D 283 -43.43 17.18 -27.29
C ASN D 283 -43.02 18.65 -27.19
N THR D 284 -43.67 19.48 -28.00
CA THR D 284 -43.32 20.90 -28.03
C THR D 284 -43.73 21.59 -26.74
N MET D 285 -44.96 21.38 -26.29
CA MET D 285 -45.47 22.03 -25.09
C MET D 285 -44.96 21.41 -23.80
N ASP D 286 -44.37 20.21 -23.86
CA ASP D 286 -43.85 19.57 -22.65
C ASP D 286 -42.45 20.06 -22.30
N ILE D 287 -41.65 20.47 -23.29
CA ILE D 287 -40.36 21.07 -22.96
C ILE D 287 -40.54 22.54 -22.60
N PHE D 288 -41.58 23.19 -23.12
CA PHE D 288 -41.91 24.53 -22.66
C PHE D 288 -42.41 24.50 -21.22
N LYS D 289 -43.10 23.43 -20.83
CA LYS D 289 -43.51 23.27 -19.44
C LYS D 289 -42.30 23.04 -18.54
N CYS D 290 -41.23 22.47 -19.09
CA CYS D 290 -39.99 22.33 -18.31
C CYS D 290 -39.30 23.68 -18.11
N GLN D 291 -39.36 24.55 -19.13
CA GLN D 291 -38.75 25.87 -19.02
C GLN D 291 -39.39 26.68 -17.91
N GLN D 292 -40.71 26.61 -17.78
CA GLN D 292 -41.39 27.36 -16.73
C GLN D 292 -41.07 26.81 -15.35
N SER D 293 -40.75 25.52 -15.25
CA SER D 293 -40.41 24.93 -13.95
C SER D 293 -39.08 25.44 -13.44
N MET D 294 -38.07 25.47 -14.30
CA MET D 294 -36.76 25.96 -13.89
C MET D 294 -36.80 27.46 -13.61
N VAL D 295 -37.52 28.22 -14.43
CA VAL D 295 -37.62 29.65 -14.22
C VAL D 295 -38.35 29.97 -12.93
N SER D 296 -39.39 29.19 -12.61
CA SER D 296 -40.16 29.46 -11.39
C SER D 296 -39.37 29.18 -10.13
N VAL D 297 -38.27 28.43 -10.21
CA VAL D 297 -37.47 28.07 -9.05
C VAL D 297 -36.09 28.69 -9.12
N LEU D 298 -35.37 28.49 -10.23
CA LEU D 298 -34.04 29.05 -10.35
C LEU D 298 -34.03 30.44 -10.97
N GLY D 299 -34.91 30.68 -11.96
CA GLY D 299 -35.02 32.00 -12.55
C GLY D 299 -35.63 33.04 -11.63
N TRP D 300 -36.34 32.60 -10.60
CA TRP D 300 -36.92 33.55 -9.64
C TRP D 300 -35.84 34.42 -9.00
N PHE D 301 -34.69 33.83 -8.68
CA PHE D 301 -33.62 34.56 -8.01
C PHE D 301 -32.40 34.84 -8.88
N ALA D 302 -32.21 34.07 -9.96
CA ALA D 302 -30.99 34.24 -10.75
C ALA D 302 -31.12 35.36 -11.77
N ASN D 303 -32.29 35.49 -12.40
CA ASN D 303 -32.50 36.60 -13.33
C ASN D 303 -32.29 37.96 -12.71
N PRO D 304 -32.76 38.26 -11.49
CA PRO D 304 -32.48 39.59 -10.91
C PRO D 304 -31.05 39.76 -10.45
N ILE D 305 -30.24 38.70 -10.46
CA ILE D 305 -28.86 38.74 -9.95
C ILE D 305 -27.84 38.44 -11.05
N HIS D 306 -28.03 37.34 -11.77
CA HIS D 306 -27.12 36.96 -12.83
C HIS D 306 -27.66 37.29 -14.21
N GLY D 307 -28.79 37.99 -14.28
CA GLY D 307 -29.37 38.34 -15.56
C GLY D 307 -29.43 39.84 -15.81
N ASP D 308 -30.62 40.36 -16.11
CA ASP D 308 -30.79 41.78 -16.40
C ASP D 308 -31.06 42.61 -15.15
N GLY D 309 -31.69 42.02 -14.13
CA GLY D 309 -31.96 42.75 -12.91
C GLY D 309 -33.41 42.62 -12.47
N ASP D 310 -34.28 42.15 -13.36
CA ASP D 310 -35.69 41.99 -13.08
C ASP D 310 -36.07 40.53 -13.19
N TYR D 311 -37.26 40.19 -12.70
CA TYR D 311 -37.75 38.83 -12.72
C TYR D 311 -37.97 38.37 -14.16
N PRO D 312 -37.97 37.05 -14.40
CA PRO D 312 -38.24 36.55 -15.75
C PRO D 312 -39.62 37.00 -16.24
N GLU D 313 -39.75 37.07 -17.57
CA GLU D 313 -40.99 37.55 -18.16
C GLU D 313 -42.18 36.68 -17.77
N GLY D 314 -41.96 35.36 -17.69
CA GLY D 314 -43.05 34.47 -17.32
C GLY D 314 -43.55 34.70 -15.91
N MET D 315 -42.66 35.08 -14.99
CA MET D 315 -43.08 35.30 -13.61
C MET D 315 -43.92 36.56 -13.49
N ARG D 316 -43.51 37.65 -14.15
CA ARG D 316 -44.26 38.89 -14.07
C ARG D 316 -45.64 38.74 -14.72
N LYS D 317 -45.76 37.91 -15.75
CA LYS D 317 -47.05 37.76 -16.42
C LYS D 317 -48.00 36.86 -15.64
N LYS D 318 -47.49 35.78 -15.06
CA LYS D 318 -48.35 34.86 -14.31
C LYS D 318 -48.94 35.54 -13.08
N LEU D 319 -48.13 36.30 -12.35
CA LEU D 319 -48.56 37.01 -11.15
C LEU D 319 -48.20 38.49 -11.33
N PHE D 320 -49.07 39.25 -11.99
CA PHE D 320 -48.86 40.66 -12.21
C PHE D 320 -49.44 41.53 -11.10
N SER D 321 -49.82 40.93 -9.98
CA SER D 321 -50.38 41.68 -8.86
C SER D 321 -49.88 41.23 -7.49
N VAL D 322 -49.47 39.96 -7.32
CA VAL D 322 -48.86 39.51 -6.07
C VAL D 322 -47.35 39.63 -6.08
N LEU D 323 -46.75 39.96 -7.22
CA LEU D 323 -45.31 40.01 -7.38
C LEU D 323 -44.84 41.45 -7.27
N PRO D 324 -43.94 41.77 -6.34
CA PRO D 324 -43.40 43.13 -6.27
C PRO D 324 -42.63 43.48 -7.54
N ILE D 325 -42.60 44.77 -7.85
CA ILE D 325 -42.00 45.27 -9.07
C ILE D 325 -40.62 45.83 -8.76
N PHE D 326 -39.69 45.63 -9.69
CA PHE D 326 -38.31 46.09 -9.53
C PHE D 326 -38.14 47.38 -10.34
N SER D 327 -38.18 48.50 -9.63
CA SER D 327 -38.04 49.81 -10.26
C SER D 327 -36.83 49.85 -11.18
N GLU D 328 -36.98 50.50 -12.33
CA GLU D 328 -35.86 50.63 -13.27
C GLU D 328 -34.65 51.28 -12.62
N ALA D 329 -34.84 51.99 -11.51
CA ALA D 329 -33.71 52.47 -10.72
C ALA D 329 -33.07 51.34 -9.90
N GLU D 330 -33.84 50.29 -9.58
CA GLU D 330 -33.27 49.14 -8.88
C GLU D 330 -32.63 48.14 -9.83
N LYS D 331 -33.11 48.07 -11.08
CA LYS D 331 -32.60 47.09 -12.02
C LYS D 331 -31.12 47.32 -12.32
N HIS D 332 -30.69 48.58 -12.38
CA HIS D 332 -29.28 48.86 -12.62
C HIS D 332 -28.43 48.49 -11.42
N GLU D 333 -28.99 48.53 -10.21
CA GLU D 333 -28.26 48.19 -9.00
C GLU D 333 -28.41 46.73 -8.61
N MET D 334 -28.95 45.89 -9.49
CA MET D 334 -28.98 44.46 -9.27
C MET D 334 -28.49 43.68 -10.47
N ARG D 335 -28.19 44.36 -11.58
CA ARG D 335 -27.63 43.73 -12.77
C ARG D 335 -26.22 43.22 -12.47
N GLY D 336 -26.07 41.91 -12.38
CA GLY D 336 -24.77 41.30 -12.17
C GLY D 336 -24.12 41.59 -10.83
N THR D 337 -24.84 41.33 -9.74
CA THR D 337 -24.28 41.49 -8.40
C THR D 337 -23.79 40.15 -7.86
N ALA D 338 -22.93 39.51 -8.65
CA ALA D 338 -22.34 38.23 -8.29
C ALA D 338 -21.11 37.91 -9.15
N ASP D 339 -19.98 37.67 -8.50
CA ASP D 339 -18.75 37.35 -9.23
C ASP D 339 -18.86 35.96 -9.87
N PHE D 340 -18.94 34.93 -9.03
CA PHE D 340 -19.15 33.58 -9.49
C PHE D 340 -20.60 33.17 -9.26
N PHE D 341 -20.92 31.92 -9.60
CA PHE D 341 -22.27 31.39 -9.51
C PHE D 341 -22.27 30.21 -8.55
N ALA D 342 -22.52 30.47 -7.27
CA ALA D 342 -22.67 29.39 -6.31
C ALA D 342 -23.99 28.68 -6.55
N PHE D 343 -23.93 27.35 -6.72
CA PHE D 343 -25.05 26.56 -7.17
C PHE D 343 -25.24 25.35 -6.26
N SER D 344 -26.50 25.09 -5.90
CA SER D 344 -26.86 23.96 -5.06
C SER D 344 -27.63 22.94 -5.89
N PHE D 345 -27.49 21.66 -5.52
CA PHE D 345 -28.09 20.57 -6.25
C PHE D 345 -28.19 19.32 -5.37
N GLY D 346 -29.03 19.37 -4.33
CA GLY D 346 -29.13 18.28 -3.40
C GLY D 346 -30.57 17.87 -3.14
N PRO D 347 -30.79 17.08 -2.08
CA PRO D 347 -32.14 16.60 -1.78
C PRO D 347 -33.05 17.67 -1.16
N ASN D 348 -32.56 18.89 -0.96
CA ASN D 348 -33.39 19.95 -0.41
C ASN D 348 -34.32 20.56 -1.46
N ASN D 349 -33.96 20.48 -2.73
CA ASN D 349 -34.83 20.92 -3.82
C ASN D 349 -35.45 19.74 -4.57
N PHE D 350 -35.58 18.60 -3.91
CA PHE D 350 -36.23 17.42 -4.49
C PHE D 350 -37.17 16.77 -3.49
N LYS D 351 -36.77 16.74 -2.22
CA LYS D 351 -37.59 16.18 -1.16
C LYS D 351 -37.91 17.24 -0.12
N PRO D 352 -39.17 17.34 0.33
CA PRO D 352 -40.31 16.49 -0.07
C PRO D 352 -40.90 16.85 -1.44
N LEU D 353 -42.07 16.31 -1.74
CA LEU D 353 -42.65 16.46 -3.07
C LEU D 353 -43.07 17.91 -3.35
N ASN D 354 -43.76 18.54 -2.39
CA ASN D 354 -44.28 19.90 -2.58
C ASN D 354 -43.19 20.96 -2.65
N THR D 355 -41.91 20.58 -2.74
CA THR D 355 -40.85 21.59 -2.84
C THR D 355 -40.92 22.36 -4.15
N MET D 356 -41.22 21.67 -5.24
CA MET D 356 -41.24 22.28 -6.57
C MET D 356 -42.59 22.04 -7.22
N ALA D 357 -42.80 22.73 -8.34
CA ALA D 357 -43.96 22.53 -9.20
C ALA D 357 -43.52 21.72 -10.42
N LYS D 358 -43.92 20.44 -10.46
CA LYS D 358 -43.45 19.53 -11.49
C LYS D 358 -44.10 19.77 -12.85
N MET D 359 -45.17 20.56 -12.91
CA MET D 359 -45.89 20.85 -14.14
C MET D 359 -46.34 19.59 -14.87
N GLY D 360 -46.47 18.47 -14.16
CA GLY D 360 -46.83 17.21 -14.78
C GLY D 360 -45.74 16.61 -15.64
N GLN D 361 -44.48 16.77 -15.24
CA GLN D 361 -43.34 16.26 -15.99
C GLN D 361 -42.52 15.31 -15.12
N ASN D 362 -41.47 14.74 -15.71
CA ASN D 362 -40.64 13.75 -15.04
C ASN D 362 -39.46 14.43 -14.35
N VAL D 363 -39.29 14.15 -13.06
CA VAL D 363 -38.19 14.70 -12.28
C VAL D 363 -36.90 13.99 -12.65
N SER D 364 -35.83 14.76 -12.83
CA SER D 364 -34.54 14.22 -13.23
C SER D 364 -33.46 14.72 -12.27
N LEU D 365 -32.35 13.97 -12.22
CA LEU D 365 -31.20 14.31 -11.39
C LEU D 365 -29.94 14.55 -12.22
N ASN D 366 -30.07 14.71 -13.54
CA ASN D 366 -28.91 14.83 -14.41
C ASN D 366 -28.26 16.19 -14.18
N LEU D 367 -27.17 16.19 -13.39
CA LEU D 367 -26.44 17.42 -13.13
C LEU D 367 -25.70 17.93 -14.37
N ARG D 368 -25.44 17.05 -15.35
CA ARG D 368 -24.77 17.48 -16.57
C ARG D 368 -25.61 18.48 -17.35
N GLU D 369 -26.91 18.23 -17.44
CA GLU D 369 -27.80 19.13 -18.17
C GLU D 369 -28.18 20.37 -17.37
N ALA D 370 -28.07 20.31 -16.04
CA ALA D 370 -28.40 21.47 -15.23
C ALA D 370 -27.41 22.60 -15.46
N LEU D 371 -26.11 22.29 -15.42
CA LEU D 371 -25.10 23.31 -15.71
C LEU D 371 -25.19 23.79 -17.15
N ASN D 372 -25.57 22.91 -18.08
CA ASN D 372 -25.80 23.33 -19.45
C ASN D 372 -26.89 24.39 -19.53
N TRP D 373 -27.96 24.22 -18.77
CA TRP D 373 -29.02 25.21 -18.74
C TRP D 373 -28.55 26.50 -18.08
N ILE D 374 -27.62 26.41 -17.14
CA ILE D 374 -27.12 27.61 -16.46
C ILE D 374 -26.16 28.38 -17.36
N LYS D 375 -25.34 27.67 -18.14
CA LYS D 375 -24.41 28.34 -19.05
C LYS D 375 -25.11 29.05 -20.19
N LEU D 376 -26.32 28.62 -20.56
CA LEU D 376 -27.07 29.23 -21.65
C LEU D 376 -27.92 30.40 -21.18
N GLU D 377 -28.64 30.23 -20.07
CA GLU D 377 -29.54 31.27 -19.59
C GLU D 377 -28.80 32.46 -18.98
N TYR D 378 -27.55 32.27 -18.54
CA TYR D 378 -26.83 33.32 -17.82
C TYR D 378 -25.45 33.55 -18.41
N ASN D 379 -25.30 33.34 -19.73
CA ASN D 379 -24.14 33.78 -20.49
C ASN D 379 -22.84 33.17 -19.98
N ASN D 380 -22.86 31.85 -19.78
CA ASN D 380 -21.68 31.05 -19.43
C ASN D 380 -20.90 31.67 -18.27
N PRO D 381 -21.43 31.63 -17.05
CA PRO D 381 -20.67 32.17 -15.91
C PRO D 381 -19.59 31.22 -15.43
N ARG D 382 -18.99 31.52 -14.29
CA ARG D 382 -18.02 30.64 -13.63
C ARG D 382 -18.73 30.05 -12.40
N ILE D 383 -19.17 28.81 -12.54
CA ILE D 383 -20.07 28.19 -11.57
C ILE D 383 -19.28 27.52 -10.47
N LEU D 384 -19.84 27.53 -9.26
CA LEU D 384 -19.32 26.78 -8.12
C LEU D 384 -20.46 25.96 -7.53
N ILE D 385 -20.42 24.64 -7.72
CA ILE D 385 -21.38 23.76 -7.09
C ILE D 385 -21.17 23.80 -5.59
N ALA D 386 -21.99 24.57 -4.89
CA ALA D 386 -21.78 24.81 -3.47
C ALA D 386 -22.39 23.75 -2.57
N GLU D 387 -23.13 22.79 -3.13
CA GLU D 387 -23.75 21.73 -2.35
C GLU D 387 -24.18 20.63 -3.30
N ASN D 388 -23.67 19.41 -3.08
CA ASN D 388 -24.03 18.30 -3.94
C ASN D 388 -23.93 17.00 -3.15
N GLY D 389 -24.80 16.05 -3.50
CA GLY D 389 -24.88 14.78 -2.82
C GLY D 389 -26.30 14.44 -2.42
N TRP D 390 -26.57 13.17 -2.13
CA TRP D 390 -27.88 12.72 -1.69
C TRP D 390 -27.80 12.40 -0.19
N PHE D 391 -28.63 11.46 0.27
CA PHE D 391 -28.67 11.10 1.67
C PHE D 391 -28.87 9.59 1.81
N THR D 392 -28.78 9.12 3.05
CA THR D 392 -29.03 7.73 3.39
C THR D 392 -29.96 7.68 4.59
N ASP D 393 -30.53 6.50 4.82
CA ASP D 393 -31.43 6.32 5.95
C ASP D 393 -30.68 6.46 7.27
N SER D 394 -31.44 6.61 8.36
CA SER D 394 -30.82 6.78 9.66
C SER D 394 -30.12 5.51 10.14
N ARG D 395 -30.53 4.35 9.64
CA ARG D 395 -29.94 3.11 10.11
C ARG D 395 -28.55 2.89 9.54
N VAL D 396 -28.31 3.35 8.31
CA VAL D 396 -27.01 3.15 7.68
C VAL D 396 -25.96 3.97 8.43
N LYS D 397 -24.97 3.27 8.99
CA LYS D 397 -23.95 3.93 9.80
C LYS D 397 -22.78 4.41 8.94
N THR D 398 -21.88 3.50 8.57
CA THR D 398 -20.67 3.86 7.85
C THR D 398 -20.48 3.08 6.55
N GLU D 399 -21.52 2.40 6.06
CA GLU D 399 -21.37 1.61 4.85
C GLU D 399 -22.37 2.06 3.78
N ASP D 400 -22.46 3.37 3.55
CA ASP D 400 -23.36 3.90 2.54
C ASP D 400 -22.90 3.51 1.14
N THR D 401 -23.31 2.32 0.69
CA THR D 401 -22.91 1.84 -0.63
C THR D 401 -23.46 2.72 -1.74
N THR D 402 -24.72 3.17 -1.60
CA THR D 402 -25.33 3.98 -2.63
C THR D 402 -24.62 5.32 -2.77
N ALA D 403 -24.18 5.91 -1.66
CA ALA D 403 -23.54 7.21 -1.70
C ALA D 403 -22.27 7.21 -2.54
N ILE D 404 -21.59 6.06 -2.63
CA ILE D 404 -20.41 5.95 -3.49
C ILE D 404 -20.79 6.12 -4.95
N TYR D 405 -21.85 5.44 -5.37
CA TYR D 405 -22.29 5.51 -6.76
C TYR D 405 -23.09 6.77 -7.05
N MET D 406 -23.72 7.37 -6.05
CA MET D 406 -24.32 8.68 -6.23
C MET D 406 -23.25 9.72 -6.52
N MET D 407 -22.15 9.69 -5.75
CA MET D 407 -21.05 10.62 -5.98
C MET D 407 -20.35 10.33 -7.30
N LYS D 408 -20.17 9.04 -7.62
CA LYS D 408 -19.56 8.69 -8.90
C LYS D 408 -20.42 9.12 -10.07
N ASN D 409 -21.75 9.18 -9.87
CA ASN D 409 -22.63 9.63 -10.94
C ASN D 409 -22.58 11.13 -11.11
N PHE D 410 -22.55 11.88 -10.00
CA PHE D 410 -22.53 13.33 -10.09
C PHE D 410 -21.19 13.85 -10.59
N LEU D 411 -20.08 13.31 -10.07
CA LEU D 411 -18.77 13.79 -10.47
C LEU D 411 -18.44 13.42 -11.91
N SER D 412 -18.99 12.30 -12.41
CA SER D 412 -18.80 11.98 -13.82
C SER D 412 -19.59 12.92 -14.71
N GLN D 413 -20.69 13.48 -14.20
CA GLN D 413 -21.46 14.45 -14.98
C GLN D 413 -20.82 15.83 -14.93
N VAL D 414 -20.24 16.21 -13.79
CA VAL D 414 -19.53 17.47 -13.69
C VAL D 414 -18.34 17.48 -14.64
N LEU D 415 -17.57 16.38 -14.65
CA LEU D 415 -16.44 16.26 -15.56
C LEU D 415 -16.90 16.28 -17.01
N GLN D 416 -18.03 15.64 -17.30
CA GLN D 416 -18.58 15.67 -18.65
C GLN D 416 -18.89 17.09 -19.09
N ALA D 417 -19.50 17.89 -18.21
CA ALA D 417 -19.81 19.27 -18.55
C ALA D 417 -18.56 20.10 -18.76
N ILE D 418 -17.49 19.79 -18.02
CA ILE D 418 -16.26 20.58 -18.14
C ILE D 418 -15.53 20.22 -19.43
N ARG D 419 -15.49 18.94 -19.78
CA ARG D 419 -14.75 18.48 -20.94
C ARG D 419 -15.59 18.47 -22.21
N LEU D 420 -16.78 17.86 -22.14
CA LEU D 420 -17.63 17.71 -23.32
C LEU D 420 -18.50 18.94 -23.55
N ASP D 421 -19.28 19.33 -22.54
CA ASP D 421 -20.16 20.50 -22.67
C ASP D 421 -19.43 21.82 -22.49
N GLU D 422 -18.18 21.79 -22.02
CA GLU D 422 -17.33 22.97 -21.92
C GLU D 422 -17.96 24.05 -21.03
N ILE D 423 -18.23 23.65 -19.78
CA ILE D 423 -18.82 24.54 -18.78
C ILE D 423 -17.70 25.02 -17.85
N ARG D 424 -17.74 26.32 -17.52
CA ARG D 424 -16.67 26.96 -16.75
C ARG D 424 -16.74 26.65 -15.26
N VAL D 425 -16.93 25.40 -14.87
CA VAL D 425 -16.95 25.03 -13.46
C VAL D 425 -15.52 24.98 -12.94
N PHE D 426 -15.30 25.58 -11.77
CA PHE D 426 -13.97 25.61 -11.16
C PHE D 426 -13.90 24.89 -9.82
N GLY D 427 -15.03 24.60 -9.18
CA GLY D 427 -14.99 23.99 -7.86
C GLY D 427 -16.15 23.03 -7.66
N TYR D 428 -16.06 22.28 -6.56
CA TYR D 428 -17.08 21.31 -6.19
C TYR D 428 -17.15 21.22 -4.68
N THR D 429 -18.36 21.21 -4.13
CA THR D 429 -18.58 21.14 -2.69
C THR D 429 -19.43 19.92 -2.39
N ALA D 430 -18.90 18.99 -1.59
CA ALA D 430 -19.64 17.82 -1.17
C ALA D 430 -20.35 18.08 0.14
N TRP D 431 -21.58 17.59 0.26
CA TRP D 431 -22.42 17.81 1.43
C TRP D 431 -22.73 16.46 2.06
N SER D 432 -22.35 16.29 3.33
CA SER D 432 -21.62 17.30 4.09
C SER D 432 -20.48 16.63 4.86
N LEU D 433 -19.84 17.37 5.76
CA LEU D 433 -18.77 16.81 6.57
C LEU D 433 -19.34 15.85 7.60
N LEU D 434 -20.01 16.41 8.61
CA LEU D 434 -20.58 15.60 9.68
C LEU D 434 -22.04 15.24 9.38
N ASP D 435 -22.57 14.32 10.18
CA ASP D 435 -24.00 14.05 10.23
C ASP D 435 -24.65 15.04 11.19
N GLY D 436 -25.76 15.63 10.75
CA GLY D 436 -26.39 16.71 11.50
C GLY D 436 -27.89 16.73 11.36
N PHE D 437 -28.50 17.68 12.06
CA PHE D 437 -29.95 17.86 12.13
C PHE D 437 -30.45 18.40 10.81
N GLU D 438 -31.07 17.53 10.00
CA GLU D 438 -31.46 17.88 8.63
C GLU D 438 -32.85 18.52 8.62
N TRP D 439 -32.97 19.64 9.33
CA TRP D 439 -34.17 20.49 9.35
C TRP D 439 -35.36 19.65 9.79
N GLN D 440 -36.47 19.64 9.05
CA GLN D 440 -37.68 18.93 9.43
C GLN D 440 -37.55 17.42 9.36
N ASP D 441 -36.50 16.92 8.71
CA ASP D 441 -36.25 15.48 8.71
C ASP D 441 -35.60 15.00 10.01
N ALA D 442 -35.19 15.91 10.89
CA ALA D 442 -34.49 15.57 12.12
C ALA D 442 -33.27 14.69 11.81
N TYR D 443 -33.05 13.66 12.62
CA TYR D 443 -31.98 12.70 12.39
C TYR D 443 -32.46 11.46 11.64
N THR D 444 -33.61 11.55 10.96
CA THR D 444 -34.13 10.38 10.25
C THR D 444 -33.35 10.06 8.98
N ILE D 445 -32.55 11.00 8.49
CA ILE D 445 -31.68 10.77 7.34
C ILE D 445 -30.27 11.21 7.71
N ARG D 446 -29.32 10.85 6.84
CA ARG D 446 -27.92 11.18 7.04
C ARG D 446 -27.32 11.62 5.72
N ARG D 447 -26.70 12.82 5.72
CA ARG D 447 -26.07 13.36 4.53
C ARG D 447 -24.56 13.52 4.65
N GLY D 448 -24.01 13.55 5.86
CA GLY D 448 -22.60 13.85 6.02
C GLY D 448 -21.71 12.68 5.61
N LEU D 449 -20.48 13.03 5.20
CA LEU D 449 -19.48 12.04 4.85
C LEU D 449 -18.85 11.38 6.08
N PHE D 450 -19.08 11.93 7.26
CA PHE D 450 -18.60 11.34 8.51
C PHE D 450 -19.78 10.96 9.39
N TYR D 451 -19.61 9.91 10.17
CA TYR D 451 -20.68 9.37 11.02
C TYR D 451 -20.49 9.86 12.44
N VAL D 452 -21.56 10.37 13.04
CA VAL D 452 -21.57 10.82 14.42
C VAL D 452 -22.69 10.09 15.15
N ASP D 453 -22.31 9.27 16.13
CA ASP D 453 -23.30 8.58 16.97
C ASP D 453 -23.94 9.61 17.88
N PHE D 454 -25.16 10.01 17.54
CA PHE D 454 -25.82 11.09 18.27
C PHE D 454 -26.17 10.71 19.70
N ASN D 455 -26.15 9.42 20.04
CA ASN D 455 -26.40 8.96 21.40
C ASN D 455 -25.12 8.64 22.15
N SER D 456 -24.00 9.25 21.73
CA SER D 456 -22.71 9.04 22.39
C SER D 456 -22.12 10.39 22.74
N LYS D 457 -21.59 10.51 23.96
CA LYS D 457 -20.97 11.76 24.39
C LYS D 457 -19.62 12.00 23.71
N GLN D 458 -18.97 10.94 23.22
CA GLN D 458 -17.68 11.11 22.56
C GLN D 458 -17.84 11.85 21.23
N LYS D 459 -18.87 11.52 20.46
CA LYS D 459 -19.19 12.20 19.20
C LYS D 459 -18.04 12.12 18.21
N GLU D 460 -17.33 11.00 18.20
CA GLU D 460 -16.22 10.83 17.28
C GLU D 460 -16.72 10.73 15.85
N ARG D 461 -16.07 11.46 14.94
CA ARG D 461 -16.46 11.46 13.53
C ARG D 461 -15.71 10.33 12.83
N LYS D 462 -16.38 9.19 12.66
CA LYS D 462 -15.78 8.06 11.96
C LYS D 462 -15.99 8.20 10.45
N PRO D 463 -14.95 8.09 9.65
CA PRO D 463 -15.12 8.24 8.20
C PRO D 463 -15.94 7.11 7.62
N LYS D 464 -16.90 7.47 6.76
CA LYS D 464 -17.79 6.51 6.13
C LYS D 464 -17.13 5.93 4.88
N SER D 465 -17.89 5.16 4.11
CA SER D 465 -17.35 4.57 2.89
C SER D 465 -17.09 5.64 1.82
N SER D 466 -17.96 6.66 1.76
CA SER D 466 -17.75 7.74 0.80
C SER D 466 -16.60 8.65 1.20
N ALA D 467 -16.21 8.65 2.47
CA ALA D 467 -15.06 9.45 2.88
C ALA D 467 -13.77 8.94 2.24
N HIS D 468 -13.58 7.62 2.23
CA HIS D 468 -12.40 7.05 1.56
C HIS D 468 -12.49 7.20 0.05
N TYR D 469 -13.70 7.16 -0.51
CA TYR D 469 -13.86 7.30 -1.95
C TYR D 469 -13.66 8.74 -2.38
N TYR D 470 -14.10 9.71 -1.57
CA TYR D 470 -13.88 11.11 -1.90
C TYR D 470 -12.41 11.48 -1.72
N LYS D 471 -11.75 10.92 -0.69
CA LYS D 471 -10.34 11.18 -0.51
C LYS D 471 -9.52 10.68 -1.69
N GLN D 472 -9.86 9.49 -2.20
CA GLN D 472 -9.17 8.98 -3.39
C GLN D 472 -9.51 9.81 -4.61
N ILE D 473 -10.77 10.26 -4.72
CA ILE D 473 -11.15 11.15 -5.81
C ILE D 473 -10.32 12.44 -5.76
N ILE D 474 -10.17 13.02 -4.58
CA ILE D 474 -9.40 14.24 -4.43
C ILE D 474 -7.92 13.98 -4.70
N ARG D 475 -7.37 12.90 -4.15
CA ARG D 475 -5.95 12.63 -4.32
C ARG D 475 -5.61 12.28 -5.77
N GLU D 476 -6.51 11.62 -6.48
CA GLU D 476 -6.28 11.27 -7.87
C GLU D 476 -6.84 12.30 -8.85
N ASN D 477 -7.61 13.27 -8.36
CA ASN D 477 -8.19 14.33 -9.19
C ASN D 477 -9.05 13.75 -10.32
N GLY D 478 -9.79 12.70 -10.01
CA GLY D 478 -10.64 12.05 -10.99
C GLY D 478 -10.69 10.55 -10.84
N THR D 485 -6.88 -2.18 -17.46
CA THR D 485 -5.72 -2.63 -18.22
C THR D 485 -5.86 -2.28 -19.70
N PRO D 486 -4.74 -1.93 -20.36
CA PRO D 486 -4.81 -1.57 -21.77
C PRO D 486 -4.99 -2.77 -22.69
N ASP D 487 -4.66 -2.59 -23.97
CA ASP D 487 -4.78 -3.69 -24.93
C ASP D 487 -3.55 -4.59 -24.87
N VAL D 488 -3.70 -5.78 -25.45
CA VAL D 488 -2.65 -6.81 -25.38
C VAL D 488 -1.80 -6.78 -26.63
N GLN D 489 -1.06 -7.87 -26.85
CA GLN D 489 0.02 -7.89 -27.84
C GLN D 489 -0.34 -8.70 -29.08
N GLY D 490 -0.48 -10.02 -28.95
CA GLY D 490 -0.58 -10.85 -30.14
C GLY D 490 -1.82 -11.69 -30.34
N GLN D 491 -1.73 -12.67 -31.24
CA GLN D 491 -2.88 -13.45 -31.68
C GLN D 491 -3.04 -14.73 -30.86
N PHE D 492 -4.11 -15.47 -31.15
CA PHE D 492 -4.42 -16.71 -30.45
C PHE D 492 -3.68 -17.88 -31.08
N PRO D 493 -3.70 -19.05 -30.45
CA PRO D 493 -3.23 -20.25 -31.13
C PRO D 493 -4.05 -20.56 -32.38
N CYS D 494 -3.48 -21.38 -33.24
CA CYS D 494 -4.15 -21.72 -34.49
C CYS D 494 -5.37 -22.61 -34.25
N ASP D 495 -5.35 -23.42 -33.20
CA ASP D 495 -6.42 -24.37 -32.92
C ASP D 495 -7.52 -23.78 -32.06
N PHE D 496 -7.71 -22.46 -32.08
CA PHE D 496 -8.77 -21.85 -31.29
C PHE D 496 -10.13 -22.15 -31.91
N SER D 497 -11.16 -22.22 -31.06
CA SER D 497 -12.49 -22.62 -31.47
C SER D 497 -13.36 -21.37 -31.59
N TRP D 498 -13.37 -20.77 -32.79
CA TRP D 498 -14.27 -19.66 -33.08
C TRP D 498 -15.63 -20.21 -33.48
N GLY D 499 -16.65 -19.91 -32.70
CA GLY D 499 -17.98 -20.47 -32.96
C GLY D 499 -19.08 -19.54 -32.54
N VAL D 500 -20.30 -19.90 -32.96
CA VAL D 500 -21.51 -19.18 -32.62
C VAL D 500 -22.43 -20.13 -31.87
N THR D 501 -23.58 -19.62 -31.41
CA THR D 501 -24.50 -20.41 -30.59
C THR D 501 -25.93 -20.14 -31.04
N GLU D 502 -26.72 -21.21 -31.12
CA GLU D 502 -28.13 -21.16 -31.42
C GLU D 502 -28.93 -21.51 -30.15
N SER D 503 -30.15 -22.00 -30.31
CA SER D 503 -30.96 -22.41 -29.17
C SER D 503 -31.67 -23.72 -29.52
N VAL D 504 -32.72 -24.05 -28.75
CA VAL D 504 -33.49 -25.27 -28.98
C VAL D 504 -34.14 -25.20 -30.35
N LEU D 505 -33.68 -26.06 -31.26
CA LEU D 505 -34.15 -26.07 -32.64
C LEU D 505 -35.35 -27.00 -32.77
N LYS D 506 -36.49 -26.45 -33.15
CA LYS D 506 -37.68 -27.27 -33.39
C LYS D 506 -37.60 -27.90 -34.78
N PRO D 507 -38.05 -29.16 -34.92
CA PRO D 507 -38.01 -29.89 -36.19
C PRO D 507 -38.78 -29.20 -37.31
N CYS D 547 -30.58 -33.69 -48.45
CA CYS D 547 -31.36 -33.56 -47.22
C CYS D 547 -31.54 -32.09 -46.87
N THR D 548 -31.04 -31.20 -47.72
CA THR D 548 -31.15 -29.77 -47.53
C THR D 548 -32.53 -29.23 -47.87
N ASP D 549 -33.54 -30.10 -48.01
CA ASP D 549 -34.90 -29.69 -48.33
C ASP D 549 -35.69 -29.23 -47.10
N PHE D 550 -35.02 -28.91 -46.00
CA PHE D 550 -35.66 -28.42 -44.80
C PHE D 550 -35.62 -26.89 -44.79
N VAL D 551 -36.74 -26.27 -44.42
CA VAL D 551 -36.84 -24.81 -44.48
C VAL D 551 -35.97 -24.17 -43.42
N ASN D 552 -36.24 -24.48 -42.14
CA ASN D 552 -35.51 -23.86 -41.05
C ASN D 552 -34.03 -24.24 -41.07
N ILE D 553 -33.70 -25.40 -41.64
CA ILE D 553 -32.30 -25.80 -41.73
C ILE D 553 -31.59 -25.02 -42.83
N LYS D 554 -32.27 -24.81 -43.96
CA LYS D 554 -31.64 -24.09 -45.08
C LYS D 554 -31.48 -22.61 -44.76
N LYS D 555 -32.44 -22.02 -44.04
CA LYS D 555 -32.32 -20.61 -43.67
C LYS D 555 -31.14 -20.40 -42.73
N GLN D 556 -30.94 -21.29 -41.76
CA GLN D 556 -29.79 -21.22 -40.88
C GLN D 556 -28.52 -21.74 -41.54
N LEU D 557 -28.64 -22.50 -42.64
CA LEU D 557 -27.46 -22.99 -43.33
C LEU D 557 -26.72 -21.86 -44.02
N GLU D 558 -27.45 -20.92 -44.63
CA GLU D 558 -26.81 -19.80 -45.29
C GLU D 558 -26.28 -18.79 -44.28
N MET D 559 -26.87 -18.71 -43.09
CA MET D 559 -26.39 -17.80 -42.07
C MET D 559 -25.00 -18.16 -41.55
N LEU D 560 -24.61 -19.43 -41.65
CA LEU D 560 -23.29 -19.87 -41.22
C LEU D 560 -22.23 -19.76 -42.31
N ALA D 561 -22.64 -19.52 -43.56
CA ALA D 561 -21.67 -19.39 -44.65
C ALA D 561 -20.95 -18.06 -44.60
N ARG D 562 -21.66 -16.97 -44.26
CA ARG D 562 -21.02 -15.66 -44.21
C ARG D 562 -20.08 -15.54 -43.01
N MET D 563 -20.40 -16.23 -41.92
CA MET D 563 -19.55 -16.19 -40.73
C MET D 563 -18.35 -17.12 -40.90
N LYS D 564 -17.24 -16.76 -40.26
CA LYS D 564 -16.02 -17.55 -40.30
C LYS D 564 -15.83 -18.33 -38.99
N VAL D 565 -16.90 -18.96 -38.53
CA VAL D 565 -16.89 -19.70 -37.27
C VAL D 565 -16.49 -21.14 -37.55
N THR D 566 -15.73 -21.73 -36.63
CA THR D 566 -15.29 -23.11 -36.75
C THR D 566 -16.30 -24.09 -36.15
N HIS D 567 -16.92 -23.73 -35.04
CA HIS D 567 -17.91 -24.57 -34.38
C HIS D 567 -19.29 -23.93 -34.49
N TYR D 568 -20.28 -24.60 -33.89
CA TYR D 568 -21.66 -24.15 -33.91
C TYR D 568 -22.47 -24.88 -32.83
N ARG D 569 -22.58 -24.28 -31.65
CA ARG D 569 -23.31 -24.89 -30.56
C ARG D 569 -24.80 -24.63 -30.67
N PHE D 570 -25.59 -25.62 -30.29
CA PHE D 570 -27.06 -25.53 -30.27
C PHE D 570 -27.55 -26.68 -29.39
N ALA D 571 -28.87 -26.88 -29.38
CA ALA D 571 -29.48 -27.81 -28.44
C ALA D 571 -30.60 -28.59 -29.11
N LEU D 572 -31.27 -29.42 -28.31
CA LEU D 572 -32.33 -30.30 -28.76
C LEU D 572 -33.57 -30.09 -27.91
N ASP D 573 -34.66 -30.73 -28.33
CA ASP D 573 -35.92 -30.78 -27.59
C ASP D 573 -36.16 -32.25 -27.25
N TRP D 574 -35.72 -32.67 -26.08
CA TRP D 574 -35.93 -34.05 -25.62
C TRP D 574 -37.39 -34.36 -25.34
N ALA D 575 -38.29 -33.40 -25.52
CA ALA D 575 -39.73 -33.64 -25.43
C ALA D 575 -40.40 -33.72 -26.80
N SER D 576 -39.81 -33.10 -27.82
CA SER D 576 -40.30 -33.23 -29.19
C SER D 576 -39.62 -34.36 -29.95
N VAL D 577 -38.67 -35.06 -29.33
CA VAL D 577 -38.08 -36.25 -29.92
C VAL D 577 -38.39 -37.51 -29.14
N LEU D 578 -38.81 -37.41 -27.88
CA LEU D 578 -39.31 -38.54 -27.11
C LEU D 578 -40.56 -38.07 -26.37
N PRO D 579 -41.66 -37.85 -27.09
CA PRO D 579 -42.83 -37.17 -26.49
C PRO D 579 -43.37 -37.87 -25.27
N THR D 580 -43.51 -39.20 -25.30
CA THR D 580 -44.05 -39.92 -24.15
C THR D 580 -43.09 -39.89 -22.95
N GLY D 581 -41.82 -39.57 -23.18
CA GLY D 581 -40.83 -39.58 -22.13
C GLY D 581 -40.10 -40.90 -21.97
N GLN D 582 -40.63 -41.98 -22.53
CA GLN D 582 -40.00 -43.29 -22.49
C GLN D 582 -39.36 -43.59 -23.85
N LEU D 583 -38.46 -44.58 -23.84
CA LEU D 583 -37.72 -44.93 -25.05
C LEU D 583 -38.56 -45.69 -26.07
N SER D 584 -39.78 -46.10 -25.70
CA SER D 584 -40.63 -46.81 -26.65
C SER D 584 -41.16 -45.90 -27.75
N ALA D 585 -41.17 -44.59 -27.52
CA ALA D 585 -41.63 -43.64 -28.52
C ALA D 585 -40.47 -42.82 -29.07
N VAL D 586 -39.48 -43.50 -29.66
CA VAL D 586 -38.32 -42.82 -30.24
C VAL D 586 -38.74 -42.25 -31.58
N ASN D 587 -38.95 -40.93 -31.63
CA ASN D 587 -39.38 -40.26 -32.86
C ASN D 587 -38.26 -40.34 -33.89
N ARG D 588 -38.37 -41.30 -34.82
CA ARG D 588 -37.34 -41.47 -35.84
C ARG D 588 -37.30 -40.30 -36.80
N GLN D 589 -38.33 -39.46 -36.81
CA GLN D 589 -38.35 -38.30 -37.70
C GLN D 589 -37.56 -37.14 -37.11
N ALA D 590 -37.67 -36.92 -35.80
CA ALA D 590 -36.97 -35.80 -35.17
C ALA D 590 -35.46 -36.00 -35.24
N LEU D 591 -34.99 -37.22 -34.93
CA LEU D 591 -33.56 -37.49 -34.97
C LEU D 591 -32.99 -37.42 -36.39
N ARG D 592 -33.84 -37.60 -37.41
CA ARG D 592 -33.35 -37.54 -38.78
C ARG D 592 -32.97 -36.12 -39.18
N TYR D 593 -33.73 -35.13 -38.72
CA TYR D 593 -33.41 -33.74 -39.05
C TYR D 593 -32.13 -33.29 -38.36
N TYR D 594 -31.92 -33.71 -37.12
CA TYR D 594 -30.71 -33.35 -36.40
C TYR D 594 -29.47 -33.97 -37.05
N ARG D 595 -29.60 -35.20 -37.55
CA ARG D 595 -28.48 -35.84 -38.24
C ARG D 595 -28.09 -35.05 -39.48
N CYS D 596 -29.07 -34.64 -40.28
CA CYS D 596 -28.78 -33.80 -41.44
C CYS D 596 -28.32 -32.41 -41.03
N VAL D 597 -28.84 -31.88 -39.92
CA VAL D 597 -28.40 -30.57 -39.44
C VAL D 597 -26.93 -30.62 -39.05
N VAL D 598 -26.50 -31.73 -38.44
CA VAL D 598 -25.09 -31.89 -38.12
C VAL D 598 -24.29 -32.27 -39.36
N SER D 599 -24.90 -33.06 -40.26
CA SER D 599 -24.22 -33.42 -41.50
C SER D 599 -24.05 -32.21 -42.40
N GLU D 600 -25.04 -31.32 -42.44
CA GLU D 600 -24.89 -30.08 -43.20
C GLU D 600 -23.84 -29.17 -42.59
N GLY D 601 -23.70 -29.20 -41.25
CA GLY D 601 -22.65 -28.42 -40.62
C GLY D 601 -21.27 -28.94 -40.98
N LEU D 602 -21.08 -30.26 -40.93
CA LEU D 602 -19.81 -30.85 -41.33
C LEU D 602 -19.54 -30.66 -42.82
N LYS D 603 -20.59 -30.47 -43.62
CA LYS D 603 -20.39 -30.24 -45.05
C LYS D 603 -19.80 -28.87 -45.32
N LEU D 604 -20.36 -27.84 -44.68
CA LEU D 604 -19.83 -26.49 -44.86
C LEU D 604 -18.43 -26.34 -44.26
N GLY D 605 -18.11 -27.17 -43.27
CA GLY D 605 -16.86 -27.06 -42.55
C GLY D 605 -17.00 -26.73 -41.06
N ILE D 606 -18.19 -26.37 -40.58
CA ILE D 606 -18.37 -26.03 -39.17
C ILE D 606 -18.48 -27.31 -38.36
N SER D 607 -17.72 -27.39 -37.26
CA SER D 607 -17.86 -28.51 -36.34
C SER D 607 -19.17 -28.37 -35.56
N ALA D 608 -19.38 -29.28 -34.61
CA ALA D 608 -20.64 -29.34 -33.90
C ALA D 608 -20.41 -29.37 -32.39
N MET D 609 -21.43 -28.91 -31.67
CA MET D 609 -21.47 -29.04 -30.21
C MET D 609 -22.95 -29.03 -29.83
N VAL D 610 -23.41 -30.09 -29.16
CA VAL D 610 -24.83 -30.34 -28.97
C VAL D 610 -25.15 -30.35 -27.48
N THR D 611 -26.19 -29.60 -27.11
CA THR D 611 -26.71 -29.59 -25.74
C THR D 611 -28.01 -30.40 -25.72
N LEU D 612 -27.96 -31.57 -25.08
CA LEU D 612 -29.13 -32.44 -25.06
C LEU D 612 -30.34 -31.74 -24.44
N TYR D 613 -30.12 -31.01 -23.36
CA TYR D 613 -31.17 -30.26 -22.69
C TYR D 613 -30.82 -28.77 -22.70
N TYR D 614 -31.86 -27.94 -22.75
CA TYR D 614 -31.67 -26.49 -22.81
C TYR D 614 -32.89 -25.83 -22.18
N PRO D 615 -32.84 -25.56 -20.88
CA PRO D 615 -33.97 -24.93 -20.20
C PRO D 615 -34.01 -23.43 -20.44
N THR D 616 -35.19 -22.87 -20.18
CA THR D 616 -35.45 -21.44 -20.30
C THR D 616 -36.79 -21.16 -19.63
N HIS D 617 -37.32 -19.95 -19.83
CA HIS D 617 -38.64 -19.61 -19.33
C HIS D 617 -39.73 -19.84 -20.37
N ALA D 618 -39.37 -19.80 -21.65
CA ALA D 618 -40.37 -20.01 -22.71
C ALA D 618 -40.85 -21.45 -22.72
N HIS D 619 -39.92 -22.40 -22.82
CA HIS D 619 -40.25 -23.82 -22.84
C HIS D 619 -39.30 -24.55 -21.90
N LEU D 620 -39.87 -25.23 -20.90
CA LEU D 620 -39.04 -26.01 -19.98
C LEU D 620 -38.31 -27.13 -20.71
N GLY D 621 -38.90 -27.65 -21.78
CA GLY D 621 -38.21 -28.60 -22.64
C GLY D 621 -38.11 -30.01 -22.14
N LEU D 622 -38.98 -30.42 -21.21
CA LEU D 622 -38.97 -31.82 -20.79
C LEU D 622 -40.33 -32.45 -21.05
N PRO D 623 -40.37 -33.75 -21.35
CA PRO D 623 -41.63 -34.39 -21.75
C PRO D 623 -42.72 -34.23 -20.69
N GLU D 624 -43.95 -34.05 -21.16
CA GLU D 624 -45.05 -33.74 -20.27
C GLU D 624 -45.29 -34.78 -19.18
N PRO D 625 -45.23 -36.09 -19.43
CA PRO D 625 -45.39 -37.04 -18.31
C PRO D 625 -44.41 -36.83 -17.18
N LEU D 626 -43.17 -36.45 -17.49
CA LEU D 626 -42.22 -36.10 -16.44
C LEU D 626 -42.67 -34.85 -15.69
N LEU D 627 -43.12 -33.83 -16.44
CA LEU D 627 -43.59 -32.60 -15.80
C LEU D 627 -44.85 -32.83 -14.98
N HIS D 628 -45.74 -33.71 -15.47
CA HIS D 628 -46.95 -34.02 -14.72
C HIS D 628 -46.63 -34.64 -13.37
N ALA D 629 -45.48 -35.31 -13.25
CA ALA D 629 -45.05 -35.89 -11.98
C ALA D 629 -43.76 -35.26 -11.50
N ASP D 630 -43.75 -33.93 -11.39
CA ASP D 630 -42.60 -33.16 -10.90
C ASP D 630 -41.40 -33.34 -11.82
N GLY D 631 -41.37 -32.55 -12.91
CA GLY D 631 -40.38 -32.66 -13.97
C GLY D 631 -38.95 -32.91 -13.57
N TRP D 632 -38.48 -32.23 -12.53
CA TRP D 632 -37.13 -32.47 -12.01
C TRP D 632 -37.07 -32.71 -10.51
N LEU D 633 -38.22 -32.78 -9.83
CA LEU D 633 -38.28 -33.11 -8.41
C LEU D 633 -38.48 -34.60 -8.17
N ASN D 634 -38.31 -35.43 -9.20
CA ASN D 634 -38.41 -36.88 -9.09
C ASN D 634 -37.17 -37.51 -9.69
N PRO D 635 -36.46 -38.36 -8.95
CA PRO D 635 -35.21 -38.93 -9.49
C PRO D 635 -35.41 -39.79 -10.73
N SER D 636 -36.61 -40.35 -10.91
CA SER D 636 -36.85 -41.21 -12.07
C SER D 636 -36.68 -40.44 -13.38
N THR D 637 -36.82 -39.12 -13.37
CA THR D 637 -36.58 -38.35 -14.59
C THR D 637 -35.10 -38.31 -14.94
N ALA D 638 -34.23 -38.27 -13.92
CA ALA D 638 -32.80 -38.32 -14.17
C ALA D 638 -32.41 -39.64 -14.84
N GLU D 639 -33.04 -40.74 -14.42
CA GLU D 639 -32.84 -42.01 -15.10
C GLU D 639 -33.42 -41.98 -16.50
N ALA D 640 -34.52 -41.25 -16.71
CA ALA D 640 -35.08 -41.11 -18.05
C ALA D 640 -34.19 -40.27 -18.94
N PHE D 641 -33.46 -39.32 -18.37
CA PHE D 641 -32.54 -38.52 -19.18
C PHE D 641 -31.38 -39.36 -19.70
N GLN D 642 -30.93 -40.34 -18.92
CA GLN D 642 -29.88 -41.23 -19.40
C GLN D 642 -30.32 -42.01 -20.63
N ALA D 643 -31.57 -42.48 -20.63
CA ALA D 643 -32.10 -43.14 -21.82
C ALA D 643 -32.17 -42.17 -23.00
N TYR D 644 -32.63 -40.94 -22.75
CA TYR D 644 -32.67 -39.94 -23.81
C TYR D 644 -31.29 -39.52 -24.26
N ALA D 645 -30.29 -39.63 -23.38
CA ALA D 645 -28.92 -39.25 -23.74
C ALA D 645 -28.26 -40.32 -24.59
N GLY D 646 -28.39 -41.59 -24.20
CA GLY D 646 -27.68 -42.65 -24.90
C GLY D 646 -28.10 -42.79 -26.35
N LEU D 647 -29.40 -42.67 -26.63
CA LEU D 647 -29.84 -42.74 -28.02
C LEU D 647 -29.34 -41.55 -28.83
N CYS D 648 -29.21 -40.38 -28.20
CA CYS D 648 -28.60 -39.25 -28.87
C CYS D 648 -27.11 -39.48 -29.11
N PHE D 649 -26.44 -40.19 -28.19
CA PHE D 649 -25.07 -40.59 -28.43
C PHE D 649 -24.96 -41.58 -29.59
N GLN D 650 -25.97 -42.45 -29.75
CA GLN D 650 -25.91 -43.46 -30.80
C GLN D 650 -26.23 -42.87 -32.17
N GLU D 651 -27.36 -42.16 -32.28
CA GLU D 651 -27.80 -41.62 -33.57
C GLU D 651 -27.03 -40.39 -34.01
N LEU D 652 -26.12 -39.86 -33.18
CA LEU D 652 -25.38 -38.65 -33.54
C LEU D 652 -23.93 -38.65 -33.10
N GLY D 653 -23.50 -39.52 -32.18
CA GLY D 653 -22.12 -39.52 -31.72
C GLY D 653 -21.12 -39.91 -32.79
N ASP D 654 -21.58 -40.54 -33.87
CA ASP D 654 -20.67 -40.85 -34.98
C ASP D 654 -20.18 -39.59 -35.69
N LEU D 655 -20.87 -38.48 -35.53
CA LEU D 655 -20.48 -37.21 -36.13
C LEU D 655 -20.18 -36.14 -35.09
N VAL D 656 -21.04 -35.98 -34.10
CA VAL D 656 -20.87 -34.96 -33.07
C VAL D 656 -19.73 -35.41 -32.14
N LYS D 657 -18.61 -34.69 -32.16
CA LYS D 657 -17.44 -35.02 -31.37
C LYS D 657 -17.31 -34.15 -30.12
N LEU D 658 -18.30 -33.31 -29.83
CA LEU D 658 -18.30 -32.48 -28.64
C LEU D 658 -19.74 -32.35 -28.14
N TRP D 659 -19.97 -32.77 -26.90
CA TRP D 659 -21.32 -32.86 -26.36
C TRP D 659 -21.48 -32.00 -25.12
N ILE D 660 -22.62 -31.32 -25.03
CA ILE D 660 -23.07 -30.64 -23.82
C ILE D 660 -24.28 -31.40 -23.29
N THR D 661 -24.26 -31.71 -22.00
CA THR D 661 -25.40 -32.39 -21.40
C THR D 661 -26.55 -31.41 -21.10
N ILE D 662 -26.31 -30.49 -20.18
CA ILE D 662 -27.30 -29.50 -19.77
C ILE D 662 -26.73 -28.11 -20.07
N ASN D 663 -27.62 -27.20 -20.46
CA ASN D 663 -27.27 -25.81 -20.72
C ASN D 663 -27.65 -24.97 -19.50
N GLU D 664 -26.64 -24.54 -18.75
CA GLU D 664 -26.80 -23.71 -17.56
C GLU D 664 -27.78 -24.32 -16.57
N PRO D 665 -27.44 -25.45 -15.94
CA PRO D 665 -28.33 -25.99 -14.90
C PRO D 665 -28.35 -25.15 -13.64
N ASN D 666 -27.27 -24.42 -13.35
CA ASN D 666 -27.25 -23.53 -12.20
C ASN D 666 -28.18 -22.34 -12.39
N ARG D 667 -28.57 -22.03 -13.62
CA ARG D 667 -29.54 -20.98 -13.90
C ARG D 667 -30.97 -21.50 -13.99
N LEU D 668 -31.24 -22.68 -13.41
CA LEU D 668 -32.57 -23.27 -13.41
C LEU D 668 -33.28 -23.10 -12.08
N SER D 669 -32.67 -22.44 -11.10
CA SER D 669 -33.32 -22.23 -9.82
C SER D 669 -34.50 -21.27 -9.95
N ASP D 670 -34.48 -20.41 -10.96
CA ASP D 670 -35.56 -19.45 -11.16
C ASP D 670 -36.82 -20.16 -11.65
N ASN D 677 -36.22 -25.98 -0.15
CA ASN D 677 -35.62 -27.27 -0.43
C ASN D 677 -35.99 -27.75 -1.83
N ASP D 678 -37.01 -27.12 -2.41
CA ASP D 678 -37.51 -27.48 -3.73
C ASP D 678 -36.62 -26.92 -4.85
N THR D 679 -35.41 -26.49 -4.52
CA THR D 679 -34.44 -26.03 -5.50
C THR D 679 -33.13 -26.80 -5.45
N TYR D 680 -32.64 -27.10 -4.25
CA TYR D 680 -31.42 -27.90 -4.13
C TYR D 680 -31.64 -29.32 -4.63
N GLY D 681 -32.78 -29.92 -4.28
CA GLY D 681 -33.10 -31.24 -4.79
C GLY D 681 -33.40 -31.25 -6.28
N ALA D 682 -33.88 -30.13 -6.81
CA ALA D 682 -34.14 -30.04 -8.24
C ALA D 682 -32.86 -30.14 -9.04
N ALA D 683 -31.84 -29.36 -8.65
CA ALA D 683 -30.54 -29.45 -9.28
C ALA D 683 -29.73 -30.65 -8.79
N HIS D 684 -30.13 -31.24 -7.66
CA HIS D 684 -29.51 -32.50 -7.25
C HIS D 684 -29.74 -33.59 -8.29
N ASN D 685 -30.96 -33.66 -8.82
CA ASN D 685 -31.23 -34.62 -9.90
C ASN D 685 -30.61 -34.16 -11.22
N LEU D 686 -30.42 -32.86 -11.39
CA LEU D 686 -29.72 -32.38 -12.59
C LEU D 686 -28.27 -32.82 -12.58
N LEU D 687 -27.63 -32.85 -11.41
CA LEU D 687 -26.26 -33.33 -11.33
C LEU D 687 -26.18 -34.84 -11.61
N VAL D 688 -27.12 -35.60 -11.05
CA VAL D 688 -27.12 -37.04 -11.26
C VAL D 688 -27.35 -37.38 -12.73
N ALA D 689 -28.30 -36.70 -13.36
CA ALA D 689 -28.58 -36.96 -14.77
C ALA D 689 -27.39 -36.65 -15.66
N HIS D 690 -26.52 -35.73 -15.24
CA HIS D 690 -25.32 -35.43 -16.01
C HIS D 690 -24.31 -36.58 -15.92
N ALA D 691 -24.10 -37.11 -14.71
CA ALA D 691 -23.14 -38.20 -14.54
C ALA D 691 -23.59 -39.43 -15.32
N LEU D 692 -24.87 -39.79 -15.22
CA LEU D 692 -25.37 -40.93 -15.98
C LEU D 692 -25.23 -40.68 -17.48
N ALA D 693 -25.43 -39.44 -17.92
CA ALA D 693 -25.24 -39.12 -19.33
C ALA D 693 -23.77 -39.10 -19.71
N TRP D 694 -22.89 -38.75 -18.77
CA TRP D 694 -21.45 -38.75 -19.00
C TRP D 694 -20.82 -40.11 -18.83
N ARG D 695 -21.33 -40.94 -17.90
CA ARG D 695 -20.81 -42.29 -17.74
C ARG D 695 -21.36 -43.25 -18.79
N LEU D 696 -22.48 -42.92 -19.42
CA LEU D 696 -22.95 -43.69 -20.56
C LEU D 696 -22.13 -43.42 -21.81
N TYR D 697 -21.39 -42.31 -21.84
CA TYR D 697 -20.49 -42.00 -22.95
C TYR D 697 -19.07 -42.48 -22.66
N ASP D 698 -18.54 -42.14 -21.48
CA ASP D 698 -17.16 -42.49 -21.13
C ASP D 698 -16.92 -43.99 -21.22
N ARG D 699 -17.91 -44.80 -20.90
CA ARG D 699 -17.73 -46.25 -20.86
C ARG D 699 -18.09 -46.94 -22.17
N GLN D 700 -19.20 -46.55 -22.79
CA GLN D 700 -19.71 -47.26 -23.97
C GLN D 700 -19.32 -46.57 -25.28
N PHE D 701 -19.70 -45.30 -25.46
CA PHE D 701 -19.56 -44.65 -26.75
C PHE D 701 -18.22 -43.97 -26.96
N ARG D 702 -17.48 -43.66 -25.89
CA ARG D 702 -16.24 -42.90 -26.06
C ARG D 702 -15.21 -43.63 -26.91
N PRO D 703 -14.89 -44.90 -26.70
CA PRO D 703 -13.92 -45.57 -27.60
C PRO D 703 -14.42 -45.70 -29.02
N SER D 704 -15.74 -45.68 -29.24
CA SER D 704 -16.29 -45.82 -30.58
C SER D 704 -16.55 -44.48 -31.26
N GLN D 705 -16.66 -43.40 -30.50
CA GLN D 705 -16.91 -42.08 -31.04
C GLN D 705 -15.73 -41.13 -30.88
N ARG D 706 -14.98 -41.25 -29.78
CA ARG D 706 -13.82 -40.40 -29.51
C ARG D 706 -14.18 -38.92 -29.48
N GLY D 707 -14.80 -38.46 -28.39
CA GLY D 707 -15.13 -37.05 -28.25
C GLY D 707 -15.18 -36.62 -26.80
N ALA D 708 -15.74 -35.43 -26.53
CA ALA D 708 -15.79 -34.88 -25.19
C ALA D 708 -17.21 -34.50 -24.82
N VAL D 709 -17.52 -34.64 -23.52
CA VAL D 709 -18.85 -34.34 -22.99
C VAL D 709 -18.69 -33.52 -21.72
N SER D 710 -19.53 -32.49 -21.57
CA SER D 710 -19.51 -31.64 -20.39
C SER D 710 -20.85 -30.92 -20.29
N LEU D 711 -20.89 -29.87 -19.46
CA LEU D 711 -22.09 -29.03 -19.32
C LEU D 711 -21.67 -27.58 -19.18
N SER D 712 -22.51 -26.69 -19.68
CA SER D 712 -22.27 -25.25 -19.60
C SER D 712 -22.79 -24.71 -18.28
N LEU D 713 -22.09 -23.74 -17.72
CA LEU D 713 -22.44 -23.16 -16.42
C LEU D 713 -22.55 -21.65 -16.54
N HIS D 714 -23.64 -21.10 -15.99
CA HIS D 714 -23.81 -19.66 -15.89
C HIS D 714 -22.67 -19.06 -15.07
N ALA D 715 -21.73 -18.41 -15.75
CA ALA D 715 -20.48 -18.01 -15.10
C ALA D 715 -20.35 -16.51 -14.94
N ASP D 716 -21.36 -15.85 -14.39
CA ASP D 716 -21.28 -14.41 -14.15
C ASP D 716 -20.31 -14.12 -13.01
N TRP D 717 -19.33 -13.26 -13.28
CA TRP D 717 -18.37 -12.86 -12.27
C TRP D 717 -18.98 -11.83 -11.32
N ALA D 718 -18.43 -11.75 -10.12
CA ALA D 718 -18.93 -10.85 -9.09
C ALA D 718 -17.79 -10.02 -8.52
N GLU D 719 -18.18 -8.88 -7.94
CA GLU D 719 -17.27 -7.96 -7.30
C GLU D 719 -18.04 -7.23 -6.21
N PRO D 720 -17.36 -6.72 -5.19
CA PRO D 720 -18.08 -5.99 -4.15
C PRO D 720 -18.72 -4.73 -4.70
N ALA D 721 -19.90 -4.41 -4.17
CA ALA D 721 -20.50 -3.12 -4.48
C ALA D 721 -19.78 -1.99 -3.78
N ASN D 722 -19.12 -2.26 -2.65
CA ASN D 722 -18.41 -1.24 -1.89
C ASN D 722 -17.10 -1.86 -1.42
N PRO D 723 -15.97 -1.54 -2.06
CA PRO D 723 -14.69 -2.13 -1.65
C PRO D 723 -14.18 -1.61 -0.32
N TYR D 724 -14.89 -0.70 0.35
CA TYR D 724 -14.52 -0.25 1.68
C TYR D 724 -15.40 -0.87 2.75
N ALA D 725 -15.97 -2.04 2.46
CA ALA D 725 -16.82 -2.78 3.40
C ALA D 725 -16.38 -4.23 3.36
N ASP D 726 -15.89 -4.74 4.50
CA ASP D 726 -15.42 -6.12 4.54
C ASP D 726 -16.54 -7.09 4.19
N SER D 727 -17.69 -6.94 4.84
CA SER D 727 -18.79 -7.85 4.60
C SER D 727 -19.20 -7.87 3.14
N HIS D 728 -18.84 -6.85 2.37
CA HIS D 728 -19.12 -6.84 0.94
C HIS D 728 -18.18 -7.76 0.18
N TRP D 729 -16.92 -7.85 0.62
CA TRP D 729 -15.93 -8.67 -0.07
C TRP D 729 -16.27 -10.15 0.05
N ARG D 730 -16.42 -10.64 1.28
CA ARG D 730 -16.57 -12.08 1.51
C ARG D 730 -17.77 -12.65 0.76
N ALA D 731 -18.80 -11.84 0.53
CA ALA D 731 -19.97 -12.30 -0.21
C ALA D 731 -19.71 -12.41 -1.71
N ALA D 732 -18.66 -11.77 -2.22
CA ALA D 732 -18.33 -11.89 -3.64
C ALA D 732 -17.91 -13.31 -3.97
N GLU D 733 -16.95 -13.87 -3.21
CA GLU D 733 -16.61 -15.28 -3.39
C GLU D 733 -17.76 -16.18 -2.94
N ARG D 734 -18.58 -15.71 -2.02
CA ARG D 734 -19.73 -16.49 -1.57
C ARG D 734 -20.80 -16.58 -2.67
N PHE D 735 -20.83 -15.59 -3.56
CA PHE D 735 -21.71 -15.67 -4.72
C PHE D 735 -21.19 -16.70 -5.72
N LEU D 736 -19.89 -16.64 -6.05
CA LEU D 736 -19.31 -17.58 -7.00
C LEU D 736 -19.44 -19.01 -6.50
N GLN D 737 -19.32 -19.21 -5.19
CA GLN D 737 -19.54 -20.54 -4.63
C GLN D 737 -20.99 -20.98 -4.85
N PHE D 738 -21.95 -20.11 -4.48
CA PHE D 738 -23.36 -20.42 -4.65
C PHE D 738 -23.80 -20.50 -6.11
N GLU D 739 -22.93 -20.18 -7.06
CA GLU D 739 -23.29 -20.17 -8.47
C GLU D 739 -22.43 -21.12 -9.30
N ILE D 740 -21.11 -20.93 -9.32
CA ILE D 740 -20.24 -21.75 -10.14
C ILE D 740 -19.82 -23.02 -9.40
N ALA D 741 -19.29 -22.88 -8.18
CA ALA D 741 -18.93 -24.05 -7.39
C ALA D 741 -20.12 -24.94 -7.07
N TRP D 742 -21.34 -24.48 -7.36
CA TRP D 742 -22.55 -25.29 -7.21
C TRP D 742 -22.44 -26.60 -7.96
N PHE D 743 -22.45 -26.53 -9.29
CA PHE D 743 -22.37 -27.71 -10.14
C PHE D 743 -20.97 -27.97 -10.66
N ALA D 744 -19.95 -27.39 -10.02
CA ALA D 744 -18.56 -27.61 -10.41
C ALA D 744 -17.75 -28.33 -9.35
N GLU D 745 -17.82 -27.89 -8.10
CA GLU D 745 -17.12 -28.56 -7.02
C GLU D 745 -17.39 -30.07 -6.96
N PRO D 746 -18.61 -30.58 -7.20
CA PRO D 746 -18.78 -32.04 -7.28
C PRO D 746 -18.21 -32.62 -8.56
N LEU D 747 -18.60 -32.06 -9.70
CA LEU D 747 -18.28 -32.65 -10.99
C LEU D 747 -16.83 -32.42 -11.44
N PHE D 748 -16.08 -31.57 -10.72
CA PHE D 748 -14.68 -31.33 -11.07
C PHE D 748 -13.72 -32.01 -10.10
N LYS D 749 -13.83 -31.71 -8.80
CA LYS D 749 -12.74 -32.03 -7.88
C LYS D 749 -13.23 -32.72 -6.61
N THR D 750 -14.14 -32.08 -5.87
CA THR D 750 -14.47 -32.55 -4.52
C THR D 750 -15.43 -33.74 -4.53
N GLY D 751 -16.34 -33.82 -5.52
CA GLY D 751 -17.34 -34.85 -5.52
C GLY D 751 -18.56 -34.57 -4.66
N ASP D 752 -18.63 -33.40 -4.04
CA ASP D 752 -19.78 -33.01 -3.24
C ASP D 752 -19.95 -31.50 -3.35
N TYR D 753 -21.00 -30.99 -2.72
CA TYR D 753 -21.23 -29.55 -2.72
C TYR D 753 -20.07 -28.84 -2.02
N PRO D 754 -19.75 -27.62 -2.44
CA PRO D 754 -18.65 -26.90 -1.79
C PRO D 754 -18.96 -26.61 -0.34
N ALA D 755 -17.97 -26.86 0.53
CA ALA D 755 -18.19 -26.72 1.96
C ALA D 755 -18.61 -25.30 2.33
N ALA D 756 -18.01 -24.30 1.68
CA ALA D 756 -18.35 -22.91 1.98
C ALA D 756 -19.84 -22.65 1.74
N MET D 757 -20.44 -23.30 0.75
CA MET D 757 -21.87 -23.17 0.52
C MET D 757 -22.66 -23.95 1.55
N ARG D 758 -22.32 -25.21 1.76
CA ARG D 758 -23.08 -26.06 2.66
C ARG D 758 -22.98 -25.57 4.10
N GLU D 759 -21.82 -25.07 4.51
CA GLU D 759 -21.65 -24.62 5.88
C GLU D 759 -22.46 -23.36 6.18
N TYR D 760 -22.71 -22.52 5.17
CA TYR D 760 -23.46 -21.30 5.41
C TYR D 760 -24.95 -21.58 5.55
N ILE D 761 -25.51 -22.41 4.67
CA ILE D 761 -26.94 -22.73 4.78
C ILE D 761 -27.27 -23.29 6.15
N ALA D 762 -26.29 -23.90 6.81
CA ALA D 762 -26.44 -24.25 8.22
C ALA D 762 -26.20 -23.04 9.12
N SER D 763 -25.22 -22.20 8.78
CA SER D 763 -24.96 -21.01 9.58
C SER D 763 -26.12 -20.03 9.54
N LYS D 764 -26.88 -20.02 8.45
CA LYS D 764 -28.03 -19.13 8.33
C LYS D 764 -29.26 -19.80 8.89
N HIS D 765 -29.06 -20.72 9.82
CA HIS D 765 -30.16 -21.49 10.38
C HIS D 765 -30.06 -21.74 11.88
N ARG D 766 -28.87 -21.70 12.49
CA ARG D 766 -28.75 -22.12 13.89
C ARG D 766 -29.58 -21.24 14.81
N ARG D 767 -29.56 -19.93 14.60
CA ARG D 767 -30.35 -19.03 15.43
C ARG D 767 -31.50 -18.44 14.63
N GLY D 768 -32.31 -19.30 14.02
CA GLY D 768 -33.44 -18.86 13.24
C GLY D 768 -33.16 -18.69 11.75
N LEU D 769 -33.69 -17.62 11.17
CA LEU D 769 -33.49 -17.23 9.77
C LEU D 769 -34.01 -18.33 8.87
N SER D 770 -33.20 -18.90 7.99
CA SER D 770 -33.66 -19.78 6.95
C SER D 770 -34.14 -21.11 7.52
N SER D 771 -34.83 -21.86 6.66
CA SER D 771 -35.37 -23.17 7.02
C SER D 771 -35.25 -24.12 5.84
N SER D 772 -34.06 -24.15 5.24
CA SER D 772 -33.76 -25.06 4.15
C SER D 772 -32.50 -25.85 4.49
N ALA D 773 -32.24 -26.90 3.71
CA ALA D 773 -31.10 -27.77 3.95
C ALA D 773 -30.50 -28.24 2.63
N LEU D 774 -29.17 -28.15 2.53
CA LEU D 774 -28.47 -28.70 1.37
C LEU D 774 -28.24 -30.18 1.57
N PRO D 775 -28.50 -31.02 0.57
CA PRO D 775 -28.43 -32.47 0.78
C PRO D 775 -27.02 -32.92 1.14
N ARG D 776 -26.95 -33.97 1.97
CA ARG D 776 -25.70 -34.62 2.33
C ARG D 776 -25.55 -35.87 1.47
N LEU D 777 -24.37 -36.03 0.87
CA LEU D 777 -24.11 -37.10 -0.08
C LEU D 777 -23.30 -38.20 0.58
N THR D 778 -23.79 -39.44 0.49
CA THR D 778 -23.02 -40.59 0.93
C THR D 778 -21.82 -40.80 0.01
N GLU D 779 -20.94 -41.72 0.41
CA GLU D 779 -19.76 -42.01 -0.40
C GLU D 779 -20.12 -42.52 -1.78
N ALA D 780 -21.35 -43.00 -1.97
CA ALA D 780 -21.77 -43.56 -3.25
C ALA D 780 -21.91 -42.46 -4.31
N GLU D 781 -22.82 -41.51 -4.07
CA GLU D 781 -23.09 -40.48 -5.05
C GLU D 781 -21.85 -39.64 -5.33
N ARG D 782 -21.06 -39.35 -4.29
CA ARG D 782 -19.82 -38.61 -4.49
C ARG D 782 -18.86 -39.37 -5.40
N ARG D 783 -18.80 -40.69 -5.24
CA ARG D 783 -17.94 -41.52 -6.09
C ARG D 783 -18.40 -41.56 -7.54
N LEU D 784 -19.69 -41.29 -7.81
CA LEU D 784 -20.23 -41.30 -9.16
C LEU D 784 -20.08 -39.96 -9.89
N LEU D 785 -20.09 -38.85 -9.16
CA LEU D 785 -20.01 -37.53 -9.80
C LEU D 785 -18.58 -37.05 -10.01
N LYS D 786 -17.65 -37.43 -9.13
CA LYS D 786 -16.31 -36.88 -9.12
C LYS D 786 -15.57 -37.09 -10.45
N GLY D 787 -15.40 -36.01 -11.20
CA GLY D 787 -14.64 -36.06 -12.42
C GLY D 787 -15.40 -36.53 -13.65
N THR D 788 -16.67 -36.14 -13.77
CA THR D 788 -17.51 -36.52 -14.90
C THR D 788 -17.52 -35.44 -15.98
N VAL D 789 -16.38 -34.81 -16.23
CA VAL D 789 -16.26 -33.78 -17.26
C VAL D 789 -15.04 -34.11 -18.13
N ASP D 790 -15.01 -33.50 -19.31
CA ASP D 790 -13.87 -33.55 -20.20
C ASP D 790 -13.22 -32.20 -20.42
N PHE D 791 -13.87 -31.12 -20.01
CA PHE D 791 -13.36 -29.76 -20.12
C PHE D 791 -14.23 -28.87 -19.23
N CYS D 792 -14.01 -27.56 -19.31
CA CYS D 792 -14.80 -26.58 -18.58
C CYS D 792 -15.60 -25.75 -19.58
N ALA D 793 -16.91 -25.69 -19.37
CA ALA D 793 -17.81 -24.91 -20.22
C ALA D 793 -18.42 -23.80 -19.38
N LEU D 794 -18.27 -22.56 -19.85
CA LEU D 794 -18.68 -21.38 -19.10
C LEU D 794 -19.64 -20.54 -19.92
N ASN D 795 -20.68 -20.04 -19.26
CA ASN D 795 -21.67 -19.14 -19.85
C ASN D 795 -21.56 -17.81 -19.09
N HIS D 796 -20.73 -16.90 -19.60
CA HIS D 796 -20.47 -15.63 -18.94
C HIS D 796 -20.84 -14.48 -19.87
N PHE D 797 -21.65 -13.56 -19.37
CA PHE D 797 -22.03 -12.35 -20.10
C PHE D 797 -21.45 -11.10 -19.44
N THR D 798 -21.84 -10.81 -18.21
CA THR D 798 -21.51 -9.55 -17.57
C THR D 798 -20.91 -9.82 -16.20
N THR D 799 -20.90 -8.79 -15.34
CA THR D 799 -20.33 -8.89 -14.00
C THR D 799 -21.27 -8.21 -13.03
N ARG D 800 -21.87 -8.99 -12.12
CA ARG D 800 -22.69 -8.41 -11.07
C ARG D 800 -21.82 -7.75 -10.01
N PHE D 801 -22.45 -6.91 -9.19
CA PHE D 801 -21.81 -6.27 -8.05
C PHE D 801 -22.50 -6.78 -6.79
N VAL D 802 -21.79 -7.62 -6.03
CA VAL D 802 -22.39 -8.29 -4.89
C VAL D 802 -22.42 -7.35 -3.69
N MET D 803 -23.58 -7.30 -3.02
CA MET D 803 -23.77 -6.46 -1.84
C MET D 803 -24.38 -7.31 -0.75
N HIS D 804 -23.73 -7.33 0.42
CA HIS D 804 -24.18 -8.18 1.51
C HIS D 804 -25.39 -7.57 2.22
N GLU D 805 -26.28 -8.45 2.66
CA GLU D 805 -27.45 -8.07 3.46
C GLU D 805 -28.05 -9.33 4.06
N GLN D 806 -28.51 -9.22 5.30
CA GLN D 806 -29.14 -10.35 5.99
C GLN D 806 -30.52 -10.56 5.41
N LEU D 807 -30.56 -11.22 4.25
CA LEU D 807 -31.81 -11.43 3.54
C LEU D 807 -32.72 -12.37 4.33
N ALA D 808 -34.02 -12.17 4.17
CA ALA D 808 -35.04 -12.97 4.83
C ALA D 808 -35.70 -13.90 3.82
N GLY D 809 -36.27 -14.98 4.34
CA GLY D 809 -36.93 -15.98 3.54
C GLY D 809 -36.27 -17.34 3.66
N SER D 810 -36.94 -18.34 3.08
CA SER D 810 -36.47 -19.71 3.08
C SER D 810 -36.11 -20.21 1.68
N ARG D 811 -35.94 -19.29 0.73
CA ARG D 811 -35.67 -19.65 -0.65
C ARG D 811 -34.16 -19.59 -0.93
N TYR D 812 -33.81 -19.95 -2.17
CA TYR D 812 -32.40 -19.97 -2.57
C TYR D 812 -31.75 -18.60 -2.40
N ASP D 813 -32.40 -17.55 -2.92
CA ASP D 813 -31.83 -16.22 -2.82
C ASP D 813 -31.69 -15.76 -1.38
N SER D 814 -32.57 -16.24 -0.50
CA SER D 814 -32.47 -15.89 0.92
C SER D 814 -31.42 -16.70 1.66
N ASP D 815 -30.91 -17.77 1.06
CA ASP D 815 -29.86 -18.54 1.73
C ASP D 815 -28.48 -17.95 1.46
N ARG D 816 -28.27 -17.32 0.31
CA ARG D 816 -26.97 -16.74 0.00
C ARG D 816 -26.74 -15.40 0.70
N ASP D 817 -27.82 -14.69 1.07
CA ASP D 817 -27.74 -13.40 1.74
C ASP D 817 -26.89 -12.42 0.92
N ILE D 818 -27.41 -12.11 -0.27
CA ILE D 818 -26.70 -11.30 -1.26
C ILE D 818 -27.69 -10.41 -1.99
N GLN D 819 -27.31 -9.16 -2.20
CA GLN D 819 -28.05 -8.24 -3.05
C GLN D 819 -27.14 -7.70 -4.14
N PHE D 820 -27.72 -7.36 -5.27
CA PHE D 820 -26.97 -6.89 -6.43
C PHE D 820 -27.18 -5.39 -6.62
N LEU D 821 -26.24 -4.78 -7.34
CA LEU D 821 -26.26 -3.34 -7.56
C LEU D 821 -25.97 -3.05 -9.03
N GLN D 822 -26.78 -2.19 -9.63
CA GLN D 822 -26.55 -1.67 -10.97
C GLN D 822 -25.86 -0.33 -10.85
N ASP D 823 -24.85 -0.10 -11.69
CA ASP D 823 -24.07 1.13 -11.69
C ASP D 823 -24.54 1.99 -12.85
N ILE D 824 -25.15 3.13 -12.54
CA ILE D 824 -25.72 3.99 -13.57
C ILE D 824 -24.64 4.55 -14.47
N THR D 825 -23.47 4.89 -13.90
CA THR D 825 -22.38 5.40 -14.71
C THR D 825 -21.66 4.30 -15.49
N ARG D 826 -21.78 3.06 -15.06
CA ARG D 826 -21.20 1.94 -15.81
C ARG D 826 -21.94 1.76 -17.12
N LEU D 827 -21.19 1.54 -18.19
CA LEU D 827 -21.79 1.31 -19.50
C LEU D 827 -22.70 0.08 -19.47
N SER D 828 -23.99 0.31 -19.30
CA SER D 828 -24.96 -0.78 -19.23
C SER D 828 -25.53 -1.06 -20.62
N SER D 829 -26.40 -2.05 -20.69
CA SER D 829 -27.06 -2.44 -21.93
C SER D 829 -28.50 -1.93 -21.91
N PRO D 830 -29.28 -2.13 -22.98
CA PRO D 830 -30.72 -1.86 -22.87
C PRO D 830 -31.38 -2.57 -21.69
N THR D 831 -30.97 -3.81 -21.40
CA THR D 831 -31.51 -4.56 -20.27
C THR D 831 -30.62 -4.47 -19.03
N ARG D 832 -29.93 -3.34 -18.87
CA ARG D 832 -29.08 -3.06 -17.71
C ARG D 832 -27.95 -4.07 -17.55
N LEU D 833 -27.56 -4.75 -18.61
CA LEU D 833 -26.43 -5.68 -18.58
C LEU D 833 -25.14 -4.86 -18.68
N ALA D 834 -24.51 -4.60 -17.54
CA ALA D 834 -23.31 -3.77 -17.49
C ALA D 834 -22.18 -4.37 -18.30
N VAL D 835 -21.82 -3.72 -19.40
CA VAL D 835 -20.72 -4.19 -20.25
C VAL D 835 -19.40 -3.98 -19.51
N ILE D 836 -18.95 -5.02 -18.82
CA ILE D 836 -17.72 -5.00 -18.05
C ILE D 836 -16.77 -6.04 -18.64
N PRO D 837 -15.83 -5.62 -19.49
CA PRO D 837 -14.96 -6.61 -20.16
C PRO D 837 -13.85 -7.15 -19.29
N TRP D 838 -13.46 -6.46 -18.23
CA TRP D 838 -12.38 -6.92 -17.37
C TRP D 838 -12.83 -7.94 -16.34
N GLY D 839 -14.08 -8.41 -16.42
CA GLY D 839 -14.58 -9.38 -15.47
C GLY D 839 -14.31 -10.82 -15.87
N VAL D 840 -14.24 -11.08 -17.18
CA VAL D 840 -13.98 -12.44 -17.64
C VAL D 840 -12.59 -12.90 -17.25
N ARG D 841 -11.63 -11.97 -17.21
CA ARG D 841 -10.25 -12.36 -16.93
C ARG D 841 -10.09 -12.90 -15.51
N LYS D 842 -10.70 -12.23 -14.52
CA LYS D 842 -10.64 -12.74 -13.16
C LYS D 842 -11.38 -14.06 -13.03
N LEU D 843 -12.44 -14.27 -13.82
CA LEU D 843 -13.13 -15.56 -13.80
C LEU D 843 -12.24 -16.66 -14.34
N LEU D 844 -11.58 -16.42 -15.47
CA LEU D 844 -10.65 -17.41 -16.01
C LEU D 844 -9.45 -17.61 -15.10
N ARG D 845 -9.08 -16.57 -14.34
CA ARG D 845 -8.06 -16.73 -13.31
C ARG D 845 -8.62 -17.36 -12.05
N TRP D 846 -9.93 -17.30 -11.84
CA TRP D 846 -10.56 -17.97 -10.70
C TRP D 846 -10.84 -19.44 -11.01
N VAL D 847 -11.12 -19.76 -12.26
CA VAL D 847 -11.38 -21.15 -12.63
C VAL D 847 -10.11 -21.98 -12.50
N ARG D 848 -8.98 -21.45 -12.99
CA ARG D 848 -7.75 -22.22 -12.95
C ARG D 848 -7.18 -22.33 -11.54
N ARG D 849 -7.35 -21.28 -10.72
CA ARG D 849 -6.81 -21.36 -9.36
C ARG D 849 -7.61 -22.34 -8.51
N ASN D 850 -8.95 -22.34 -8.64
CA ASN D 850 -9.76 -23.27 -7.86
C ASN D 850 -9.59 -24.70 -8.35
N TYR D 851 -9.76 -24.91 -9.66
CA TYR D 851 -9.72 -26.24 -10.25
C TYR D 851 -8.46 -26.41 -11.09
N GLY D 852 -8.38 -25.78 -12.25
CA GLY D 852 -7.16 -25.75 -13.02
C GLY D 852 -6.84 -27.04 -13.75
N ASP D 853 -5.65 -27.06 -14.33
CA ASP D 853 -5.12 -28.15 -15.17
C ASP D 853 -6.22 -28.79 -16.02
N MET D 854 -6.98 -27.93 -16.71
CA MET D 854 -8.04 -28.40 -17.59
C MET D 854 -8.29 -27.35 -18.67
N ASP D 855 -8.74 -27.82 -19.83
CA ASP D 855 -9.05 -26.92 -20.93
C ASP D 855 -10.36 -26.19 -20.67
N ILE D 856 -10.41 -24.91 -21.05
CA ILE D 856 -11.56 -24.05 -20.79
C ILE D 856 -12.19 -23.66 -22.11
N TYR D 857 -13.52 -23.62 -22.16
CA TYR D 857 -14.28 -23.21 -23.32
C TYR D 857 -15.32 -22.18 -22.91
N ILE D 858 -15.43 -21.11 -23.70
CA ILE D 858 -16.45 -20.09 -23.49
C ILE D 858 -17.64 -20.44 -24.38
N THR D 859 -18.71 -20.93 -23.76
CA THR D 859 -19.85 -21.48 -24.50
C THR D 859 -20.92 -20.45 -24.84
N ALA D 860 -20.92 -19.29 -24.18
CA ALA D 860 -21.91 -18.25 -24.47
C ALA D 860 -21.44 -16.94 -23.90
N SER D 861 -21.28 -15.92 -24.75
CA SER D 861 -20.85 -14.60 -24.31
C SER D 861 -21.30 -13.59 -25.37
N GLY D 862 -22.37 -12.86 -25.07
CA GLY D 862 -22.89 -11.88 -26.00
C GLY D 862 -23.60 -10.77 -25.26
N ILE D 863 -24.17 -9.84 -26.03
CA ILE D 863 -24.88 -8.69 -25.49
C ILE D 863 -26.06 -8.39 -26.40
N ASP D 864 -27.12 -7.83 -25.81
CA ASP D 864 -28.27 -7.38 -26.56
C ASP D 864 -28.07 -5.93 -26.99
N ASP D 865 -28.59 -5.60 -28.17
CA ASP D 865 -28.43 -4.28 -28.74
C ASP D 865 -29.73 -3.85 -29.41
N GLN D 866 -30.23 -2.67 -29.03
CA GLN D 866 -31.44 -2.16 -29.66
C GLN D 866 -31.23 -1.92 -31.15
N ALA D 867 -30.01 -1.55 -31.54
CA ALA D 867 -29.71 -1.38 -32.95
C ALA D 867 -29.76 -2.73 -33.68
N LEU D 868 -30.19 -2.69 -34.94
CA LEU D 868 -30.35 -3.89 -35.74
C LEU D 868 -29.55 -3.88 -37.03
N GLU D 869 -28.80 -2.83 -37.31
CA GLU D 869 -28.01 -2.75 -38.53
C GLU D 869 -26.57 -2.31 -38.28
N ASP D 870 -26.36 -1.28 -37.46
CA ASP D 870 -25.01 -0.82 -37.14
C ASP D 870 -24.77 -0.91 -35.64
N ASP D 871 -25.00 -2.08 -35.06
CA ASP D 871 -24.85 -2.29 -33.63
C ASP D 871 -23.42 -2.07 -33.18
N ARG D 872 -23.13 -0.90 -32.61
CA ARG D 872 -21.80 -0.60 -32.13
C ARG D 872 -21.54 -1.12 -30.72
N LEU D 873 -22.58 -1.19 -29.88
CA LEU D 873 -22.42 -1.79 -28.56
C LEU D 873 -21.93 -3.23 -28.67
N ARG D 874 -22.53 -4.00 -29.58
CA ARG D 874 -22.08 -5.38 -29.80
C ARG D 874 -20.63 -5.40 -30.27
N LYS D 875 -20.27 -4.50 -31.19
CA LYS D 875 -18.90 -4.44 -31.67
C LYS D 875 -17.94 -4.05 -30.55
N TYR D 876 -18.33 -3.06 -29.73
CA TYR D 876 -17.50 -2.68 -28.60
C TYR D 876 -17.49 -3.75 -27.52
N TYR D 877 -18.64 -4.38 -27.28
CA TYR D 877 -18.71 -5.48 -26.32
C TYR D 877 -17.78 -6.62 -26.71
N LEU D 878 -17.90 -7.11 -27.94
CA LEU D 878 -17.08 -8.24 -28.37
C LEU D 878 -15.61 -7.88 -28.38
N GLY D 879 -15.25 -6.76 -29.00
CA GLY D 879 -13.84 -6.39 -29.11
C GLY D 879 -13.18 -6.18 -27.77
N LYS D 880 -13.89 -5.56 -26.82
CA LYS D 880 -13.31 -5.31 -25.51
C LYS D 880 -13.17 -6.58 -24.70
N TYR D 881 -14.10 -7.52 -24.86
CA TYR D 881 -14.03 -8.77 -24.11
C TYR D 881 -12.94 -9.68 -24.66
N LEU D 882 -12.87 -9.84 -25.98
CA LEU D 882 -11.82 -10.64 -26.58
C LEU D 882 -10.44 -10.10 -26.25
N GLN D 883 -10.34 -8.80 -25.99
CA GLN D 883 -9.08 -8.22 -25.53
C GLN D 883 -8.70 -8.78 -24.16
N GLU D 884 -9.67 -8.91 -23.26
CA GLU D 884 -9.40 -9.50 -21.96
C GLU D 884 -9.24 -11.01 -22.04
N VAL D 885 -9.96 -11.66 -22.97
CA VAL D 885 -9.80 -13.10 -23.17
C VAL D 885 -8.39 -13.40 -23.69
N LEU D 886 -7.90 -12.61 -24.65
CA LEU D 886 -6.54 -12.79 -25.13
C LEU D 886 -5.52 -12.43 -24.07
N LYS D 887 -5.86 -11.50 -23.17
CA LYS D 887 -4.93 -11.09 -22.12
C LYS D 887 -4.68 -12.19 -21.11
N ALA D 888 -5.59 -13.15 -20.97
CA ALA D 888 -5.40 -14.23 -20.01
C ALA D 888 -4.50 -15.33 -20.56
N TYR D 889 -4.60 -15.60 -21.87
CA TYR D 889 -3.79 -16.66 -22.46
C TYR D 889 -2.31 -16.30 -22.49
N LEU D 890 -1.99 -15.11 -22.99
CA LEU D 890 -0.58 -14.73 -23.15
C LEU D 890 0.05 -14.34 -21.82
N ILE D 891 -0.68 -13.64 -20.96
CA ILE D 891 -0.12 -13.13 -19.71
C ILE D 891 -0.38 -14.11 -18.58
N ASP D 892 -1.66 -14.28 -18.22
CA ASP D 892 -2.00 -15.14 -17.08
C ASP D 892 -1.80 -16.63 -17.38
N LYS D 893 -1.64 -17.00 -18.65
CA LYS D 893 -1.38 -18.37 -19.06
C LYS D 893 -2.49 -19.31 -18.59
N VAL D 894 -3.63 -19.20 -19.27
CA VAL D 894 -4.80 -20.04 -19.03
C VAL D 894 -5.07 -20.87 -20.27
N ARG D 895 -5.44 -22.13 -20.07
CA ARG D 895 -5.75 -23.04 -21.17
C ARG D 895 -7.18 -22.77 -21.64
N ILE D 896 -7.34 -21.67 -22.36
CA ILE D 896 -8.61 -21.30 -22.98
C ILE D 896 -8.51 -21.61 -24.47
N LYS D 897 -9.54 -22.24 -25.02
CA LYS D 897 -9.49 -22.72 -26.40
C LYS D 897 -10.88 -22.70 -27.02
N GLY D 898 -11.53 -21.54 -27.02
CA GLY D 898 -12.82 -21.43 -27.66
C GLY D 898 -13.68 -20.29 -27.17
N TYR D 899 -14.30 -19.56 -28.11
CA TYR D 899 -15.24 -18.50 -27.80
C TYR D 899 -16.50 -18.71 -28.62
N TYR D 900 -17.65 -18.68 -27.97
CA TYR D 900 -18.94 -18.86 -28.61
C TYR D 900 -19.78 -17.60 -28.41
N ALA D 901 -20.18 -16.97 -29.50
CA ALA D 901 -21.03 -15.79 -29.43
C ALA D 901 -22.48 -16.22 -29.29
N PHE D 902 -23.17 -15.64 -28.30
CA PHE D 902 -24.53 -16.06 -27.99
C PHE D 902 -25.49 -15.58 -29.06
N LYS D 903 -26.36 -16.48 -29.51
CA LYS D 903 -27.45 -16.19 -30.44
C LYS D 903 -26.93 -15.73 -31.80
N LEU D 904 -26.87 -16.65 -32.77
CA LEU D 904 -26.57 -16.26 -34.14
C LEU D 904 -27.72 -15.49 -34.77
N ALA D 905 -28.93 -15.66 -34.27
CA ALA D 905 -30.10 -14.93 -34.75
C ALA D 905 -31.00 -14.61 -33.57
N GLU D 906 -31.91 -13.67 -33.78
CA GLU D 906 -32.85 -13.23 -32.76
C GLU D 906 -34.26 -13.62 -33.17
N GLU D 907 -35.22 -13.36 -32.27
CA GLU D 907 -36.63 -13.60 -32.52
C GLU D 907 -37.38 -12.27 -32.49
N LYS D 908 -38.64 -12.32 -32.94
CA LYS D 908 -39.44 -11.11 -33.06
C LYS D 908 -39.65 -10.46 -31.69
N SER D 909 -40.33 -11.16 -30.79
CA SER D 909 -40.61 -10.65 -29.45
C SER D 909 -39.64 -11.23 -28.43
N LYS D 910 -38.34 -10.99 -28.67
CA LYS D 910 -37.28 -11.50 -27.82
C LYS D 910 -36.17 -10.47 -27.73
N PRO D 911 -35.43 -10.43 -26.62
CA PRO D 911 -34.27 -9.55 -26.52
C PRO D 911 -33.23 -9.86 -27.59
N ARG D 912 -33.05 -8.92 -28.53
CA ARG D 912 -32.24 -9.16 -29.73
C ARG D 912 -30.77 -9.33 -29.34
N PHE D 913 -30.45 -10.52 -28.84
CA PHE D 913 -29.06 -10.92 -28.64
C PHE D 913 -28.41 -11.41 -29.92
N GLY D 914 -29.17 -11.52 -31.02
CA GLY D 914 -28.68 -12.19 -32.19
C GLY D 914 -27.83 -11.31 -33.08
N PHE D 915 -26.91 -11.96 -33.79
CA PHE D 915 -26.10 -11.30 -34.82
C PHE D 915 -26.89 -11.03 -36.08
N PHE D 916 -28.08 -11.64 -36.22
CA PHE D 916 -28.99 -11.37 -37.33
C PHE D 916 -30.34 -10.98 -36.76
N THR D 917 -31.10 -10.20 -37.53
CA THR D 917 -32.37 -9.66 -37.06
C THR D 917 -33.42 -10.77 -37.06
N SER D 918 -34.68 -10.38 -36.85
CA SER D 918 -35.77 -11.35 -36.81
C SER D 918 -35.95 -12.01 -38.17
N ASP D 919 -35.87 -11.24 -39.26
CA ASP D 919 -36.00 -11.76 -40.61
C ASP D 919 -34.67 -12.23 -41.18
N PHE D 920 -33.72 -12.60 -40.32
CA PHE D 920 -32.41 -13.12 -40.73
C PHE D 920 -31.67 -12.12 -41.61
N LYS D 921 -31.58 -10.88 -41.13
CA LYS D 921 -30.83 -9.82 -41.80
C LYS D 921 -29.54 -9.57 -41.04
N ALA D 922 -28.43 -9.55 -41.77
CA ALA D 922 -27.13 -9.42 -41.14
C ALA D 922 -26.94 -8.03 -40.52
N LYS D 923 -26.08 -7.98 -39.51
CA LYS D 923 -25.73 -6.74 -38.84
C LYS D 923 -24.24 -6.47 -39.05
N SER D 924 -23.82 -5.25 -38.68
CA SER D 924 -22.40 -4.92 -38.72
C SER D 924 -21.61 -5.75 -37.72
N SER D 925 -22.27 -6.28 -36.69
CA SER D 925 -21.58 -7.14 -35.73
C SER D 925 -21.21 -8.47 -36.35
N ILE D 926 -22.06 -9.01 -37.23
CA ILE D 926 -21.78 -10.29 -37.86
C ILE D 926 -20.59 -10.23 -38.80
N GLN D 927 -20.18 -9.03 -39.20
CA GLN D 927 -18.99 -8.84 -40.03
C GLN D 927 -17.76 -8.49 -39.21
N PHE D 928 -17.94 -7.84 -38.06
CA PHE D 928 -16.81 -7.54 -37.18
C PHE D 928 -16.21 -8.82 -36.62
N TYR D 929 -17.05 -9.82 -36.34
CA TYR D 929 -16.56 -11.09 -35.81
C TYR D 929 -15.56 -11.73 -36.75
N ASN D 930 -15.77 -11.59 -38.06
CA ASN D 930 -14.84 -12.17 -39.03
C ASN D 930 -13.46 -11.53 -38.93
N LYS D 931 -13.39 -10.23 -38.61
CA LYS D 931 -12.10 -9.56 -38.51
C LYS D 931 -11.28 -10.10 -37.35
N VAL D 932 -11.91 -10.34 -36.20
CA VAL D 932 -11.18 -10.89 -35.06
C VAL D 932 -10.79 -12.34 -35.31
N ILE D 933 -11.61 -13.09 -36.05
CA ILE D 933 -11.29 -14.48 -36.33
C ILE D 933 -10.21 -14.59 -37.38
N SER D 934 -10.30 -13.77 -38.44
CA SER D 934 -9.33 -13.84 -39.53
C SER D 934 -7.92 -13.51 -39.04
N SER D 935 -7.80 -12.52 -38.17
CA SER D 935 -6.51 -12.16 -37.59
C SER D 935 -6.14 -13.01 -36.38
N ARG D 936 -7.00 -13.95 -35.99
CA ARG D 936 -6.76 -14.84 -34.85
C ARG D 936 -6.53 -14.05 -33.56
N GLY D 937 -7.13 -12.87 -33.46
CA GLY D 937 -6.96 -12.03 -32.30
C GLY D 937 -6.60 -10.60 -32.64
N PHE D 938 -5.50 -10.09 -32.06
CA PHE D 938 -5.04 -8.74 -32.31
C PHE D 938 -3.54 -8.75 -32.50
N PRO D 939 -3.07 -8.89 -33.75
CA PRO D 939 -1.62 -8.89 -34.03
C PRO D 939 -1.00 -7.50 -33.95
N GLN E 1 -13.57 -26.79 3.60
CA GLN E 1 -12.45 -27.46 2.94
C GLN E 1 -11.19 -26.61 2.99
N VAL E 2 -10.80 -26.20 4.20
CA VAL E 2 -9.64 -25.36 4.42
C VAL E 2 -8.81 -25.96 5.55
N GLN E 3 -7.63 -25.38 5.76
CA GLN E 3 -6.73 -25.80 6.82
C GLN E 3 -5.97 -24.59 7.34
N LEU E 4 -5.63 -24.62 8.62
CA LEU E 4 -4.95 -23.51 9.28
C LEU E 4 -3.64 -24.00 9.89
N VAL E 5 -2.62 -23.15 9.83
CA VAL E 5 -1.29 -23.45 10.37
C VAL E 5 -0.92 -22.29 11.27
N GLU E 6 -1.27 -22.40 12.55
CA GLU E 6 -0.96 -21.34 13.52
C GLU E 6 0.54 -21.31 13.83
N SER E 7 1.28 -20.51 13.06
CA SER E 7 2.73 -20.43 13.22
C SER E 7 3.08 -19.37 14.25
N GLY E 8 4.00 -19.72 15.15
CA GLY E 8 4.43 -18.79 16.18
C GLY E 8 5.23 -19.51 17.24
N GLY E 9 5.88 -18.72 18.07
CA GLY E 9 6.67 -19.24 19.17
C GLY E 9 6.61 -18.35 20.39
N GLY E 10 6.25 -18.92 21.54
CA GLY E 10 6.04 -18.12 22.74
C GLY E 10 7.03 -18.35 23.85
N LEU E 11 7.92 -17.37 24.06
CA LEU E 11 8.88 -17.39 25.14
C LEU E 11 9.53 -16.02 25.29
N VAL E 12 8.85 -15.09 25.95
CA VAL E 12 9.34 -13.74 26.13
C VAL E 12 9.06 -13.29 27.56
N GLN E 13 9.88 -12.37 28.06
CA GLN E 13 9.67 -11.80 29.37
C GLN E 13 8.60 -10.70 29.28
N ALA E 14 8.33 -10.06 30.43
CA ALA E 14 7.28 -9.05 30.49
C ALA E 14 7.57 -7.89 29.55
N GLY E 15 6.51 -7.33 28.99
CA GLY E 15 6.65 -6.26 28.02
C GLY E 15 7.11 -6.72 26.65
N GLY E 16 6.91 -7.98 26.31
CA GLY E 16 7.38 -8.53 25.06
C GLY E 16 6.52 -8.09 23.88
N SER E 17 6.89 -8.63 22.71
CA SER E 17 6.20 -8.31 21.47
C SER E 17 6.41 -9.46 20.50
N LEU E 18 5.33 -10.14 20.13
CA LEU E 18 5.40 -11.31 19.28
C LEU E 18 4.51 -11.13 18.05
N ARG E 19 4.84 -11.88 17.00
CA ARG E 19 4.19 -11.77 15.70
C ARG E 19 3.70 -13.16 15.29
N LEU E 20 2.43 -13.45 15.59
CA LEU E 20 1.83 -14.73 15.23
C LEU E 20 1.26 -14.69 13.83
N SER E 21 1.37 -15.82 13.13
CA SER E 21 0.80 -16.00 11.80
C SER E 21 -0.19 -17.15 11.83
N CYS E 22 -0.88 -17.34 10.70
CA CYS E 22 -1.90 -18.40 10.61
C CYS E 22 -2.16 -18.66 9.12
N ALA E 23 -1.40 -19.59 8.55
CA ALA E 23 -1.48 -19.87 7.12
C ALA E 23 -2.84 -20.45 6.75
N ALA E 24 -3.56 -19.76 5.88
CA ALA E 24 -4.78 -20.28 5.30
C ALA E 24 -4.46 -21.14 4.09
N SER E 25 -5.27 -22.16 3.87
CA SER E 25 -4.89 -23.19 2.90
C SER E 25 -5.85 -23.30 1.72
N GLY E 26 -6.96 -23.99 1.89
CA GLY E 26 -7.72 -24.53 0.77
C GLY E 26 -9.11 -23.93 0.59
N ARG E 27 -9.47 -23.69 -0.67
CA ARG E 27 -10.85 -23.56 -1.13
C ARG E 27 -11.62 -22.39 -0.50
N ALA E 28 -11.62 -21.25 -1.20
CA ALA E 28 -12.52 -20.14 -0.90
C ALA E 28 -12.35 -19.63 0.53
N ILE E 29 -11.10 -19.38 0.93
CA ILE E 29 -10.85 -18.79 2.23
C ILE E 29 -11.28 -17.33 2.28
N ARG E 30 -11.46 -16.69 1.12
CA ARG E 30 -11.89 -15.30 1.09
C ARG E 30 -13.36 -15.14 1.47
N SER E 31 -14.13 -16.22 1.48
CA SER E 31 -15.50 -16.20 1.98
C SER E 31 -15.58 -16.45 3.47
N TYR E 32 -14.49 -16.90 4.09
CA TYR E 32 -14.40 -17.11 5.52
C TYR E 32 -13.83 -15.87 6.20
N PHE E 33 -13.93 -15.83 7.53
CA PHE E 33 -13.35 -14.76 8.31
C PHE E 33 -12.55 -15.37 9.46
N MET E 34 -11.32 -14.89 9.63
CA MET E 34 -10.39 -15.46 10.60
C MET E 34 -10.68 -14.92 12.00
N ALA E 35 -10.07 -15.55 12.99
CA ALA E 35 -10.21 -15.14 14.38
C ALA E 35 -9.05 -15.73 15.18
N TRP E 36 -8.96 -15.30 16.44
CA TRP E 36 -7.93 -15.80 17.34
C TRP E 36 -8.56 -16.09 18.70
N PHE E 37 -8.14 -17.20 19.30
CA PHE E 37 -8.68 -17.66 20.57
C PHE E 37 -7.55 -18.10 21.48
N ARG E 38 -7.71 -17.85 22.78
CA ARG E 38 -6.70 -18.25 23.76
C ARG E 38 -7.23 -19.33 24.69
N ARG E 45 -11.79 -22.33 26.42
CA ARG E 45 -11.27 -21.36 25.46
C ARG E 45 -11.69 -19.95 25.85
N GLU E 46 -11.33 -18.98 25.00
CA GLU E 46 -11.66 -17.58 25.21
C GLU E 46 -11.43 -16.83 23.91
N PHE E 47 -12.07 -15.68 23.78
CA PHE E 47 -11.98 -14.88 22.57
C PHE E 47 -10.87 -13.86 22.69
N VAL E 48 -10.09 -13.72 21.62
CA VAL E 48 -8.98 -12.77 21.57
C VAL E 48 -9.32 -11.66 20.58
N ALA E 49 -9.25 -11.99 19.29
CA ALA E 49 -9.52 -11.03 18.24
C ALA E 49 -10.10 -11.75 17.04
N ALA E 50 -10.54 -10.96 16.05
CA ALA E 50 -11.10 -11.51 14.83
C ALA E 50 -11.14 -10.42 13.77
N VAL E 51 -11.03 -10.84 12.51
CA VAL E 51 -11.18 -9.94 11.38
C VAL E 51 -12.14 -10.58 10.39
N GLU E 52 -13.01 -9.76 9.80
CA GLU E 52 -13.73 -10.12 8.60
C GLU E 52 -12.98 -9.50 7.43
N TYR E 53 -12.51 -10.32 6.50
CA TYR E 53 -11.66 -9.87 5.41
C TYR E 53 -10.50 -9.00 5.91
N ILE E 54 -10.56 -7.67 5.73
CA ILE E 54 -9.38 -6.83 5.88
C ILE E 54 -9.58 -5.70 6.89
N PHE E 55 -10.73 -5.03 6.89
CA PHE E 55 -10.94 -3.79 7.66
C PHE E 55 -11.54 -4.05 9.04
N ASN E 56 -12.79 -4.53 9.10
CA ASN E 56 -13.49 -4.80 10.35
C ASN E 56 -12.65 -5.67 11.28
N THR E 57 -12.12 -5.08 12.34
CA THR E 57 -11.38 -5.79 13.37
C THR E 57 -12.15 -5.69 14.67
N TYR E 58 -12.19 -6.80 15.42
CA TYR E 58 -12.91 -6.87 16.67
C TYR E 58 -11.96 -7.42 17.73
N TYR E 59 -11.87 -6.72 18.86
CA TYR E 59 -10.94 -7.08 19.92
C TYR E 59 -11.70 -7.21 21.24
N ALA E 60 -11.02 -7.77 22.24
CA ALA E 60 -11.60 -7.95 23.56
C ALA E 60 -11.06 -6.93 24.55
N VAL E 63 -7.96 -6.53 26.50
CA VAL E 63 -7.08 -7.09 25.48
C VAL E 63 -6.93 -6.13 24.32
N LYS E 64 -7.91 -5.25 24.15
CA LYS E 64 -7.86 -4.27 23.08
C LYS E 64 -6.79 -3.21 23.37
N GLY E 65 -6.31 -2.58 22.30
CA GLY E 65 -5.26 -1.60 22.39
C GLY E 65 -3.86 -2.17 22.45
N ARG E 66 -3.70 -3.43 22.82
CA ARG E 66 -2.39 -4.08 22.86
C ARG E 66 -2.19 -5.05 21.71
N PHE E 67 -3.27 -5.61 21.15
CA PHE E 67 -3.19 -6.52 20.03
C PHE E 67 -3.67 -5.83 18.77
N THR E 68 -3.19 -6.32 17.63
CA THR E 68 -3.56 -5.77 16.32
C THR E 68 -3.74 -6.95 15.36
N ILE E 69 -4.99 -7.26 15.04
CA ILE E 69 -5.30 -8.38 14.15
C ILE E 69 -5.36 -7.86 12.72
N SER E 70 -4.46 -8.36 11.88
CA SER E 70 -4.42 -8.01 10.46
C SER E 70 -4.63 -9.26 9.62
N ARG E 71 -4.83 -9.04 8.32
CA ARG E 71 -5.03 -10.15 7.39
C ARG E 71 -4.58 -9.72 6.01
N ASP E 72 -3.62 -10.46 5.45
CA ASP E 72 -3.07 -10.16 4.12
C ASP E 72 -3.69 -11.13 3.12
N ASN E 73 -4.90 -10.78 2.68
CA ASN E 73 -5.72 -11.67 1.85
C ASN E 73 -5.07 -12.01 0.51
N ALA E 74 -3.91 -11.40 0.21
CA ALA E 74 -3.16 -11.79 -0.98
C ALA E 74 -2.42 -13.11 -0.74
N LYS E 75 -1.50 -13.12 0.24
CA LYS E 75 -0.80 -14.32 0.63
C LYS E 75 -1.47 -15.04 1.80
N ASN E 76 -2.77 -14.78 2.02
CA ASN E 76 -3.50 -15.32 3.16
C ASN E 76 -2.77 -15.01 4.45
N THR E 77 -2.76 -15.96 5.39
CA THR E 77 -2.01 -15.85 6.64
C THR E 77 -2.41 -14.61 7.43
N VAL E 78 -3.45 -14.73 8.24
CA VAL E 78 -3.86 -13.63 9.11
C VAL E 78 -2.83 -13.46 10.21
N PHE E 79 -2.54 -12.21 10.57
CA PHE E 79 -1.53 -11.90 11.56
C PHE E 79 -2.18 -11.64 12.91
N LEU E 80 -1.32 -11.40 13.92
CA LEU E 80 -1.75 -10.94 15.24
C LEU E 80 -0.59 -10.32 16.00
N GLN E 81 -0.40 -9.02 15.88
CA GLN E 81 0.69 -8.32 16.57
C GLN E 81 0.34 -8.15 18.04
N MET E 82 1.14 -8.75 18.92
CA MET E 82 0.89 -8.70 20.36
C MET E 82 1.97 -7.83 21.00
N ASN E 83 1.71 -6.54 21.09
CA ASN E 83 2.62 -5.60 21.73
C ASN E 83 2.25 -5.43 23.20
N SER E 84 3.26 -5.19 24.02
CA SER E 84 3.10 -5.06 25.47
C SER E 84 2.42 -6.29 26.05
N LEU E 85 3.04 -7.44 25.81
CA LEU E 85 2.48 -8.72 26.22
C LEU E 85 2.42 -8.82 27.73
N LYS E 86 1.22 -9.03 28.27
CA LYS E 86 1.00 -9.19 29.71
C LYS E 86 1.22 -10.64 30.12
N PRO E 87 1.66 -10.87 31.35
CA PRO E 87 1.87 -12.25 31.80
C PRO E 87 0.57 -13.06 31.88
N GLU E 88 -0.56 -12.40 32.11
CA GLU E 88 -1.84 -13.10 32.12
C GLU E 88 -2.24 -13.57 30.72
N ASP E 89 -1.60 -13.04 29.68
CA ASP E 89 -1.86 -13.45 28.30
C ASP E 89 -0.99 -14.63 27.88
N THR E 90 -0.53 -15.44 28.82
CA THR E 90 0.34 -16.58 28.54
C THR E 90 -0.51 -17.84 28.50
N ALA E 91 -0.83 -18.29 27.29
CA ALA E 91 -1.61 -19.50 27.07
C ALA E 91 -1.43 -19.93 25.62
N VAL E 92 -2.17 -20.96 25.22
CA VAL E 92 -2.14 -21.41 23.83
C VAL E 92 -3.06 -20.54 23.00
N TYR E 93 -2.55 -20.03 21.88
CA TYR E 93 -3.30 -19.16 21.00
C TYR E 93 -3.72 -19.92 19.75
N TYR E 94 -5.02 -20.00 19.52
CA TYR E 94 -5.58 -20.76 18.42
C TYR E 94 -6.13 -19.83 17.34
N CYS E 95 -6.03 -20.28 16.09
CA CYS E 95 -6.54 -19.56 14.94
C CYS E 95 -7.76 -20.28 14.40
N ALA E 96 -8.81 -19.51 14.09
CA ALA E 96 -10.09 -20.07 13.68
C ALA E 96 -10.56 -19.42 12.39
N ALA E 97 -11.70 -19.90 11.89
CA ALA E 97 -12.28 -19.37 10.66
C ALA E 97 -13.78 -19.66 10.67
N GLY E 98 -14.59 -18.61 10.71
CA GLY E 98 -16.03 -18.74 10.64
C GLY E 98 -16.53 -18.76 9.21
N VAL E 99 -17.86 -18.77 9.07
CA VAL E 99 -18.48 -18.88 7.77
C VAL E 99 -19.68 -17.94 7.69
N GLY E 100 -19.98 -17.49 6.46
CA GLY E 100 -21.24 -16.84 6.21
C GLY E 100 -21.24 -15.38 6.60
N ALA E 101 -22.25 -14.99 7.38
CA ALA E 101 -22.47 -13.60 7.75
C ALA E 101 -22.11 -13.38 9.23
N SER E 102 -21.99 -12.10 9.58
CA SER E 102 -21.73 -11.67 10.95
C SER E 102 -20.42 -12.25 11.50
N VAL E 103 -20.20 -12.07 12.80
CA VAL E 103 -19.02 -12.58 13.49
C VAL E 103 -19.24 -12.45 14.98
N SER E 104 -19.44 -13.56 15.66
CA SER E 104 -19.70 -13.56 17.09
C SER E 104 -18.45 -13.98 17.86
N VAL E 105 -18.45 -13.70 19.17
CA VAL E 105 -17.34 -14.10 20.02
C VAL E 105 -17.47 -15.54 20.50
N SER E 106 -18.60 -16.18 20.25
CA SER E 106 -18.81 -17.55 20.69
C SER E 106 -18.05 -18.53 19.81
N GLU E 107 -17.74 -19.69 20.38
CA GLU E 107 -16.96 -20.72 19.69
C GLU E 107 -17.76 -21.45 18.62
N SER E 108 -19.08 -21.39 18.66
CA SER E 108 -19.90 -22.24 17.81
C SER E 108 -19.86 -21.81 16.34
N TRP E 109 -19.61 -20.54 16.06
CA TRP E 109 -19.69 -20.02 14.70
C TRP E 109 -18.40 -20.17 13.92
N TYR E 110 -17.35 -20.74 14.50
CA TYR E 110 -16.07 -20.93 13.84
C TYR E 110 -15.88 -22.41 13.56
N ASN E 111 -15.90 -22.77 12.27
CA ASN E 111 -15.94 -24.18 11.89
C ASN E 111 -14.55 -24.81 11.85
N TYR E 112 -13.55 -24.06 11.39
CA TYR E 112 -12.21 -24.60 11.20
C TYR E 112 -11.26 -24.03 12.24
N TRP E 113 -10.37 -24.89 12.76
CA TRP E 113 -9.38 -24.51 13.75
C TRP E 113 -8.01 -25.03 13.30
N GLY E 114 -6.97 -24.67 14.05
CA GLY E 114 -5.62 -25.03 13.67
C GLY E 114 -4.85 -25.75 14.76
N GLN E 115 -3.53 -25.78 14.61
CA GLN E 115 -2.66 -26.44 15.57
C GLN E 115 -2.67 -25.72 16.91
N GLY E 116 -2.13 -24.50 16.94
CA GLY E 116 -2.09 -23.72 18.16
C GLY E 116 -0.69 -23.41 18.64
N THR E 117 -0.28 -22.15 18.52
CA THR E 117 1.05 -21.73 18.95
C THR E 117 1.05 -21.45 20.44
N GLN E 118 2.10 -21.93 21.12
CA GLN E 118 2.24 -21.69 22.55
C GLN E 118 2.78 -20.29 22.80
N VAL E 119 2.38 -19.72 23.94
CA VAL E 119 2.80 -18.39 24.36
C VAL E 119 3.01 -18.39 25.87
N THR E 120 4.18 -17.96 26.30
CA THR E 120 4.49 -17.88 27.72
C THR E 120 5.19 -16.56 28.01
N VAL E 121 4.64 -15.80 28.96
CA VAL E 121 5.20 -14.50 29.33
C VAL E 121 5.66 -14.50 30.78
N PRO F 25 -38.84 6.18 -13.60
CA PRO F 25 -39.62 6.85 -12.54
C PRO F 25 -38.78 7.09 -11.29
N LEU F 26 -37.98 8.16 -11.30
CA LEU F 26 -37.08 8.44 -10.18
C LEU F 26 -37.87 8.68 -8.90
N GLU F 27 -37.61 7.86 -7.89
CA GLU F 27 -38.25 7.99 -6.59
C GLU F 27 -37.35 8.84 -5.71
N THR F 28 -37.54 10.16 -5.80
CA THR F 28 -36.67 11.09 -5.10
C THR F 28 -36.94 11.15 -3.60
N ASP F 29 -37.96 10.46 -3.10
CA ASP F 29 -38.23 10.41 -1.67
C ASP F 29 -37.49 9.28 -0.96
N SER F 30 -36.78 8.44 -1.70
CA SER F 30 -36.01 7.34 -1.14
C SER F 30 -34.53 7.54 -1.40
N MET F 31 -33.71 6.78 -0.67
CA MET F 31 -32.26 6.95 -0.76
C MET F 31 -31.67 6.38 -2.04
N ASP F 32 -32.43 5.54 -2.77
CA ASP F 32 -31.99 4.93 -4.01
C ASP F 32 -32.93 5.35 -5.13
N PRO F 33 -32.76 6.57 -5.66
CA PRO F 33 -33.72 7.06 -6.67
C PRO F 33 -33.59 6.42 -8.03
N PHE F 34 -32.44 5.83 -8.36
CA PHE F 34 -32.23 5.24 -9.68
C PHE F 34 -32.54 3.75 -9.73
N GLY F 35 -32.98 3.14 -8.62
CA GLY F 35 -33.21 1.72 -8.60
C GLY F 35 -31.93 0.94 -8.80
N LEU F 36 -30.89 1.30 -8.04
CA LEU F 36 -29.59 0.67 -8.25
C LEU F 36 -29.47 -0.64 -7.50
N VAL F 37 -30.07 -0.73 -6.32
CA VAL F 37 -30.01 -1.95 -5.51
C VAL F 37 -31.09 -2.90 -5.99
N THR F 38 -30.66 -3.98 -6.66
CA THR F 38 -31.56 -5.03 -7.14
C THR F 38 -32.70 -4.49 -7.99
N VAL F 43 -32.81 -9.23 -14.00
CA VAL F 43 -32.89 -10.10 -12.82
C VAL F 43 -33.01 -11.54 -13.20
N ARG F 44 -32.98 -11.79 -14.51
CA ARG F 44 -33.13 -13.12 -15.08
C ARG F 44 -31.84 -13.52 -15.79
N SER F 45 -31.93 -14.40 -16.77
CA SER F 45 -30.77 -14.86 -17.56
C SER F 45 -30.99 -14.61 -19.05
N PRO F 46 -29.93 -14.30 -19.81
CA PRO F 46 -30.11 -14.04 -21.25
C PRO F 46 -30.61 -15.25 -22.02
N SER F 47 -30.53 -16.45 -21.46
CA SER F 47 -31.02 -17.64 -22.14
C SER F 47 -31.90 -18.48 -21.22
#